data_4P7H
#
_entry.id   4P7H
#
_cell.length_a   59.690
_cell.length_b   97.730
_cell.length_c   118.610
_cell.angle_alpha   71.06
_cell.angle_beta   82.67
_cell.angle_gamma   75.08
#
_symmetry.space_group_name_H-M   'P 1'
#
loop_
_entity.id
_entity.type
_entity.pdbx_description
1 polymer 'Myosin-7,Green fluorescent protein'
2 non-polymer 'SULFATE ION'
3 water water
#
_entity_poly.entity_id   1
_entity_poly.type   'polypeptide(L)'
_entity_poly.pdbx_seq_one_letter_code
;MGDSEMAVFGAAAPYLRKSEKERLEAQTRPFDLKKDVFVPDDKQEFVKAKIVSREGGKVTAETEYGKTVTVKEDQVMQQN
PPKFDKIEDMAMLTFLHEPAVLYNLKDRYGSWMIYTYSGLFCVTVNPYKWLPVYTPEVVAAYRGKKRSEAPPHIFSISDN
AYQYMLTDRENQSILITGESGAGKTVNTKRVIQYFAVIAAIGDRSKKDQSPGKGTLEDQIIQANPALEAFGNAKTVRNDN
SSRFGKFIRIHFGATGKLASADIETYLLEKSRVIFQLKAERDYHIFYQILSNKKPELLDMLLITNNPYDYAFISQGETTV
ASIDDAEELMATDNAFDVLGFTSEEKNSMYKLTGAIMHFGNMKFKLKQREEQAEPDGTEEADKSAYLMGLNSADLLKGLC
HPRVKVGNEYVTKGQNVQQVIYATGALAKAVYERMFNWMVTRINATLETKQPRQYFIGVLDIAGFEIFDFNSFEQLCINF
TNEKLQQFFNHHMFVLEQEEYKKEGIEWTFIDFGMDLQACIDLIEKPMGIMSILEEECMFPKATDMTFKAKLFDNHLGKS
ANFQKPRNIKGKPEAHFSLIHYAGIVDYNIIGWLQKNKDPLNETVVGLYQKSSLKLLSTLFANYAGADAPIEKGKGKAKK
GSSFQTVSALHRENLNKLMTNLRSTHPHFVRCIIPNETKSPGVMDNPLVMHQLRCNGVLEGIRICRKGFPNRILYGDFRQ
RYRILNPAAIPEGQFIDSRKGAEKLLSSLDIDHNQYKFGHTKVFFKAGLLGLLEEMRDERLSRIITRTQAAEELFTGVVP
ILVELDGDVNGHKFSVSGEGEGDATYGKLTLKFICTTGKLPVPWPTLVTTF(CRO)VQCFSRYPDHMKRHDFFKSAMPEG
YVQERTIFFNDDGNYKTRAEVKFEGDTLVNRIELKGIDFKEDGNILGHKLEYNYNSHNVYIMADKQKNGIKANFKTRHNI
EDGGVQLADHYQQNTPIGNGPVLLPDNHYLSTQSALSKDPNEKRDHMVLLEFVTAAGITHGMDELYK
;
_entity_poly.pdbx_strand_id   A,B
#
# COMPACT_ATOMS: atom_id res chain seq x y z
N ASP A 3 -0.51 -49.66 15.66
CA ASP A 3 0.41 -48.66 16.17
C ASP A 3 1.62 -49.31 16.85
N SER A 4 2.07 -50.43 16.29
CA SER A 4 3.23 -51.14 16.83
C SER A 4 4.52 -50.42 16.47
N GLU A 5 4.43 -49.45 15.57
CA GLU A 5 5.59 -48.68 15.15
C GLU A 5 6.01 -47.69 16.23
N MET A 6 5.05 -47.28 17.05
CA MET A 6 5.32 -46.33 18.12
C MET A 6 5.86 -47.01 19.37
N ALA A 7 6.08 -48.33 19.28
CA ALA A 7 6.58 -49.10 20.41
C ALA A 7 8.06 -48.80 20.66
N VAL A 8 8.78 -48.46 19.60
CA VAL A 8 10.21 -48.21 19.70
C VAL A 8 10.51 -46.83 20.27
N PHE A 9 9.47 -46.02 20.44
CA PHE A 9 9.63 -44.67 20.98
C PHE A 9 9.40 -44.66 22.49
N GLY A 10 8.79 -45.71 23.00
CA GLY A 10 8.57 -45.85 24.42
C GLY A 10 7.63 -44.81 25.01
N ALA A 11 8.11 -44.08 26.01
CA ALA A 11 7.29 -43.11 26.73
C ALA A 11 7.14 -41.80 25.97
N ALA A 12 7.80 -41.71 24.81
CA ALA A 12 7.71 -40.51 23.99
C ALA A 12 6.59 -40.63 22.97
N ALA A 13 5.98 -41.81 22.91
CA ALA A 13 4.92 -42.10 21.96
C ALA A 13 3.70 -41.17 22.07
N PRO A 14 3.17 -40.97 23.29
CA PRO A 14 1.96 -40.13 23.34
C PRO A 14 2.23 -38.65 23.07
N TYR A 15 3.50 -38.26 23.08
CA TYR A 15 3.87 -36.87 22.81
C TYR A 15 4.34 -36.68 21.37
N LEU A 16 4.33 -37.78 20.60
CA LEU A 16 4.76 -37.73 19.21
C LEU A 16 3.61 -38.10 18.26
N ARG A 17 2.80 -39.07 18.67
CA ARG A 17 1.67 -39.52 17.85
C ARG A 17 0.64 -40.27 18.69
N LYS A 18 -0.62 -39.90 18.55
CA LYS A 18 -1.69 -40.53 19.30
C LYS A 18 -1.94 -41.95 18.81
N SER A 19 -2.47 -42.80 19.69
CA SER A 19 -2.73 -44.19 19.36
C SER A 19 -3.82 -44.33 18.30
N GLU A 20 -3.82 -45.45 17.59
CA GLU A 20 -4.83 -45.72 16.58
C GLU A 20 -6.22 -45.79 17.20
N LYS A 21 -6.26 -46.08 18.49
CA LYS A 21 -7.51 -46.09 19.24
C LYS A 21 -8.03 -44.68 19.45
N GLU A 22 -7.15 -43.80 19.94
CA GLU A 22 -7.53 -42.42 20.21
C GLU A 22 -7.75 -41.63 18.93
N ARG A 23 -6.99 -41.96 17.89
CA ARG A 23 -7.11 -41.26 16.62
C ARG A 23 -8.42 -41.58 15.92
N LEU A 24 -8.73 -42.87 15.79
CA LEU A 24 -9.93 -43.32 15.08
C LEU A 24 -11.21 -42.80 15.73
N GLU A 25 -11.16 -42.55 17.03
CA GLU A 25 -12.29 -41.96 17.73
C GLU A 25 -12.49 -40.51 17.33
N ALA A 26 -11.42 -39.87 16.86
CA ALA A 26 -11.48 -38.49 16.41
C ALA A 26 -11.71 -38.41 14.91
N GLN A 27 -11.38 -39.48 14.19
CA GLN A 27 -11.60 -39.55 12.75
C GLN A 27 -13.09 -39.63 12.44
N THR A 28 -13.86 -40.15 13.40
CA THR A 28 -15.30 -40.30 13.24
C THR A 28 -16.06 -39.56 14.34
N ARG A 29 -16.06 -38.24 14.26
CA ARG A 29 -16.76 -37.40 15.22
C ARG A 29 -17.85 -36.59 14.51
N PRO A 30 -18.88 -36.14 15.24
CA PRO A 30 -19.96 -35.35 14.65
C PRO A 30 -19.46 -34.10 13.93
N PHE A 31 -19.57 -34.11 12.60
CA PHE A 31 -19.13 -32.99 11.78
C PHE A 31 -19.92 -32.93 10.48
N ASP A 32 -20.40 -31.74 10.13
CA ASP A 32 -21.14 -31.55 8.89
C ASP A 32 -20.58 -30.38 8.08
N LEU A 33 -20.47 -30.57 6.77
CA LEU A 33 -19.99 -29.53 5.88
C LEU A 33 -21.01 -28.39 5.82
N LYS A 34 -20.57 -27.25 5.28
CA LYS A 34 -21.41 -26.06 5.07
C LYS A 34 -22.17 -25.58 6.32
N LYS A 35 -21.84 -26.15 7.48
CA LYS A 35 -22.41 -25.68 8.74
C LYS A 35 -21.28 -25.32 9.70
N ASP A 36 -20.49 -26.32 10.09
CA ASP A 36 -19.32 -26.08 10.93
C ASP A 36 -18.20 -25.45 10.10
N VAL A 37 -18.08 -24.12 10.20
CA VAL A 37 -17.10 -23.38 9.40
C VAL A 37 -16.30 -22.40 10.24
N PHE A 38 -15.34 -21.73 9.59
CA PHE A 38 -14.54 -20.70 10.25
C PHE A 38 -15.06 -19.31 9.90
N VAL A 39 -15.17 -18.46 10.92
CA VAL A 39 -15.56 -17.06 10.72
C VAL A 39 -14.62 -16.14 11.49
N PRO A 40 -14.32 -14.96 10.92
CA PRO A 40 -13.43 -14.00 11.58
C PRO A 40 -14.09 -13.34 12.79
N ASP A 41 -13.41 -13.36 13.92
CA ASP A 41 -13.91 -12.72 15.13
C ASP A 41 -13.22 -11.37 15.30
N ASP A 42 -13.73 -10.56 16.23
CA ASP A 42 -13.18 -9.22 16.46
C ASP A 42 -12.00 -9.28 17.42
N LYS A 43 -12.00 -10.28 18.30
CA LYS A 43 -10.93 -10.44 19.29
C LYS A 43 -9.95 -11.52 18.90
N GLN A 44 -10.46 -12.74 18.70
CA GLN A 44 -9.61 -13.88 18.40
C GLN A 44 -9.30 -13.99 16.91
N GLU A 45 -9.87 -13.07 16.13
CA GLU A 45 -9.63 -12.95 14.69
C GLU A 45 -10.12 -14.15 13.87
N PHE A 46 -10.20 -15.32 14.50
CA PHE A 46 -10.75 -16.51 13.86
C PHE A 46 -11.38 -17.44 14.90
N VAL A 47 -12.63 -17.84 14.66
CA VAL A 47 -13.34 -18.73 15.57
C VAL A 47 -14.18 -19.75 14.80
N LYS A 48 -14.40 -20.91 15.41
CA LYS A 48 -15.28 -21.92 14.84
C LYS A 48 -16.74 -21.52 15.07
N ALA A 49 -17.59 -21.79 14.09
CA ALA A 49 -19.00 -21.45 14.19
C ALA A 49 -19.88 -22.38 13.37
N LYS A 50 -21.16 -22.44 13.73
CA LYS A 50 -22.12 -23.26 13.00
C LYS A 50 -23.17 -22.38 12.33
N ILE A 51 -23.25 -22.48 11.00
CA ILE A 51 -24.15 -21.64 10.22
C ILE A 51 -25.62 -21.92 10.54
N VAL A 52 -26.34 -20.88 10.91
CA VAL A 52 -27.76 -21.00 11.22
C VAL A 52 -28.62 -20.71 9.99
N SER A 53 -28.58 -19.47 9.52
CA SER A 53 -29.37 -19.07 8.36
C SER A 53 -28.60 -18.12 7.45
N ARG A 54 -28.33 -18.59 6.23
CA ARG A 54 -27.63 -17.77 5.23
C ARG A 54 -28.60 -17.28 4.16
N GLU A 55 -28.73 -15.96 4.06
CA GLU A 55 -29.66 -15.36 3.10
C GLU A 55 -29.35 -13.89 2.86
N GLY A 56 -29.50 -13.46 1.60
CA GLY A 56 -29.27 -12.08 1.24
C GLY A 56 -27.80 -11.73 1.13
N GLY A 57 -26.97 -12.75 0.97
CA GLY A 57 -25.54 -12.57 0.87
C GLY A 57 -24.87 -12.49 2.23
N LYS A 58 -25.68 -12.52 3.28
CA LYS A 58 -25.18 -12.44 4.64
C LYS A 58 -25.29 -13.80 5.34
N VAL A 59 -24.21 -14.18 6.05
CA VAL A 59 -24.19 -15.45 6.77
C VAL A 59 -24.35 -15.22 8.27
N THR A 60 -25.28 -15.95 8.88
CA THR A 60 -25.49 -15.87 10.32
C THR A 60 -25.11 -17.19 10.99
N ALA A 61 -24.25 -17.12 11.99
CA ALA A 61 -23.78 -18.32 12.70
C ALA A 61 -23.59 -18.05 14.18
N GLU A 62 -23.23 -19.10 14.91
CA GLU A 62 -22.98 -18.98 16.35
C GLU A 62 -21.54 -19.36 16.70
N THR A 63 -20.83 -18.42 17.31
CA THR A 63 -19.44 -18.61 17.70
C THR A 63 -19.30 -19.76 18.70
N GLU A 64 -18.18 -20.46 18.64
CA GLU A 64 -17.88 -21.54 19.58
C GLU A 64 -17.82 -21.02 21.02
N GLY A 66 -20.12 -18.90 21.93
CA GLY A 66 -21.56 -18.91 22.11
C GLY A 66 -22.25 -17.79 21.36
N LYS A 67 -21.55 -16.67 21.21
CA LYS A 67 -22.10 -15.47 20.58
C LYS A 67 -22.58 -15.71 19.15
N THR A 68 -23.58 -14.95 18.73
CA THR A 68 -24.10 -15.05 17.37
C THR A 68 -23.71 -13.81 16.57
N VAL A 69 -23.07 -14.02 15.42
CA VAL A 69 -22.61 -12.92 14.59
C VAL A 69 -23.13 -13.04 13.17
N THR A 70 -23.11 -11.92 12.44
CA THR A 70 -23.57 -11.90 11.06
C THR A 70 -22.52 -11.27 10.15
N VAL A 71 -21.87 -12.09 9.33
CA VAL A 71 -20.86 -11.61 8.40
C VAL A 71 -21.22 -11.97 6.96
N LYS A 72 -20.49 -11.43 6.01
CA LYS A 72 -20.74 -11.69 4.60
C LYS A 72 -20.27 -13.10 4.22
N GLU A 73 -20.65 -13.54 3.03
CA GLU A 73 -20.34 -14.89 2.58
C GLU A 73 -18.98 -14.98 1.89
N ASP A 74 -18.12 -14.02 2.18
CA ASP A 74 -16.76 -14.03 1.64
C ASP A 74 -15.75 -14.38 2.73
N GLN A 75 -16.18 -14.19 3.99
CA GLN A 75 -15.31 -14.45 5.13
C GLN A 75 -15.47 -15.88 5.66
N VAL A 76 -16.57 -16.53 5.29
CA VAL A 76 -16.84 -17.89 5.74
C VAL A 76 -15.85 -18.88 5.13
N MET A 77 -15.26 -19.71 5.98
CA MET A 77 -14.25 -20.67 5.54
C MET A 77 -14.55 -22.06 6.07
N GLN A 78 -14.62 -23.03 5.16
CA GLN A 78 -14.96 -24.41 5.52
C GLN A 78 -13.86 -25.05 6.37
N GLN A 79 -14.28 -25.80 7.38
CA GLN A 79 -13.33 -26.49 8.26
C GLN A 79 -12.78 -27.75 7.59
N ASN A 80 -11.67 -28.25 8.14
CA ASN A 80 -11.12 -29.51 7.68
C ASN A 80 -11.83 -30.68 8.35
N PRO A 81 -12.18 -31.71 7.56
CA PRO A 81 -12.84 -32.93 8.05
C PRO A 81 -12.06 -33.60 9.19
N PRO A 82 -12.74 -34.41 10.02
CA PRO A 82 -12.11 -35.12 11.12
C PRO A 82 -11.00 -36.08 10.68
N LYS A 83 -10.96 -36.36 9.38
CA LYS A 83 -9.92 -37.22 8.82
C LYS A 83 -8.56 -36.53 8.88
N PHE A 84 -8.58 -35.20 8.92
CA PHE A 84 -7.36 -34.41 8.97
C PHE A 84 -7.10 -33.86 10.37
N ASP A 85 -7.80 -34.41 11.35
CA ASP A 85 -7.69 -33.93 12.73
C ASP A 85 -6.29 -34.15 13.30
N LYS A 86 -5.64 -33.07 13.69
CA LYS A 86 -4.28 -33.09 14.23
C LYS A 86 -3.30 -33.78 13.28
N ILE A 87 -3.35 -33.40 12.01
CA ILE A 87 -2.51 -34.02 11.00
C ILE A 87 -1.04 -33.65 11.22
N GLU A 88 -0.14 -34.52 10.77
CA GLU A 88 1.29 -34.32 10.97
C GLU A 88 1.88 -33.40 9.89
N ASP A 89 1.27 -33.42 8.71
CA ASP A 89 1.69 -32.55 7.62
C ASP A 89 0.51 -31.74 7.12
N MET A 90 0.56 -30.43 7.36
CA MET A 90 -0.54 -29.55 6.99
C MET A 90 -0.58 -29.28 5.48
N ALA A 91 0.46 -29.72 4.79
CA ALA A 91 0.50 -29.60 3.33
C ALA A 91 -0.46 -30.62 2.70
N MET A 92 -0.93 -31.56 3.52
CA MET A 92 -1.86 -32.58 3.06
C MET A 92 -3.31 -32.18 3.32
N LEU A 93 -3.49 -31.01 3.94
CA LEU A 93 -4.83 -30.50 4.21
C LEU A 93 -5.55 -30.13 2.92
N THR A 94 -6.87 -30.17 2.95
CA THR A 94 -7.67 -29.80 1.79
C THR A 94 -7.94 -28.30 1.78
N PHE A 95 -7.89 -27.68 2.96
CA PHE A 95 -8.09 -26.25 3.09
C PHE A 95 -6.87 -25.59 3.73
N LEU A 96 -6.21 -24.73 2.97
CA LEU A 96 -4.96 -24.12 3.43
C LEU A 96 -5.13 -22.64 3.78
N HIS A 97 -6.31 -22.27 4.26
CA HIS A 97 -6.52 -20.89 4.70
C HIS A 97 -5.97 -20.71 6.11
N GLU A 98 -5.96 -19.46 6.57
CA GLU A 98 -5.33 -19.10 7.85
C GLU A 98 -5.85 -19.85 9.09
N PRO A 99 -7.19 -19.91 9.27
CA PRO A 99 -7.63 -20.59 10.50
C PRO A 99 -7.41 -22.10 10.49
N ALA A 100 -7.29 -22.68 9.29
CA ALA A 100 -7.01 -24.10 9.18
C ALA A 100 -5.62 -24.42 9.73
N VAL A 101 -4.64 -23.66 9.28
CA VAL A 101 -3.26 -23.81 9.74
C VAL A 101 -3.15 -23.46 11.22
N LEU A 102 -3.88 -22.43 11.63
CA LEU A 102 -3.87 -21.98 13.02
C LEU A 102 -4.41 -23.03 13.98
N TYR A 103 -5.59 -23.57 13.68
CA TYR A 103 -6.26 -24.50 14.57
C TYR A 103 -5.62 -25.89 14.56
N ASN A 104 -5.00 -26.26 13.45
CA ASN A 104 -4.29 -27.53 13.38
C ASN A 104 -3.14 -27.53 14.37
N LEU A 105 -2.41 -26.43 14.41
CA LEU A 105 -1.35 -26.24 15.39
C LEU A 105 -1.94 -26.18 16.80
N LYS A 106 -3.12 -25.58 16.92
CA LYS A 106 -3.79 -25.41 18.20
C LYS A 106 -4.29 -26.73 18.75
N ASP A 107 -4.78 -27.60 17.86
CA ASP A 107 -5.28 -28.91 18.26
C ASP A 107 -4.14 -29.81 18.74
N ARG A 108 -3.06 -29.87 17.97
CA ARG A 108 -1.92 -30.70 18.30
C ARG A 108 -1.23 -30.26 19.58
N TYR A 109 -1.11 -28.94 19.75
CA TYR A 109 -0.47 -28.39 20.95
C TYR A 109 -1.32 -28.66 22.18
N GLY A 110 -2.62 -28.81 21.98
CA GLY A 110 -3.53 -29.14 23.06
C GLY A 110 -3.38 -30.60 23.47
N SER A 111 -2.94 -31.42 22.53
CA SER A 111 -2.68 -32.83 22.79
C SER A 111 -1.21 -33.07 23.08
N TRP A 112 -0.53 -32.01 23.52
CA TRP A 112 0.89 -32.06 23.90
C TRP A 112 1.80 -32.48 22.75
N MET A 113 1.32 -32.30 21.52
CA MET A 113 2.11 -32.61 20.33
C MET A 113 2.72 -31.34 19.78
N ILE A 114 4.02 -31.17 19.98
CA ILE A 114 4.72 -29.94 19.65
C ILE A 114 4.96 -29.75 18.16
N TYR A 115 5.70 -30.68 17.55
CA TYR A 115 6.18 -30.50 16.19
C TYR A 115 5.10 -30.78 15.15
N THR A 116 5.09 -29.95 14.10
CA THR A 116 4.15 -30.10 13.00
C THR A 116 4.81 -29.72 11.69
N TYR A 117 4.58 -30.52 10.66
CA TYR A 117 5.16 -30.27 9.34
C TYR A 117 4.24 -29.42 8.47
N SER A 118 4.83 -28.49 7.73
CA SER A 118 4.09 -27.69 6.76
C SER A 118 4.93 -27.52 5.51
N GLY A 119 4.85 -28.49 4.60
CA GLY A 119 5.68 -28.50 3.42
C GLY A 119 7.10 -28.85 3.77
N LEU A 120 7.96 -27.83 3.85
CA LEU A 120 9.36 -28.03 4.24
C LEU A 120 9.60 -27.56 5.66
N PHE A 121 8.69 -26.74 6.18
CA PHE A 121 8.83 -26.17 7.51
C PHE A 121 8.64 -27.22 8.60
N CYS A 122 9.37 -27.05 9.69
CA CYS A 122 9.18 -27.87 10.89
C CYS A 122 8.71 -26.98 12.03
N VAL A 123 7.41 -26.74 12.08
CA VAL A 123 6.84 -25.82 13.07
C VAL A 123 6.97 -26.36 14.49
N THR A 124 7.72 -25.63 15.31
CA THR A 124 7.93 -26.01 16.70
C THR A 124 7.26 -25.00 17.63
N VAL A 125 6.48 -25.49 18.59
CA VAL A 125 5.82 -24.62 19.55
C VAL A 125 6.44 -24.76 20.94
N ASN A 126 6.65 -23.64 21.62
CA ASN A 126 7.24 -23.66 22.95
C ASN A 126 6.37 -24.46 23.92
N PRO A 127 6.92 -25.58 24.44
CA PRO A 127 6.15 -26.52 25.26
C PRO A 127 5.81 -25.99 26.65
N TYR A 128 6.70 -25.22 27.24
CA TYR A 128 6.54 -24.72 28.61
C TYR A 128 6.30 -25.85 29.60
N LYS A 129 6.91 -27.00 29.32
CA LYS A 129 6.85 -28.17 30.20
C LYS A 129 7.87 -29.20 29.73
N TRP A 130 8.28 -30.08 30.64
CA TRP A 130 9.26 -31.10 30.30
C TRP A 130 8.61 -32.28 29.58
N LEU A 131 9.19 -32.66 28.45
CA LEU A 131 8.70 -33.78 27.66
C LEU A 131 9.73 -34.90 27.59
N PRO A 132 9.28 -36.15 27.73
CA PRO A 132 10.17 -37.32 27.67
C PRO A 132 10.44 -37.76 26.24
N VAL A 133 10.69 -36.81 25.35
CA VAL A 133 10.85 -37.12 23.93
C VAL A 133 12.29 -36.95 23.47
N TYR A 134 13.18 -36.61 24.39
CA TYR A 134 14.58 -36.36 24.06
C TYR A 134 15.50 -37.40 24.68
N THR A 135 14.98 -38.60 24.90
CA THR A 135 15.76 -39.70 25.46
C THR A 135 16.57 -40.39 24.37
N PRO A 136 17.70 -41.02 24.75
CA PRO A 136 18.55 -41.75 23.79
C PRO A 136 17.79 -42.83 23.00
N GLU A 137 16.70 -43.34 23.54
CA GLU A 137 15.88 -44.31 22.81
C GLU A 137 15.24 -43.65 21.59
N VAL A 138 14.79 -42.41 21.78
CA VAL A 138 14.18 -41.63 20.71
C VAL A 138 15.23 -41.25 19.67
N VAL A 139 16.42 -40.89 20.14
CA VAL A 139 17.52 -40.55 19.27
C VAL A 139 17.87 -41.73 18.36
N ALA A 140 17.89 -42.93 18.96
CA ALA A 140 18.16 -44.15 18.21
C ALA A 140 17.02 -44.48 17.26
N ALA A 141 15.83 -44.00 17.60
CA ALA A 141 14.63 -44.31 16.81
C ALA A 141 14.56 -43.47 15.54
N TYR A 142 15.35 -42.39 15.49
CA TYR A 142 15.31 -41.48 14.35
C TYR A 142 16.54 -41.62 13.45
N ARG A 143 17.40 -42.59 13.76
CA ARG A 143 18.63 -42.79 12.99
C ARG A 143 18.34 -43.41 11.63
N GLY A 144 18.67 -42.68 10.57
CA GLY A 144 18.48 -43.15 9.21
C GLY A 144 17.06 -43.06 8.69
N LYS A 145 16.09 -42.76 9.56
CA LYS A 145 14.68 -42.66 9.16
C LYS A 145 14.40 -41.36 8.39
N LYS A 146 13.79 -41.47 7.22
CA LYS A 146 13.40 -40.29 6.45
C LYS A 146 12.29 -39.51 7.17
N ARG A 147 12.01 -38.32 6.68
CA ARG A 147 11.01 -37.45 7.30
C ARG A 147 9.61 -38.08 7.28
N SER A 148 9.34 -38.85 6.23
CA SER A 148 8.03 -39.46 6.05
C SER A 148 7.91 -40.81 6.74
N GLU A 149 8.94 -41.20 7.48
CA GLU A 149 8.97 -42.51 8.12
C GLU A 149 8.93 -42.41 9.64
N ALA A 150 8.62 -41.22 10.14
CA ALA A 150 8.60 -40.98 11.58
C ALA A 150 7.80 -39.72 11.90
N PRO A 151 7.20 -39.66 13.11
CA PRO A 151 6.45 -38.49 13.57
C PRO A 151 7.26 -37.19 13.51
N PRO A 152 6.58 -36.04 13.43
CA PRO A 152 7.25 -34.74 13.42
C PRO A 152 8.13 -34.55 14.64
N HIS A 153 9.41 -34.27 14.41
CA HIS A 153 10.37 -34.07 15.48
C HIS A 153 11.55 -33.25 14.97
N ILE A 154 12.17 -32.48 15.87
CA ILE A 154 13.32 -31.66 15.50
C ILE A 154 14.51 -32.54 15.15
N PHE A 155 14.52 -33.77 15.67
CA PHE A 155 15.57 -34.73 15.38
C PHE A 155 15.54 -35.15 13.93
N SER A 156 14.34 -35.20 13.36
CA SER A 156 14.17 -35.60 11.96
C SER A 156 14.86 -34.62 11.01
N ILE A 157 14.80 -33.33 11.35
CA ILE A 157 15.40 -32.28 10.53
C ILE A 157 16.93 -32.38 10.55
N SER A 158 17.49 -32.46 11.75
CA SER A 158 18.94 -32.49 11.90
C SER A 158 19.55 -33.82 11.44
N ASP A 159 18.78 -34.90 11.54
CA ASP A 159 19.27 -36.21 11.10
C ASP A 159 19.32 -36.30 9.58
N ASN A 160 18.25 -35.83 8.94
CA ASN A 160 18.20 -35.83 7.48
C ASN A 160 19.24 -34.89 6.89
N ALA A 161 19.54 -33.81 7.60
CA ALA A 161 20.58 -32.88 7.17
C ALA A 161 21.94 -33.56 7.17
N TYR A 162 22.20 -34.37 8.19
CA TYR A 162 23.45 -35.09 8.30
C TYR A 162 23.57 -36.17 7.22
N GLN A 163 22.44 -36.80 6.89
CA GLN A 163 22.43 -37.86 5.89
C GLN A 163 22.48 -37.31 4.47
N TYR A 164 21.80 -36.19 4.24
CA TYR A 164 21.86 -35.51 2.95
C TYR A 164 23.28 -35.05 2.66
N MET A 165 24.01 -34.72 3.72
CA MET A 165 25.40 -34.27 3.62
C MET A 165 26.31 -35.37 3.09
N LEU A 166 26.01 -36.62 3.47
CA LEU A 166 26.84 -37.75 3.09
C LEU A 166 26.37 -38.38 1.79
N THR A 167 25.06 -38.40 1.59
CA THR A 167 24.47 -39.02 0.41
C THR A 167 24.63 -38.14 -0.83
N ASP A 168 24.25 -36.88 -0.71
CA ASP A 168 24.29 -35.96 -1.85
C ASP A 168 25.61 -35.21 -1.93
N ARG A 169 26.47 -35.41 -0.95
CA ARG A 169 27.79 -34.78 -0.90
C ARG A 169 27.74 -33.26 -1.01
N GLU A 170 26.66 -32.65 -0.54
CA GLU A 170 26.52 -31.20 -0.60
C GLU A 170 26.33 -30.59 0.78
N ASN A 171 26.74 -29.34 0.93
CA ASN A 171 26.64 -28.64 2.20
C ASN A 171 25.20 -28.48 2.67
N GLN A 172 25.04 -28.28 3.98
CA GLN A 172 23.71 -28.20 4.57
C GLN A 172 23.53 -26.92 5.38
N SER A 173 22.27 -26.54 5.60
CA SER A 173 21.97 -25.37 6.42
C SER A 173 20.60 -25.51 7.08
N ILE A 174 20.55 -25.27 8.38
CA ILE A 174 19.30 -25.33 9.13
C ILE A 174 18.97 -23.94 9.69
N LEU A 175 17.91 -23.34 9.16
CA LEU A 175 17.51 -21.99 9.56
C LEU A 175 16.41 -22.01 10.62
N ILE A 176 16.69 -21.43 11.77
CA ILE A 176 15.73 -21.39 12.87
C ILE A 176 15.34 -19.95 13.20
N THR A 177 14.08 -19.61 12.98
CA THR A 177 13.60 -18.25 13.24
C THR A 177 12.47 -18.24 14.26
N GLY A 178 11.99 -17.05 14.58
CA GLY A 178 10.91 -16.89 15.55
C GLY A 178 11.09 -15.64 16.40
N GLU A 179 10.04 -15.29 17.14
CA GLU A 179 10.09 -14.12 18.01
C GLU A 179 10.86 -14.42 19.29
N SER A 180 10.99 -13.40 20.14
CA SER A 180 11.66 -13.57 21.42
C SER A 180 10.82 -14.44 22.35
N GLY A 181 11.45 -15.47 22.92
CA GLY A 181 10.76 -16.37 23.83
C GLY A 181 10.06 -17.52 23.14
N ALA A 182 10.38 -17.71 21.86
CA ALA A 182 9.78 -18.79 21.08
C ALA A 182 10.58 -20.08 21.24
N GLY A 183 11.78 -19.96 21.80
CA GLY A 183 12.64 -21.11 22.02
C GLY A 183 13.57 -21.39 20.85
N LYS A 184 14.08 -20.34 20.22
CA LYS A 184 15.00 -20.47 19.11
C LYS A 184 16.30 -21.12 19.57
N THR A 185 16.89 -20.56 20.62
CA THR A 185 18.16 -21.03 21.14
C THR A 185 18.04 -22.43 21.74
N VAL A 186 16.84 -22.77 22.21
CA VAL A 186 16.57 -24.10 22.73
C VAL A 186 16.69 -25.13 21.62
N ASN A 187 16.03 -24.85 20.50
CA ASN A 187 16.10 -25.72 19.33
C ASN A 187 17.47 -25.68 18.68
N THR A 188 18.15 -24.55 18.80
CA THR A 188 19.49 -24.40 18.25
C THR A 188 20.47 -25.34 18.93
N LYS A 189 20.39 -25.40 20.25
CA LYS A 189 21.27 -26.26 21.04
C LYS A 189 20.93 -27.73 20.85
N ARG A 190 19.65 -28.02 20.65
CA ARG A 190 19.20 -29.40 20.43
C ARG A 190 19.76 -29.95 19.13
N VAL A 191 19.81 -29.11 18.10
CA VAL A 191 20.34 -29.52 16.80
C VAL A 191 21.84 -29.76 16.86
N ILE A 192 22.56 -28.82 17.48
CA ILE A 192 24.02 -28.92 17.59
C ILE A 192 24.42 -30.10 18.47
N GLN A 193 23.74 -30.26 19.60
CA GLN A 193 24.02 -31.38 20.50
C GLN A 193 23.78 -32.71 19.79
N TYR A 194 22.74 -32.74 18.97
CA TYR A 194 22.41 -33.93 18.20
C TYR A 194 23.59 -34.36 17.33
N PHE A 195 24.15 -33.41 16.59
CA PHE A 195 25.30 -33.66 15.73
C PHE A 195 26.49 -34.22 16.51
N ALA A 196 26.65 -33.76 17.75
CA ALA A 196 27.77 -34.19 18.59
C ALA A 196 27.63 -35.66 18.99
N VAL A 197 26.41 -36.17 18.91
CA VAL A 197 26.14 -37.57 19.27
C VAL A 197 26.13 -38.45 18.03
N ILE A 198 25.74 -37.87 16.90
CA ILE A 198 25.52 -38.60 15.66
C ILE A 198 26.81 -39.25 15.11
N ALA A 199 27.97 -38.76 15.55
CA ALA A 199 29.28 -39.25 15.09
C ALA A 199 29.54 -38.70 13.67
N ALA A 200 30.72 -38.89 13.06
CA ALA A 200 31.83 -39.72 13.54
C ALA A 200 32.93 -38.93 14.24
N ILE A 201 34.08 -39.59 14.38
CA ILE A 201 35.22 -39.02 15.11
C ILE A 201 36.49 -39.13 14.28
N GLY A 202 37.10 -37.98 13.98
CA GLY A 202 38.32 -37.96 13.19
C GLY A 202 39.57 -37.99 14.05
N ASP A 203 40.64 -37.35 13.54
CA ASP A 203 41.91 -37.27 14.24
C ASP A 203 42.46 -38.65 14.59
N PRO A 211 44.76 -25.70 21.44
CA PRO A 211 44.37 -25.50 22.83
C PRO A 211 43.01 -26.10 23.16
N GLY A 212 42.47 -25.79 24.33
CA GLY A 212 41.18 -26.31 24.75
C GLY A 212 41.29 -27.65 25.46
N LYS A 213 40.40 -27.88 26.41
CA LYS A 213 40.39 -29.12 27.17
C LYS A 213 39.26 -30.04 26.70
N GLY A 214 39.60 -31.31 26.48
CA GLY A 214 38.61 -32.29 26.08
C GLY A 214 38.48 -32.43 24.56
N THR A 215 37.47 -33.19 24.13
CA THR A 215 37.25 -33.43 22.72
C THR A 215 36.56 -32.24 22.06
N LEU A 216 36.46 -32.28 20.73
CA LEU A 216 35.85 -31.18 19.98
C LEU A 216 34.36 -31.08 20.26
N GLU A 217 33.73 -32.23 20.49
CA GLU A 217 32.30 -32.28 20.82
C GLU A 217 31.99 -31.42 22.04
N ASP A 218 32.84 -31.53 23.06
CA ASP A 218 32.68 -30.76 24.29
C ASP A 218 32.83 -29.26 24.03
N GLN A 219 33.83 -28.90 23.24
CA GLN A 219 34.16 -27.50 22.99
C GLN A 219 33.04 -26.76 22.27
N ILE A 220 32.49 -27.38 21.23
CA ILE A 220 31.39 -26.79 20.48
C ILE A 220 30.17 -26.57 21.37
N ILE A 221 29.89 -27.55 22.22
CA ILE A 221 28.77 -27.47 23.16
C ILE A 221 29.06 -26.44 24.26
N GLN A 222 30.29 -26.43 24.75
CA GLN A 222 30.68 -25.55 25.86
C GLN A 222 30.84 -24.11 25.39
N ALA A 223 30.66 -23.88 24.10
CA ALA A 223 30.72 -22.52 23.55
C ALA A 223 29.44 -21.77 23.89
N ASN A 224 28.36 -22.50 24.09
CA ASN A 224 27.07 -21.90 24.40
C ASN A 224 27.00 -21.23 25.79
N PRO A 225 27.39 -21.94 26.86
CA PRO A 225 27.27 -21.27 28.17
C PRO A 225 28.25 -20.12 28.36
N ALA A 226 29.22 -20.00 27.47
CA ALA A 226 30.19 -18.91 27.54
C ALA A 226 29.64 -17.64 26.92
N LEU A 227 29.07 -17.76 25.72
CA LEU A 227 28.55 -16.62 24.99
C LEU A 227 27.23 -16.12 25.54
N GLU A 228 26.43 -17.03 26.10
CA GLU A 228 25.13 -16.66 26.66
C GLU A 228 25.27 -15.82 27.92
N ALA A 229 26.43 -15.89 28.54
CA ALA A 229 26.70 -15.08 29.72
C ALA A 229 26.78 -13.60 29.35
N PHE A 230 27.38 -13.32 28.20
CA PHE A 230 27.57 -11.95 27.74
C PHE A 230 26.52 -11.57 26.69
N GLY A 231 25.83 -12.56 26.14
CA GLY A 231 24.91 -12.31 25.04
C GLY A 231 23.44 -12.43 25.39
N ASN A 232 23.13 -13.16 26.46
CA ASN A 232 21.74 -13.36 26.86
C ASN A 232 21.37 -12.57 28.11
N ALA A 233 20.08 -12.27 28.23
CA ALA A 233 19.57 -11.53 29.38
C ALA A 233 18.13 -11.94 29.68
N LYS A 234 17.58 -11.43 30.78
CA LYS A 234 16.21 -11.75 31.16
C LYS A 234 15.22 -10.77 30.54
N THR A 235 14.47 -11.26 29.56
CA THR A 235 13.46 -10.45 28.89
C THR A 235 12.08 -10.79 29.46
N VAL A 236 11.07 -10.01 29.08
CA VAL A 236 9.70 -10.28 29.51
C VAL A 236 9.23 -11.61 28.95
N ARG A 237 9.58 -11.87 27.69
CA ARG A 237 9.20 -13.11 27.02
C ARG A 237 9.96 -14.31 27.55
N ASN A 238 11.27 -14.15 27.75
CA ASN A 238 12.12 -15.25 28.16
C ASN A 238 13.16 -14.84 29.21
N ASP A 239 13.42 -15.75 30.15
CA ASP A 239 14.39 -15.49 31.21
C ASP A 239 15.82 -15.62 30.69
N ASN A 240 16.01 -16.46 29.68
CA ASN A 240 17.32 -16.64 29.06
C ASN A 240 17.25 -16.44 27.56
N SER A 241 17.07 -15.19 27.15
CA SER A 241 16.89 -14.86 25.74
C SER A 241 18.16 -14.26 25.12
N SER A 242 18.62 -14.85 24.02
CA SER A 242 19.78 -14.33 23.31
C SER A 242 19.43 -13.05 22.55
N ARG A 243 20.28 -12.05 22.68
CA ARG A 243 20.03 -10.76 22.03
C ARG A 243 20.95 -10.57 20.83
N PHE A 244 21.33 -11.68 20.21
CA PHE A 244 22.24 -11.63 19.07
C PHE A 244 22.01 -12.82 18.13
N GLY A 245 22.14 -12.58 16.84
CA GLY A 245 22.03 -13.65 15.86
C GLY A 245 23.25 -14.53 15.91
N LYS A 246 23.13 -15.76 15.40
CA LYS A 246 24.24 -16.70 15.42
C LYS A 246 24.19 -17.64 14.22
N PHE A 247 25.34 -17.81 13.57
CA PHE A 247 25.46 -18.76 12.48
C PHE A 247 26.74 -19.58 12.62
N ILE A 248 26.62 -20.74 13.28
CA ILE A 248 27.76 -21.62 13.49
C ILE A 248 27.86 -22.67 12.39
N ARG A 249 29.02 -22.72 11.73
CA ARG A 249 29.26 -23.71 10.68
C ARG A 249 29.97 -24.92 11.24
N ILE A 250 29.29 -26.06 11.25
CA ILE A 250 29.88 -27.29 11.73
C ILE A 250 30.43 -28.11 10.58
N HIS A 251 31.75 -28.23 10.51
CA HIS A 251 32.42 -28.88 9.38
C HIS A 251 32.63 -30.37 9.61
N PHE A 252 32.38 -31.16 8.58
CA PHE A 252 32.51 -32.62 8.67
C PHE A 252 33.44 -33.16 7.58
N GLY A 253 33.75 -34.45 7.69
CA GLY A 253 34.55 -35.14 6.68
C GLY A 253 33.66 -35.79 5.64
N ALA A 254 34.26 -36.66 4.82
CA ALA A 254 33.52 -37.33 3.76
C ALA A 254 32.70 -38.49 4.28
N THR A 255 33.16 -39.09 5.38
CA THR A 255 32.49 -40.25 5.97
C THR A 255 31.09 -40.01 6.59
N GLY A 256 30.87 -38.96 7.39
CA GLY A 256 31.83 -37.93 7.73
C GLY A 256 32.02 -37.80 9.24
N LYS A 257 33.17 -37.26 9.63
CA LYS A 257 33.51 -37.10 11.04
C LYS A 257 33.70 -35.64 11.40
N LEU A 258 33.49 -35.33 12.69
CA LEU A 258 33.58 -33.96 13.17
C LEU A 258 34.98 -33.39 12.98
N ALA A 259 35.09 -32.35 12.17
CA ALA A 259 36.39 -31.76 11.83
C ALA A 259 36.64 -30.46 12.57
N SER A 260 35.78 -29.47 12.35
CA SER A 260 35.95 -28.15 12.95
C SER A 260 34.66 -27.37 13.02
N ALA A 261 34.72 -26.18 13.61
CA ALA A 261 33.56 -25.31 13.74
C ALA A 261 33.97 -23.84 13.73
N ASP A 262 33.03 -22.97 13.37
CA ASP A 262 33.27 -21.53 13.38
C ASP A 262 31.96 -20.77 13.60
N ILE A 263 31.98 -19.85 14.55
CA ILE A 263 30.78 -19.13 14.96
C ILE A 263 30.84 -17.65 14.59
N GLU A 264 29.75 -17.13 14.04
CA GLU A 264 29.66 -15.71 13.73
C GLU A 264 28.37 -15.12 14.29
N THR A 265 28.49 -13.97 14.95
CA THR A 265 27.34 -13.33 15.57
C THR A 265 26.74 -12.26 14.67
N TYR A 266 25.50 -11.86 14.97
CA TYR A 266 24.80 -10.85 14.18
C TYR A 266 23.92 -9.96 15.03
N LEU A 267 24.07 -8.65 14.85
CA LEU A 267 23.18 -7.65 15.46
C LEU A 267 23.03 -7.78 16.96
N LEU A 268 24.12 -7.58 17.69
CA LEU A 268 24.08 -7.56 19.15
C LEU A 268 23.59 -6.19 19.63
N GLU A 269 22.47 -6.16 20.32
CA GLU A 269 21.95 -4.89 20.83
C GLU A 269 22.81 -4.37 21.97
N LYS A 270 23.38 -3.19 21.75
CA LYS A 270 24.28 -2.59 22.73
C LYS A 270 23.51 -1.75 23.74
N SER A 271 22.20 -1.67 23.57
CA SER A 271 21.36 -0.88 24.44
C SER A 271 21.22 -1.52 25.82
N ARG A 272 21.42 -2.84 25.87
CA ARG A 272 21.19 -3.61 27.09
C ARG A 272 22.16 -3.26 28.22
N VAL A 273 23.44 -3.06 27.88
CA VAL A 273 24.47 -2.84 28.88
C VAL A 273 24.27 -1.52 29.64
N ILE A 274 23.75 -0.51 28.95
CA ILE A 274 23.58 0.81 29.56
C ILE A 274 22.12 1.11 29.90
N PHE A 275 21.22 0.23 29.46
CA PHE A 275 19.79 0.44 29.68
C PHE A 275 18.98 -0.85 29.63
N GLN A 276 18.00 -0.96 30.52
CA GLN A 276 17.05 -2.07 30.47
C GLN A 276 15.66 -1.58 30.84
N LEU A 277 14.64 -2.35 30.47
CA LEU A 277 13.26 -1.94 30.66
C LEU A 277 12.81 -2.09 32.12
N LYS A 278 11.50 -2.23 32.31
CA LYS A 278 10.91 -2.27 33.65
C LYS A 278 10.97 -3.65 34.28
N ALA A 279 10.58 -4.67 33.51
CA ALA A 279 10.56 -6.04 34.02
C ALA A 279 11.81 -6.81 33.60
N GLU A 280 12.56 -6.24 32.67
CA GLU A 280 13.77 -6.88 32.15
C GLU A 280 14.98 -6.50 33.00
N ARG A 281 16.13 -7.08 32.64
CA ARG A 281 17.39 -6.75 33.31
C ARG A 281 18.55 -6.82 32.33
N ASP A 282 19.75 -6.51 32.82
CA ASP A 282 20.94 -6.52 31.97
C ASP A 282 21.40 -7.95 31.70
N TYR A 283 22.51 -8.08 30.99
CA TYR A 283 23.07 -9.38 30.65
C TYR A 283 23.44 -10.19 31.89
N HIS A 284 23.50 -11.50 31.74
CA HIS A 284 23.71 -12.41 32.86
C HIS A 284 25.06 -12.21 33.55
N ILE A 285 26.08 -11.92 32.76
CA ILE A 285 27.46 -11.84 33.26
C ILE A 285 27.61 -10.88 34.44
N PHE A 286 26.87 -9.78 34.42
CA PHE A 286 26.94 -8.79 35.48
C PHE A 286 26.41 -9.36 36.80
N TYR A 287 25.20 -9.92 36.76
CA TYR A 287 24.54 -10.41 37.95
C TYR A 287 25.20 -11.69 38.48
N GLN A 288 25.98 -12.36 37.63
CA GLN A 288 26.68 -13.58 38.04
C GLN A 288 27.86 -13.25 38.94
N ILE A 289 28.63 -12.23 38.56
CA ILE A 289 29.79 -11.82 39.34
C ILE A 289 29.36 -11.32 40.72
N LEU A 290 28.21 -10.66 40.77
CA LEU A 290 27.72 -10.08 42.02
C LEU A 290 27.11 -11.12 42.96
N SER A 291 27.07 -12.38 42.51
CA SER A 291 26.52 -13.45 43.31
C SER A 291 27.48 -13.88 44.41
N ASN A 292 28.72 -13.39 44.32
CA ASN A 292 29.78 -13.68 45.28
C ASN A 292 30.03 -15.18 45.42
N LYS A 293 29.89 -15.90 44.31
CA LYS A 293 30.20 -17.33 44.28
C LYS A 293 31.71 -17.52 44.38
N LYS A 294 32.45 -16.56 43.83
CA LYS A 294 33.90 -16.54 43.94
C LYS A 294 34.37 -15.11 44.23
N PRO A 295 34.47 -14.78 45.54
CA PRO A 295 34.71 -13.42 46.06
C PRO A 295 35.97 -12.74 45.55
N GLU A 296 36.91 -13.49 44.97
CA GLU A 296 38.16 -12.91 44.51
C GLU A 296 37.94 -12.00 43.31
N LEU A 297 36.79 -12.13 42.66
CA LEU A 297 36.45 -11.30 41.53
C LEU A 297 36.03 -9.89 41.97
N LEU A 298 35.23 -9.83 43.02
CA LEU A 298 34.74 -8.56 43.53
C LEU A 298 35.87 -7.70 44.09
N ASP A 299 36.85 -8.34 44.72
CA ASP A 299 38.01 -7.64 45.24
C ASP A 299 38.90 -7.15 44.11
N MET A 300 38.96 -7.95 43.04
CA MET A 300 39.76 -7.60 41.87
C MET A 300 39.09 -6.49 41.06
N LEU A 301 37.77 -6.44 41.14
CA LEU A 301 36.99 -5.47 40.36
C LEU A 301 36.59 -4.26 41.20
N LEU A 302 36.87 -4.32 42.49
CA LEU A 302 36.49 -3.26 43.43
C LEU A 302 34.98 -3.01 43.39
N ILE A 303 34.21 -4.09 43.52
CA ILE A 303 32.76 -4.02 43.40
C ILE A 303 32.06 -4.59 44.64
N THR A 304 31.06 -3.88 45.13
CA THR A 304 30.28 -4.35 46.29
C THR A 304 29.36 -5.49 45.91
N ASN A 305 28.51 -5.87 46.86
CA ASN A 305 27.57 -6.97 46.65
C ASN A 305 26.27 -6.50 46.02
N ASN A 306 25.74 -5.40 46.53
CA ASN A 306 24.46 -4.86 46.06
C ASN A 306 24.54 -4.30 44.64
N PRO A 307 23.75 -4.86 43.72
CA PRO A 307 23.69 -4.43 42.32
C PRO A 307 23.08 -3.04 42.15
N TYR A 308 22.36 -2.56 43.17
CA TYR A 308 21.68 -1.27 43.10
C TYR A 308 22.64 -0.10 43.28
N ASP A 309 23.92 -0.41 43.48
CA ASP A 309 24.93 0.64 43.63
C ASP A 309 25.56 1.00 42.28
N TYR A 310 24.98 0.44 41.21
CA TYR A 310 25.52 0.66 39.87
C TYR A 310 24.39 0.92 38.87
N ALA A 311 24.34 2.16 38.37
CA ALA A 311 23.21 2.65 37.58
C ALA A 311 22.98 1.88 36.28
N PHE A 312 24.05 1.34 35.70
CA PHE A 312 23.94 0.65 34.42
C PHE A 312 23.17 -0.67 34.51
N ILE A 313 23.12 -1.24 35.71
CA ILE A 313 22.45 -2.53 35.89
C ILE A 313 21.39 -2.50 37.00
N SER A 314 21.12 -1.31 37.54
CA SER A 314 20.17 -1.19 38.64
C SER A 314 18.74 -0.98 38.18
N GLN A 315 18.57 -0.71 36.88
CA GLN A 315 17.25 -0.47 36.32
C GLN A 315 16.45 -1.78 36.25
N GLY A 316 15.15 -1.67 36.53
CA GLY A 316 14.27 -2.83 36.50
C GLY A 316 14.55 -3.81 37.63
N GLU A 317 14.34 -5.09 37.35
CA GLU A 317 14.58 -6.14 38.34
C GLU A 317 16.04 -6.56 38.33
N THR A 318 16.53 -7.07 39.45
CA THR A 318 17.93 -7.43 39.59
C THR A 318 18.14 -8.93 39.76
N THR A 319 17.09 -9.64 40.14
CA THR A 319 17.18 -11.08 40.36
C THR A 319 16.07 -11.84 39.63
N VAL A 320 16.42 -13.01 39.10
CA VAL A 320 15.47 -13.86 38.41
C VAL A 320 15.17 -15.12 39.23
N ALA A 321 13.90 -15.49 39.30
CA ALA A 321 13.47 -16.62 40.11
C ALA A 321 14.04 -17.95 39.60
N SER A 322 13.98 -18.15 38.29
CA SER A 322 14.41 -19.40 37.69
C SER A 322 15.93 -19.49 37.54
N ILE A 323 16.59 -18.34 37.52
CA ILE A 323 18.03 -18.30 37.28
C ILE A 323 18.83 -18.19 38.57
N ASP A 324 19.75 -19.14 38.76
CA ASP A 324 20.68 -19.08 39.88
C ASP A 324 22.01 -18.51 39.38
N ASP A 325 22.22 -17.22 39.65
CA ASP A 325 23.40 -16.52 39.15
C ASP A 325 24.70 -17.05 39.77
N ALA A 326 24.57 -17.71 40.92
CA ALA A 326 25.73 -18.30 41.58
C ALA A 326 26.21 -19.53 40.82
N GLU A 327 25.28 -20.40 40.44
CA GLU A 327 25.60 -21.62 39.73
C GLU A 327 26.00 -21.32 38.28
N GLU A 328 25.41 -20.27 37.72
CA GLU A 328 25.70 -19.89 36.34
C GLU A 328 27.06 -19.20 36.22
N LEU A 329 27.52 -18.62 37.32
CA LEU A 329 28.84 -17.99 37.33
C LEU A 329 29.94 -19.04 37.19
N MET A 330 29.79 -20.14 37.92
CA MET A 330 30.74 -21.25 37.83
C MET A 330 30.69 -21.90 36.45
N ALA A 331 29.47 -22.06 35.92
CA ALA A 331 29.29 -22.63 34.60
C ALA A 331 29.89 -21.72 33.53
N THR A 332 29.81 -20.42 33.76
CA THR A 332 30.41 -19.44 32.86
C THR A 332 31.92 -19.52 32.89
N ASP A 333 32.48 -19.58 34.09
CA ASP A 333 33.93 -19.65 34.27
C ASP A 333 34.48 -20.93 33.65
N ASN A 334 33.83 -22.06 33.96
CA ASN A 334 34.26 -23.36 33.43
C ASN A 334 34.11 -23.44 31.91
N ALA A 335 33.22 -22.63 31.35
CA ALA A 335 33.00 -22.62 29.91
C ALA A 335 34.21 -22.06 29.17
N PHE A 336 34.92 -21.13 29.80
CA PHE A 336 36.11 -20.53 29.19
C PHE A 336 37.33 -21.43 29.33
N ASP A 337 37.42 -22.13 30.47
CA ASP A 337 38.54 -23.04 30.70
C ASP A 337 38.55 -24.17 29.68
N VAL A 338 37.37 -24.69 29.35
CA VAL A 338 37.24 -25.73 28.35
C VAL A 338 37.58 -25.18 26.96
N LEU A 339 37.22 -23.92 26.74
CA LEU A 339 37.47 -23.27 25.46
C LEU A 339 38.89 -22.71 25.36
N GLY A 340 39.76 -23.13 26.28
CA GLY A 340 41.16 -22.78 26.22
C GLY A 340 41.47 -21.31 26.45
N PHE A 341 40.84 -20.72 27.46
CA PHE A 341 41.10 -19.34 27.83
C PHE A 341 42.12 -19.28 28.97
N THR A 342 43.22 -18.55 28.76
CA THR A 342 44.25 -18.44 29.76
C THR A 342 43.77 -17.63 30.97
N SER A 343 44.50 -17.73 32.07
CA SER A 343 44.13 -17.03 33.30
C SER A 343 44.12 -15.52 33.10
N GLU A 344 44.97 -15.04 32.19
CA GLU A 344 45.05 -13.62 31.89
C GLU A 344 43.83 -13.14 31.10
N GLU A 345 43.45 -13.91 30.09
CA GLU A 345 42.32 -13.57 29.24
C GLU A 345 41.00 -13.57 30.01
N LYS A 346 40.88 -14.49 30.97
CA LYS A 346 39.64 -14.66 31.73
C LYS A 346 39.32 -13.44 32.59
N ASN A 347 40.15 -13.18 33.59
CA ASN A 347 39.89 -12.10 34.54
C ASN A 347 40.01 -10.70 33.93
N SER A 348 40.58 -10.62 32.74
CA SER A 348 40.65 -9.35 32.02
C SER A 348 39.27 -8.96 31.50
N MET A 349 38.49 -9.96 31.07
CA MET A 349 37.13 -9.74 30.63
C MET A 349 36.26 -9.32 31.80
N TYR A 350 36.54 -9.87 32.97
CA TYR A 350 35.81 -9.52 34.18
C TYR A 350 36.11 -8.09 34.59
N LYS A 351 37.38 -7.69 34.48
CA LYS A 351 37.80 -6.34 34.83
C LYS A 351 37.12 -5.30 33.94
N LEU A 352 37.09 -5.56 32.64
CA LEU A 352 36.42 -4.67 31.70
C LEU A 352 34.92 -4.65 31.96
N THR A 353 34.37 -5.79 32.34
CA THR A 353 32.96 -5.89 32.67
C THR A 353 32.67 -5.12 33.95
N GLY A 354 33.62 -5.15 34.89
CA GLY A 354 33.47 -4.42 36.14
C GLY A 354 33.76 -2.94 35.96
N ALA A 355 34.57 -2.62 34.95
CA ALA A 355 34.92 -1.23 34.68
C ALA A 355 33.73 -0.47 34.11
N ILE A 356 32.88 -1.17 33.38
CA ILE A 356 31.66 -0.58 32.84
C ILE A 356 30.68 -0.26 33.96
N MET A 357 30.67 -1.12 34.97
CA MET A 357 29.79 -0.93 36.13
C MET A 357 30.15 0.33 36.90
N HIS A 358 31.43 0.69 36.88
CA HIS A 358 31.90 1.91 37.53
C HIS A 358 31.73 3.12 36.60
N PHE A 359 31.74 2.86 35.30
CA PHE A 359 31.62 3.90 34.29
C PHE A 359 30.29 4.63 34.39
N GLY A 360 29.25 3.89 34.77
CA GLY A 360 27.92 4.45 34.88
C GLY A 360 27.71 5.24 36.16
N ASN A 361 28.58 5.00 37.15
CA ASN A 361 28.48 5.70 38.43
C ASN A 361 29.20 7.04 38.40
N MET A 362 29.79 7.38 37.26
CA MET A 362 30.46 8.66 37.09
C MET A 362 29.45 9.80 37.03
N LYS A 363 29.65 10.80 37.87
CA LYS A 363 28.78 11.98 37.89
C LYS A 363 29.52 13.20 37.37
N PHE A 364 28.77 14.13 36.77
CA PHE A 364 29.36 15.34 36.23
C PHE A 364 28.48 16.54 36.53
N LYS A 365 29.10 17.72 36.68
CA LYS A 365 28.37 18.94 36.98
C LYS A 365 28.86 20.10 36.12
N LEU A 366 28.22 21.26 36.26
CA LEU A 366 28.57 22.43 35.48
C LEU A 366 29.34 23.45 36.30
N LYS A 367 30.27 24.15 35.65
CA LYS A 367 31.06 25.18 36.32
C LYS A 367 30.82 26.54 35.68
N GLN A 368 29.61 26.74 35.18
CA GLN A 368 29.21 27.99 34.53
C GLN A 368 30.14 28.37 33.39
N GLU A 371 29.09 25.52 28.21
CA GLU A 371 29.69 25.04 29.45
C GLU A 371 30.75 23.98 29.18
N GLN A 372 31.79 23.95 30.01
CA GLN A 372 32.85 22.97 29.88
C GLN A 372 32.52 21.69 30.65
N ALA A 373 31.69 21.84 31.68
CA ALA A 373 31.23 20.72 32.51
C ALA A 373 32.37 19.92 33.12
N GLU A 374 32.80 20.33 34.31
CA GLU A 374 33.85 19.63 35.03
C GLU A 374 33.27 18.50 35.89
N PRO A 375 34.03 17.40 36.05
CA PRO A 375 33.60 16.22 36.81
C PRO A 375 33.10 16.52 38.22
N ASP A 376 32.27 15.63 38.75
CA ASP A 376 31.68 15.81 40.08
C ASP A 376 32.54 15.13 41.15
N GLY A 377 33.83 14.96 40.85
CA GLY A 377 34.74 14.35 41.80
C GLY A 377 35.40 13.09 41.25
N THR A 378 36.44 12.64 41.95
CA THR A 378 37.16 11.44 41.54
C THR A 378 36.31 10.19 41.72
N GLU A 379 35.68 10.09 42.90
CA GLU A 379 34.81 8.97 43.29
C GLU A 379 35.17 7.62 42.67
N GLU A 380 34.18 6.94 42.09
CA GLU A 380 34.38 5.61 41.51
C GLU A 380 34.94 5.67 40.10
N ALA A 381 35.28 6.86 39.64
CA ALA A 381 35.88 7.02 38.31
C ALA A 381 37.34 6.59 38.32
N ASP A 382 37.92 6.53 39.51
CA ASP A 382 39.30 6.05 39.67
C ASP A 382 39.36 4.54 39.54
N LYS A 383 38.37 3.87 40.12
CA LYS A 383 38.30 2.40 40.06
C LYS A 383 38.15 1.93 38.62
N SER A 384 37.40 2.68 37.83
CA SER A 384 37.18 2.36 36.43
C SER A 384 38.46 2.49 35.62
N ALA A 385 39.30 3.43 36.02
CA ALA A 385 40.56 3.67 35.33
C ALA A 385 41.58 2.60 35.69
N TYR A 386 41.46 2.05 36.89
CA TYR A 386 42.36 1.00 37.35
C TYR A 386 42.12 -0.30 36.60
N LEU A 387 40.85 -0.64 36.42
CA LEU A 387 40.48 -1.88 35.73
C LEU A 387 40.80 -1.79 34.24
N MET A 388 40.68 -0.59 33.68
CA MET A 388 40.96 -0.37 32.27
C MET A 388 42.44 -0.04 32.05
N GLY A 389 43.14 0.29 33.14
CA GLY A 389 44.54 0.64 33.06
C GLY A 389 44.76 1.99 32.42
N LEU A 390 44.13 3.02 32.98
CA LEU A 390 44.22 4.37 32.45
C LEU A 390 44.92 5.31 33.43
N ASN A 391 44.82 6.61 33.16
CA ASN A 391 45.48 7.62 33.98
C ASN A 391 44.54 8.28 34.98
N SER A 392 43.24 8.19 34.70
CA SER A 392 42.18 8.82 35.52
C SER A 392 42.25 10.35 35.51
N ALA A 393 43.38 10.90 35.08
CA ALA A 393 43.53 12.34 34.95
C ALA A 393 43.35 12.74 33.49
N ASP A 394 44.03 12.02 32.60
CA ASP A 394 43.89 12.26 31.16
C ASP A 394 42.56 11.72 30.67
N LEU A 395 41.98 10.80 31.43
CA LEU A 395 40.70 10.19 31.08
C LEU A 395 39.56 11.19 31.18
N LEU A 396 39.43 11.81 32.36
CA LEU A 396 38.33 12.73 32.62
C LEU A 396 38.49 14.05 31.86
N LYS A 397 39.72 14.35 31.44
CA LYS A 397 39.97 15.56 30.65
C LYS A 397 39.53 15.36 29.21
N GLY A 398 39.88 14.20 28.65
CA GLY A 398 39.50 13.88 27.28
C GLY A 398 38.02 13.55 27.16
N LEU A 399 37.44 13.09 28.26
CA LEU A 399 36.02 12.73 28.29
C LEU A 399 35.16 13.99 28.27
N CYS A 400 35.65 15.05 28.90
CA CYS A 400 34.93 16.31 28.95
C CYS A 400 35.33 17.23 27.81
N HIS A 401 36.62 17.21 27.46
CA HIS A 401 37.13 18.05 26.38
C HIS A 401 37.80 17.21 25.29
N PRO A 402 37.00 16.74 24.31
CA PRO A 402 37.53 15.95 23.20
C PRO A 402 38.28 16.81 22.18
N ARG A 403 38.90 16.17 21.20
CA ARG A 403 39.65 16.88 20.17
C ARG A 403 39.22 16.44 18.78
N VAL A 411 42.29 22.62 17.91
CA VAL A 411 41.32 21.61 17.50
C VAL A 411 40.64 20.97 18.71
N THR A 412 40.62 21.68 19.82
CA THR A 412 40.02 21.18 21.05
C THR A 412 38.60 21.72 21.24
N LYS A 413 37.65 20.82 21.44
CA LYS A 413 36.25 21.20 21.65
C LYS A 413 35.86 21.12 23.11
N GLY A 414 34.56 21.29 23.38
CA GLY A 414 34.04 21.24 24.73
C GLY A 414 32.63 20.70 24.77
N GLN A 415 32.31 19.94 25.80
CA GLN A 415 30.99 19.34 25.94
C GLN A 415 30.39 19.62 27.30
N ASN A 416 29.07 19.62 27.39
CA ASN A 416 28.38 19.83 28.66
C ASN A 416 28.06 18.51 29.35
N VAL A 417 27.21 18.57 30.37
CA VAL A 417 26.89 17.40 31.17
C VAL A 417 26.08 16.36 30.38
N GLN A 418 25.26 16.84 29.44
CA GLN A 418 24.40 15.96 28.67
C GLN A 418 25.15 15.30 27.51
N GLN A 419 26.28 15.89 27.12
CA GLN A 419 27.06 15.36 26.01
C GLN A 419 28.09 14.35 26.50
N VAL A 420 28.49 14.47 27.77
CA VAL A 420 29.45 13.54 28.35
C VAL A 420 28.73 12.35 28.98
N ILE A 421 27.43 12.50 29.24
CA ILE A 421 26.65 11.41 29.78
C ILE A 421 26.27 10.44 28.66
N TYR A 422 26.41 10.90 27.42
CA TYR A 422 26.20 10.06 26.26
C TYR A 422 27.51 9.44 25.80
N ALA A 423 28.60 10.16 26.02
CA ALA A 423 29.93 9.70 25.65
C ALA A 423 30.34 8.50 26.51
N THR A 424 30.01 8.55 27.79
CA THR A 424 30.30 7.45 28.70
C THR A 424 29.47 6.22 28.33
N GLY A 425 28.23 6.45 27.91
CA GLY A 425 27.35 5.38 27.52
C GLY A 425 27.73 4.75 26.19
N ALA A 426 28.11 5.60 25.23
CA ALA A 426 28.50 5.12 23.91
C ALA A 426 29.80 4.34 23.97
N LEU A 427 30.73 4.79 24.80
CA LEU A 427 32.00 4.10 24.98
C LEU A 427 31.80 2.76 25.67
N ALA A 428 30.82 2.71 26.58
CA ALA A 428 30.49 1.47 27.27
C ALA A 428 29.96 0.43 26.29
N LYS A 429 29.19 0.88 25.31
CA LYS A 429 28.66 0.01 24.27
C LYS A 429 29.79 -0.45 23.35
N ALA A 430 30.75 0.42 23.12
CA ALA A 430 31.87 0.11 22.25
C ALA A 430 32.76 -0.96 22.87
N VAL A 431 33.06 -0.81 24.15
CA VAL A 431 33.88 -1.77 24.87
C VAL A 431 33.22 -3.15 24.88
N TYR A 432 31.96 -3.19 25.29
CA TYR A 432 31.24 -4.44 25.47
C TYR A 432 31.06 -5.21 24.16
N GLU A 433 30.82 -4.49 23.07
CA GLU A 433 30.59 -5.13 21.78
C GLU A 433 31.89 -5.70 21.21
N ARG A 434 32.94 -4.88 21.21
CA ARG A 434 34.22 -5.28 20.64
C ARG A 434 34.91 -6.34 21.50
N MET A 435 34.51 -6.42 22.76
CA MET A 435 34.97 -7.49 23.65
C MET A 435 34.22 -8.78 23.34
N PHE A 436 32.92 -8.65 23.14
CA PHE A 436 32.07 -9.78 22.78
C PHE A 436 32.48 -10.36 21.43
N ASN A 437 32.84 -9.47 20.50
CA ASN A 437 33.29 -9.89 19.18
C ASN A 437 34.68 -10.51 19.25
N TRP A 438 35.51 -10.00 20.15
CA TRP A 438 36.83 -10.58 20.39
C TRP A 438 36.69 -11.97 21.01
N MET A 439 35.64 -12.12 21.82
CA MET A 439 35.39 -13.37 22.52
C MET A 439 35.10 -14.51 21.55
N VAL A 440 34.22 -14.25 20.59
CA VAL A 440 33.82 -15.29 19.64
C VAL A 440 34.93 -15.63 18.66
N THR A 441 35.86 -14.70 18.45
CA THR A 441 36.98 -14.94 17.55
C THR A 441 38.06 -15.76 18.24
N ARG A 442 38.18 -15.58 19.55
CA ARG A 442 39.11 -16.38 20.34
C ARG A 442 38.58 -17.80 20.48
N ILE A 443 37.26 -17.93 20.57
CA ILE A 443 36.61 -19.23 20.63
C ILE A 443 36.81 -19.99 19.32
N ASN A 444 36.62 -19.28 18.21
CA ASN A 444 36.80 -19.88 16.88
C ASN A 444 38.20 -20.44 16.68
N ALA A 445 39.19 -19.81 17.30
CA ALA A 445 40.57 -20.24 17.19
C ALA A 445 40.77 -21.66 17.72
N THR A 446 40.09 -21.97 18.81
CA THR A 446 40.19 -23.30 19.40
C THR A 446 39.31 -24.30 18.66
N LEU A 447 38.34 -23.79 17.91
CA LEU A 447 37.41 -24.64 17.17
C LEU A 447 37.95 -24.98 15.78
N GLU A 448 39.14 -24.48 15.47
CA GLU A 448 39.78 -24.81 14.19
C GLU A 448 40.84 -25.89 14.37
N THR A 449 40.80 -26.90 13.51
CA THR A 449 41.76 -27.99 13.56
C THR A 449 42.34 -28.27 12.18
N LYS A 450 43.48 -28.95 12.14
CA LYS A 450 44.12 -29.30 10.88
C LYS A 450 43.44 -30.49 10.23
N GLN A 451 42.46 -31.05 10.92
CA GLN A 451 41.71 -32.21 10.44
C GLN A 451 40.96 -31.89 9.14
N PRO A 452 41.13 -32.74 8.12
CA PRO A 452 40.54 -32.57 6.79
C PRO A 452 39.05 -32.30 6.80
N ARG A 453 38.59 -31.40 5.94
CA ARG A 453 37.19 -31.03 5.86
C ARG A 453 36.65 -31.28 4.46
N GLN A 454 35.35 -31.51 4.36
CA GLN A 454 34.73 -31.81 3.07
C GLN A 454 33.44 -31.02 2.88
N TYR A 455 32.48 -31.22 3.79
CA TYR A 455 31.25 -30.44 3.77
C TYR A 455 31.05 -29.76 5.13
N PHE A 456 29.94 -29.04 5.26
CA PHE A 456 29.61 -28.39 6.53
C PHE A 456 28.11 -28.18 6.67
N ILE A 457 27.65 -28.05 7.91
CA ILE A 457 26.25 -27.79 8.19
C ILE A 457 26.10 -26.46 8.93
N GLY A 458 25.35 -25.54 8.35
CA GLY A 458 25.16 -24.23 8.96
C GLY A 458 23.89 -24.14 9.79
N VAL A 459 24.04 -23.92 11.09
CA VAL A 459 22.90 -23.74 11.97
C VAL A 459 22.68 -22.25 12.23
N LEU A 460 21.57 -21.73 11.73
CA LEU A 460 21.28 -20.30 11.82
C LEU A 460 20.11 -20.01 12.75
N ASP A 461 20.31 -19.07 13.66
CA ASP A 461 19.22 -18.59 14.50
C ASP A 461 19.25 -17.07 14.65
N ILE A 462 18.38 -16.40 13.90
CA ILE A 462 18.22 -14.96 14.00
C ILE A 462 16.75 -14.67 14.30
N ALA A 463 16.51 -13.64 15.11
CA ALA A 463 15.15 -13.22 15.44
C ALA A 463 14.34 -12.99 14.17
N GLY A 464 13.23 -13.69 14.04
CA GLY A 464 12.41 -13.62 12.84
C GLY A 464 11.77 -12.26 12.62
N PHE A 465 11.05 -12.14 11.51
CA PHE A 465 10.35 -10.91 11.18
C PHE A 465 9.31 -10.61 12.27
N GLU A 466 9.26 -9.36 12.71
CA GLU A 466 8.33 -8.97 13.77
C GLU A 466 8.01 -7.48 13.69
N ILE A 467 6.74 -7.15 13.79
CA ILE A 467 6.29 -5.76 13.73
C ILE A 467 5.95 -5.24 15.13
N PHE A 468 6.67 -4.21 15.56
CA PHE A 468 6.42 -3.61 16.86
C PHE A 468 5.62 -2.32 16.71
N ASP A 469 5.26 -1.71 17.84
CA ASP A 469 4.58 -0.42 17.82
C ASP A 469 5.58 0.68 17.52
N PHE A 470 6.82 0.48 17.97
CA PHE A 470 7.90 1.41 17.69
C PHE A 470 9.02 0.70 16.92
N ASN A 471 9.07 0.93 15.61
CA ASN A 471 10.09 0.32 14.77
C ASN A 471 11.15 1.34 14.37
N SER A 472 12.37 1.15 14.88
CA SER A 472 13.46 2.07 14.59
C SER A 472 14.46 1.48 13.60
N PHE A 473 15.72 1.91 13.71
CA PHE A 473 16.76 1.44 12.80
C PHE A 473 17.13 -0.01 13.05
N GLU A 474 17.07 -0.43 14.31
CA GLU A 474 17.39 -1.80 14.68
C GLU A 474 16.43 -2.79 14.03
N GLN A 475 15.15 -2.40 13.96
CA GLN A 475 14.14 -3.26 13.37
C GLN A 475 14.30 -3.36 11.86
N LEU A 476 14.83 -2.30 11.25
CA LEU A 476 15.04 -2.29 9.81
C LEU A 476 16.10 -3.30 9.41
N CYS A 477 17.14 -3.42 10.23
CA CYS A 477 18.22 -4.36 9.97
C CYS A 477 17.74 -5.80 10.02
N ILE A 478 16.94 -6.12 11.03
CA ILE A 478 16.40 -7.47 11.19
C ILE A 478 15.40 -7.81 10.09
N ASN A 479 14.47 -6.89 9.83
CA ASN A 479 13.44 -7.10 8.82
C ASN A 479 14.01 -7.14 7.41
N PHE A 480 15.22 -6.62 7.23
CA PHE A 480 15.90 -6.70 5.96
C PHE A 480 16.57 -8.05 5.79
N THR A 481 17.10 -8.58 6.89
CA THR A 481 17.73 -9.89 6.91
C THR A 481 16.71 -10.98 6.60
N ASN A 482 15.58 -10.94 7.30
CA ASN A 482 14.49 -11.89 7.08
C ASN A 482 13.90 -11.77 5.68
N GLU A 483 13.96 -10.57 5.13
CA GLU A 483 13.51 -10.34 3.76
C GLU A 483 14.42 -11.07 2.78
N LYS A 484 15.72 -11.09 3.09
CA LYS A 484 16.72 -11.78 2.29
C LYS A 484 16.62 -13.29 2.49
N LEU A 485 16.32 -13.71 3.72
CA LEU A 485 16.23 -15.12 4.06
C LEU A 485 14.96 -15.75 3.50
N GLN A 486 13.90 -14.96 3.41
CA GLN A 486 12.63 -15.47 2.91
C GLN A 486 12.69 -15.74 1.41
N GLN A 487 13.42 -14.90 0.68
CA GLN A 487 13.63 -15.11 -0.74
C GLN A 487 14.43 -16.39 -0.95
N PHE A 488 15.36 -16.65 -0.04
CA PHE A 488 16.17 -17.86 -0.08
C PHE A 488 15.30 -19.11 0.04
N PHE A 489 14.17 -18.97 0.72
CA PHE A 489 13.20 -20.06 0.83
C PHE A 489 12.32 -20.13 -0.42
N ASN A 490 11.76 -18.98 -0.80
CA ASN A 490 10.85 -18.91 -1.94
C ASN A 490 11.49 -19.41 -3.24
N HIS A 491 12.78 -19.13 -3.40
CA HIS A 491 13.51 -19.63 -4.56
C HIS A 491 13.69 -21.14 -4.47
N HIS A 492 14.02 -21.62 -3.27
CA HIS A 492 14.22 -23.04 -3.06
C HIS A 492 12.92 -23.82 -3.26
N MET A 493 11.82 -23.25 -2.78
CA MET A 493 10.51 -23.85 -2.97
C MET A 493 10.17 -23.90 -4.46
N PHE A 494 10.45 -22.80 -5.15
CA PHE A 494 10.20 -22.70 -6.58
C PHE A 494 10.96 -23.77 -7.37
N VAL A 495 12.17 -24.07 -6.92
CA VAL A 495 12.98 -25.11 -7.56
C VAL A 495 12.34 -26.48 -7.37
N LEU A 496 11.99 -26.81 -6.13
CA LEU A 496 11.37 -28.10 -5.82
C LEU A 496 10.01 -28.24 -6.48
N GLU A 497 9.34 -27.12 -6.72
CA GLU A 497 8.05 -27.13 -7.42
C GLU A 497 8.26 -27.47 -8.90
N GLN A 498 9.20 -26.80 -9.54
CA GLN A 498 9.52 -27.07 -10.94
C GLN A 498 10.00 -28.50 -11.14
N GLU A 499 10.74 -29.02 -10.16
CA GLU A 499 11.21 -30.40 -10.21
C GLU A 499 10.04 -31.37 -10.09
N GLU A 500 8.97 -30.93 -9.41
CA GLU A 500 7.80 -31.75 -9.22
C GLU A 500 6.94 -31.80 -10.48
N TYR A 501 6.50 -30.64 -10.95
CA TYR A 501 5.62 -30.56 -12.12
C TYR A 501 6.24 -31.17 -13.37
N LYS A 502 7.55 -31.01 -13.52
CA LYS A 502 8.24 -31.49 -14.71
C LYS A 502 8.32 -33.01 -14.76
N LYS A 503 8.69 -33.63 -13.65
CA LYS A 503 8.86 -35.08 -13.62
C LYS A 503 7.53 -35.82 -13.45
N GLU A 504 6.46 -35.06 -13.23
CA GLU A 504 5.13 -35.64 -13.14
C GLU A 504 4.42 -35.57 -14.49
N GLY A 505 4.96 -34.75 -15.39
CA GLY A 505 4.41 -34.62 -16.74
C GLY A 505 3.45 -33.46 -16.89
N ILE A 506 3.68 -32.40 -16.13
CA ILE A 506 2.83 -31.21 -16.19
C ILE A 506 3.60 -30.00 -16.69
N GLU A 507 3.14 -29.42 -17.79
CA GLU A 507 3.77 -28.23 -18.33
C GLU A 507 3.25 -26.98 -17.64
N TRP A 508 4.00 -26.52 -16.64
CA TRP A 508 3.61 -25.34 -15.87
C TRP A 508 4.76 -24.35 -15.78
N THR A 509 4.51 -23.11 -16.19
CA THR A 509 5.55 -22.09 -16.20
C THR A 509 5.12 -20.85 -15.43
N PHE A 510 6.00 -20.37 -14.54
CA PHE A 510 5.75 -19.16 -13.78
C PHE A 510 7.07 -18.56 -13.32
N ILE A 511 7.07 -17.25 -13.07
CA ILE A 511 8.28 -16.56 -12.64
C ILE A 511 8.72 -17.04 -11.25
N ASP A 512 10.01 -16.86 -10.96
CA ASP A 512 10.58 -17.32 -9.69
C ASP A 512 9.91 -16.64 -8.50
N PHE A 513 9.64 -17.43 -7.46
CA PHE A 513 8.92 -16.93 -6.29
C PHE A 513 9.76 -15.93 -5.49
N GLY A 514 11.07 -15.99 -5.64
CA GLY A 514 11.96 -15.07 -4.95
C GLY A 514 11.92 -13.68 -5.54
N MET A 515 11.45 -13.58 -6.79
CA MET A 515 11.36 -12.30 -7.48
C MET A 515 10.29 -11.42 -6.86
N ASP A 516 9.35 -12.04 -6.15
CA ASP A 516 8.26 -11.31 -5.52
C ASP A 516 8.79 -10.39 -4.40
N LEU A 517 9.90 -10.78 -3.79
CA LEU A 517 10.47 -10.02 -2.69
C LEU A 517 11.63 -9.15 -3.15
N GLN A 518 11.99 -9.26 -4.42
CA GLN A 518 13.12 -8.50 -4.97
C GLN A 518 12.87 -7.00 -4.93
N ALA A 519 11.63 -6.60 -5.20
CA ALA A 519 11.25 -5.19 -5.22
C ALA A 519 11.48 -4.53 -3.87
N CYS A 520 11.13 -5.23 -2.80
CA CYS A 520 11.29 -4.71 -1.44
C CYS A 520 12.76 -4.66 -1.05
N ILE A 521 13.54 -5.61 -1.56
CA ILE A 521 14.96 -5.68 -1.27
C ILE A 521 15.72 -4.59 -2.02
N ASP A 522 15.34 -4.36 -3.28
CA ASP A 522 15.97 -3.33 -4.09
C ASP A 522 15.80 -1.96 -3.48
N LEU A 523 14.70 -1.76 -2.76
CA LEU A 523 14.44 -0.50 -2.07
C LEU A 523 15.45 -0.27 -0.94
N ILE A 524 16.08 -1.34 -0.49
CA ILE A 524 16.98 -1.27 0.65
C ILE A 524 18.46 -1.25 0.24
N GLU A 525 18.92 -2.31 -0.40
CA GLU A 525 20.35 -2.50 -0.64
C GLU A 525 20.87 -1.80 -1.90
N LYS A 526 20.03 -1.70 -2.92
CA LYS A 526 20.45 -1.10 -4.19
C LYS A 526 20.83 0.37 -4.04
N PRO A 527 21.70 0.88 -4.92
CA PRO A 527 22.12 2.29 -4.96
C PRO A 527 20.95 3.26 -4.87
N MET A 528 21.16 4.38 -4.18
CA MET A 528 20.13 5.38 -3.93
C MET A 528 18.94 4.78 -3.19
N GLY A 529 19.18 3.71 -2.45
CA GLY A 529 18.15 3.08 -1.64
C GLY A 529 18.14 3.65 -0.23
N ILE A 530 17.29 3.11 0.62
CA ILE A 530 17.16 3.58 1.99
C ILE A 530 18.48 3.52 2.74
N MET A 531 19.22 2.43 2.56
CA MET A 531 20.52 2.27 3.18
C MET A 531 21.56 3.16 2.51
N SER A 532 21.50 3.23 1.18
CA SER A 532 22.46 4.01 0.41
C SER A 532 22.38 5.50 0.74
N ILE A 533 21.15 5.99 0.92
CA ILE A 533 20.93 7.39 1.26
C ILE A 533 21.43 7.68 2.68
N LEU A 534 21.19 6.74 3.59
CA LEU A 534 21.63 6.88 4.97
C LEU A 534 23.15 6.94 5.05
N GLU A 535 23.82 6.11 4.26
CA GLU A 535 25.28 6.09 4.22
C GLU A 535 25.82 7.38 3.62
N GLU A 536 25.03 7.99 2.74
CA GLU A 536 25.41 9.25 2.10
C GLU A 536 25.25 10.42 3.06
N GLU A 537 24.17 10.41 3.83
CA GLU A 537 23.86 11.51 4.73
C GLU A 537 24.78 11.51 5.95
N CYS A 538 25.41 10.38 6.23
CA CYS A 538 26.35 10.28 7.34
C CYS A 538 27.70 10.90 6.97
N MET A 539 27.92 11.09 5.67
CA MET A 539 29.15 11.70 5.19
C MET A 539 29.08 13.22 5.27
N PHE A 540 27.87 13.73 5.47
CA PHE A 540 27.66 15.17 5.57
C PHE A 540 27.37 15.58 7.02
N PRO A 541 28.36 16.23 7.66
CA PRO A 541 28.21 16.72 9.04
C PRO A 541 27.05 17.71 9.17
N LYS A 542 26.88 18.54 8.16
CA LYS A 542 25.78 19.50 8.12
C LYS A 542 24.48 18.81 7.74
N ALA A 543 23.91 18.07 8.68
CA ALA A 543 22.69 17.31 8.43
C ALA A 543 21.93 16.99 9.71
N THR A 544 20.77 16.37 9.55
CA THR A 544 19.94 15.97 10.69
C THR A 544 18.95 14.89 10.26
N ASP A 545 18.00 14.58 11.13
CA ASP A 545 16.97 13.60 10.81
C ASP A 545 16.00 14.16 9.78
N MET A 546 15.89 15.48 9.74
CA MET A 546 14.99 16.15 8.80
C MET A 546 15.51 16.07 7.37
N THR A 547 16.82 16.25 7.20
CA THR A 547 17.43 16.24 5.89
C THR A 547 17.40 14.85 5.26
N PHE A 548 17.61 13.83 6.08
CA PHE A 548 17.59 12.46 5.60
C PHE A 548 16.17 12.01 5.26
N LYS A 549 15.22 12.40 6.11
CA LYS A 549 13.82 12.10 5.87
C LYS A 549 13.33 12.72 4.57
N ALA A 550 13.68 13.98 4.36
CA ALA A 550 13.29 14.70 3.15
C ALA A 550 13.94 14.09 1.91
N LYS A 551 15.15 13.59 2.07
CA LYS A 551 15.88 12.98 0.95
C LYS A 551 15.30 11.62 0.60
N LEU A 552 14.64 10.98 1.57
CA LEU A 552 13.99 9.70 1.34
C LEU A 552 12.76 9.85 0.45
N PHE A 553 11.89 10.80 0.80
CA PHE A 553 10.66 11.03 0.05
C PHE A 553 10.94 11.54 -1.36
N ASP A 554 11.98 12.36 -1.50
CA ASP A 554 12.31 12.96 -2.78
C ASP A 554 12.87 11.94 -3.77
N ASN A 555 13.27 10.77 -3.27
CA ASN A 555 13.87 9.75 -4.10
C ASN A 555 12.94 8.58 -4.43
N HIS A 556 12.10 8.21 -3.48
CA HIS A 556 11.34 6.97 -3.61
C HIS A 556 9.82 7.15 -3.71
N LEU A 557 9.27 8.11 -2.98
CA LEU A 557 7.82 8.33 -2.99
C LEU A 557 7.34 8.68 -4.40
N GLY A 558 6.74 7.70 -5.07
CA GLY A 558 6.28 7.88 -6.43
C GLY A 558 7.00 6.94 -7.38
N LYS A 559 8.27 6.67 -7.09
CA LYS A 559 9.07 5.78 -7.94
C LYS A 559 9.08 4.36 -7.39
N SER A 560 9.40 4.23 -6.11
CA SER A 560 9.41 2.92 -5.45
C SER A 560 8.04 2.61 -4.86
N ALA A 561 7.44 1.52 -5.31
CA ALA A 561 6.09 1.16 -4.90
C ALA A 561 6.02 0.70 -3.45
N ASN A 562 7.09 0.06 -2.98
CA ASN A 562 7.14 -0.46 -1.62
C ASN A 562 7.30 0.64 -0.58
N PHE A 563 7.68 1.84 -1.04
CA PHE A 563 7.82 3.00 -0.15
C PHE A 563 6.51 3.80 -0.17
N GLN A 564 5.91 3.98 1.00
CA GLN A 564 4.60 4.63 1.07
C GLN A 564 4.49 5.61 2.24
N LYS A 565 3.34 6.27 2.31
CA LYS A 565 3.05 7.24 3.36
C LYS A 565 2.83 6.55 4.70
N PRO A 566 3.39 7.12 5.79
CA PRO A 566 3.17 6.58 7.14
C PRO A 566 1.71 6.64 7.55
N ARG A 567 1.22 5.58 8.17
CA ARG A 567 -0.17 5.50 8.59
C ARG A 567 -0.34 5.99 10.02
N ASN A 568 -1.46 6.66 10.29
CA ASN A 568 -1.77 7.11 11.64
C ASN A 568 -2.24 5.94 12.50
N ILE A 569 -1.40 5.56 13.46
CA ILE A 569 -1.68 4.40 14.30
C ILE A 569 -2.76 4.69 15.33
N LYS A 570 -3.16 5.96 15.42
CA LYS A 570 -4.17 6.41 16.38
C LYS A 570 -3.77 6.06 17.82
N GLY A 571 -2.47 6.14 18.08
CA GLY A 571 -1.93 5.82 19.39
C GLY A 571 -0.53 6.38 19.56
N LYS A 572 0.36 5.57 20.15
CA LYS A 572 1.74 5.98 20.35
C LYS A 572 2.71 4.85 20.01
N PRO A 573 3.82 5.21 19.33
CA PRO A 573 4.10 6.55 18.84
C PRO A 573 3.72 6.73 17.37
N GLU A 574 4.28 7.74 16.72
CA GLU A 574 4.04 7.98 15.31
C GLU A 574 5.35 7.90 14.52
N ALA A 575 5.31 7.24 13.37
CA ALA A 575 6.50 7.06 12.54
C ALA A 575 6.58 8.11 11.45
N HIS A 576 7.55 7.95 10.55
CA HIS A 576 7.79 8.93 9.50
C HIS A 576 7.56 8.38 8.10
N PHE A 577 7.63 7.05 7.95
CA PHE A 577 7.36 6.41 6.67
C PHE A 577 7.02 4.93 6.83
N SER A 578 6.41 4.36 5.80
CA SER A 578 6.00 2.96 5.84
C SER A 578 6.74 2.13 4.78
N LEU A 579 6.94 0.85 5.08
CA LEU A 579 7.63 -0.06 4.17
C LEU A 579 6.85 -1.35 4.01
N ILE A 580 6.55 -1.73 2.77
CA ILE A 580 5.78 -2.93 2.50
C ILE A 580 6.67 -4.15 2.31
N HIS A 581 6.71 -5.00 3.33
CA HIS A 581 7.48 -6.23 3.27
C HIS A 581 6.60 -7.39 2.81
N TYR A 582 7.14 -8.60 2.88
CA TYR A 582 6.38 -9.80 2.51
C TYR A 582 5.41 -10.18 3.62
N ALA A 583 5.80 -9.87 4.86
CA ALA A 583 4.99 -10.19 6.02
C ALA A 583 3.88 -9.16 6.22
N GLY A 584 4.15 -7.92 5.81
CA GLY A 584 3.18 -6.85 5.95
C GLY A 584 3.78 -5.47 5.75
N ILE A 585 3.15 -4.47 6.35
CA ILE A 585 3.63 -3.09 6.24
C ILE A 585 4.11 -2.57 7.58
N VAL A 586 5.33 -2.05 7.60
CA VAL A 586 5.95 -1.59 8.84
C VAL A 586 6.21 -0.08 8.82
N ASP A 587 5.82 0.58 9.91
CA ASP A 587 6.08 2.01 10.06
C ASP A 587 7.39 2.24 10.81
N TYR A 588 8.32 2.95 10.18
CA TYR A 588 9.64 3.16 10.77
C TYR A 588 9.86 4.58 11.28
N ASN A 589 10.47 4.68 12.46
CA ASN A 589 10.82 5.97 13.04
C ASN A 589 12.26 6.34 12.73
N ILE A 590 12.46 7.51 12.13
CA ILE A 590 13.77 7.92 11.64
C ILE A 590 14.64 8.60 12.70
N ILE A 591 13.99 9.15 13.73
CA ILE A 591 14.69 9.89 14.78
C ILE A 591 15.84 9.11 15.40
N GLY A 592 17.06 9.51 15.07
CA GLY A 592 18.24 8.91 15.66
C GLY A 592 19.03 8.00 14.75
N TRP A 593 18.56 7.81 13.52
CA TRP A 593 19.18 6.89 12.58
C TRP A 593 20.57 7.34 12.15
N LEU A 594 20.75 8.64 11.99
CA LEU A 594 22.03 9.19 11.55
C LEU A 594 23.12 8.96 12.58
N GLN A 595 22.75 9.03 13.85
CA GLN A 595 23.70 8.88 14.95
C GLN A 595 24.05 7.41 15.17
N LYS A 596 23.04 6.54 15.09
CA LYS A 596 23.23 5.11 15.32
C LYS A 596 24.05 4.47 14.21
N ASN A 597 23.96 5.03 13.01
CA ASN A 597 24.62 4.45 11.85
C ASN A 597 26.14 4.58 11.90
N LYS A 598 26.64 5.80 11.95
CA LYS A 598 28.08 6.03 11.96
C LYS A 598 28.67 5.78 13.35
N ASP A 599 27.83 5.88 14.37
CA ASP A 599 28.20 5.59 15.75
C ASP A 599 29.41 6.41 16.22
N PRO A 600 29.16 7.65 16.69
CA PRO A 600 30.22 8.54 17.16
C PRO A 600 30.81 8.12 18.50
N LEU A 601 32.14 8.21 18.62
CA LEU A 601 32.81 7.87 19.86
C LEU A 601 33.88 8.90 20.22
N ASN A 602 34.06 9.13 21.52
CA ASN A 602 35.09 10.05 22.00
C ASN A 602 36.48 9.51 21.64
N GLU A 603 36.99 9.93 20.49
CA GLU A 603 38.24 9.39 19.95
C GLU A 603 39.45 9.69 20.83
N THR A 604 39.31 10.64 21.75
CA THR A 604 40.37 10.93 22.70
C THR A 604 40.45 9.81 23.75
N VAL A 605 39.29 9.41 24.27
CA VAL A 605 39.21 8.31 25.21
C VAL A 605 39.54 7.01 24.50
N VAL A 606 39.09 6.89 23.26
CA VAL A 606 39.41 5.74 22.43
C VAL A 606 40.92 5.69 22.18
N GLY A 607 41.52 6.86 22.00
CA GLY A 607 42.95 6.95 21.84
C GLY A 607 43.68 6.52 23.10
N LEU A 608 43.08 6.78 24.25
CA LEU A 608 43.64 6.36 25.53
C LEU A 608 43.49 4.86 25.72
N TYR A 609 42.42 4.30 25.14
CA TYR A 609 42.18 2.87 25.21
C TYR A 609 43.26 2.11 24.44
N GLN A 610 43.69 2.68 23.32
CA GLN A 610 44.72 2.08 22.48
C GLN A 610 46.05 1.99 23.20
N LYS A 611 46.26 2.87 24.17
CA LYS A 611 47.49 2.87 24.97
C LYS A 611 47.18 2.63 26.44
N SER A 612 46.92 1.38 26.79
CA SER A 612 46.61 1.03 28.17
C SER A 612 47.49 -0.12 28.67
N SER A 613 47.58 -0.25 29.98
CA SER A 613 48.36 -1.32 30.58
C SER A 613 47.70 -2.67 30.34
N LEU A 614 46.38 -2.71 30.43
CA LEU A 614 45.62 -3.92 30.13
C LEU A 614 45.66 -4.20 28.63
N LYS A 615 46.27 -5.33 28.26
CA LYS A 615 46.51 -5.65 26.87
C LYS A 615 45.22 -5.94 26.10
N LEU A 616 44.18 -6.39 26.82
CA LEU A 616 42.92 -6.73 26.19
C LEU A 616 42.19 -5.49 25.66
N LEU A 617 42.12 -4.46 26.49
CA LEU A 617 41.43 -3.23 26.12
C LEU A 617 42.07 -2.55 24.91
N SER A 618 43.40 -2.58 24.86
CA SER A 618 44.13 -1.96 23.77
C SER A 618 44.09 -2.81 22.50
N THR A 619 43.77 -4.09 22.66
CA THR A 619 43.72 -5.02 21.54
C THR A 619 42.44 -4.87 20.74
N LEU A 620 41.30 -4.85 21.43
CA LEU A 620 40.00 -4.79 20.78
C LEU A 620 39.61 -3.37 20.38
N PHE A 621 40.53 -2.42 20.59
CA PHE A 621 40.30 -1.05 20.17
C PHE A 621 41.34 -0.59 19.16
N ALA A 622 42.08 -1.55 18.59
CA ALA A 622 43.06 -1.24 17.56
C ALA A 622 42.35 -0.78 16.29
N ASN A 623 43.10 -0.14 15.40
CA ASN A 623 42.57 0.42 14.16
C ASN A 623 41.43 1.39 14.40
N TYR A 624 40.20 0.92 14.17
CA TYR A 624 39.00 1.73 14.37
C TYR A 624 39.01 3.00 13.51
N GLN A 645 32.64 1.62 7.39
CA GLN A 645 32.88 1.65 8.83
C GLN A 645 31.58 1.89 9.60
N THR A 646 30.51 2.18 8.87
CA THR A 646 29.21 2.41 9.49
C THR A 646 28.48 1.08 9.74
N VAL A 647 27.51 1.12 10.65
CA VAL A 647 26.77 -0.09 11.03
C VAL A 647 25.97 -0.66 9.86
N SER A 648 25.28 0.20 9.14
CA SER A 648 24.46 -0.22 8.00
C SER A 648 25.31 -0.85 6.91
N ALA A 649 26.54 -0.36 6.75
CA ALA A 649 27.47 -0.90 5.77
C ALA A 649 28.12 -2.18 6.29
N LEU A 650 28.27 -2.26 7.61
CA LEU A 650 28.85 -3.44 8.23
C LEU A 650 27.89 -4.62 8.16
N HIS A 651 26.63 -4.35 8.44
CA HIS A 651 25.59 -5.39 8.39
C HIS A 651 25.44 -5.94 6.97
N ARG A 652 25.71 -5.09 5.98
CA ARG A 652 25.67 -5.51 4.59
C ARG A 652 26.78 -6.50 4.30
N GLU A 653 27.93 -6.30 4.94
CA GLU A 653 29.08 -7.17 4.74
C GLU A 653 28.86 -8.55 5.36
N ASN A 654 28.19 -8.57 6.51
CA ASN A 654 27.92 -9.81 7.22
C ASN A 654 26.81 -10.62 6.57
N LEU A 655 25.78 -9.93 6.10
CA LEU A 655 24.62 -10.60 5.50
C LEU A 655 24.97 -11.19 4.14
N ASN A 656 25.84 -10.52 3.40
CA ASN A 656 26.22 -10.98 2.07
C ASN A 656 27.03 -12.27 2.11
N LYS A 657 27.91 -12.41 3.10
CA LYS A 657 28.70 -13.63 3.25
C LYS A 657 27.85 -14.74 3.85
N LEU A 658 26.81 -14.35 4.57
CA LEU A 658 25.86 -15.31 5.13
C LEU A 658 25.01 -15.92 4.02
N MET A 659 24.49 -15.07 3.15
CA MET A 659 23.69 -15.51 2.02
C MET A 659 24.54 -16.31 1.03
N THR A 660 25.81 -15.94 0.92
CA THR A 660 26.73 -16.63 0.03
C THR A 660 26.94 -18.07 0.47
N ASN A 661 27.09 -18.25 1.79
CA ASN A 661 27.21 -19.59 2.36
C ASN A 661 25.92 -20.40 2.20
N LEU A 662 24.80 -19.76 2.48
CA LEU A 662 23.50 -20.43 2.45
C LEU A 662 23.13 -20.94 1.05
N ARG A 663 23.49 -20.17 0.03
CA ARG A 663 23.17 -20.57 -1.35
C ARG A 663 24.05 -21.73 -1.81
N SER A 664 25.07 -22.04 -1.01
CA SER A 664 25.95 -23.16 -1.30
C SER A 664 25.58 -24.38 -0.47
N THR A 665 24.40 -24.34 0.14
CA THR A 665 23.97 -25.39 1.06
C THR A 665 22.59 -25.97 0.71
N HIS A 666 22.27 -27.08 1.35
CA HIS A 666 20.94 -27.68 1.27
C HIS A 666 20.11 -27.16 2.43
N PRO A 667 19.16 -26.27 2.15
CA PRO A 667 18.39 -25.56 3.18
C PRO A 667 17.32 -26.42 3.88
N HIS A 668 17.27 -26.30 5.20
CA HIS A 668 16.23 -26.95 6.00
C HIS A 668 15.64 -25.94 6.97
N PHE A 669 14.33 -25.72 6.88
CA PHE A 669 13.70 -24.60 7.57
C PHE A 669 12.93 -25.01 8.82
N VAL A 670 13.29 -24.41 9.95
CA VAL A 670 12.64 -24.68 11.22
C VAL A 670 11.99 -23.43 11.78
N ARG A 671 10.69 -23.49 12.03
CA ARG A 671 9.95 -22.33 12.52
C ARG A 671 9.48 -22.52 13.96
N CYS A 672 9.87 -21.59 14.83
CA CYS A 672 9.48 -21.64 16.24
C CYS A 672 8.29 -20.74 16.53
N ILE A 673 7.35 -21.23 17.32
CA ILE A 673 6.14 -20.48 17.66
C ILE A 673 5.96 -20.38 19.17
N ILE A 674 5.71 -19.17 19.65
CA ILE A 674 5.41 -18.96 21.06
C ILE A 674 3.90 -18.86 21.29
N PRO A 675 3.37 -19.72 22.17
CA PRO A 675 1.93 -19.81 22.45
C PRO A 675 1.33 -18.54 23.06
N ASN A 676 1.89 -18.08 24.17
CA ASN A 676 1.34 -16.93 24.89
C ASN A 676 2.37 -16.21 25.75
N GLU A 677 1.99 -15.06 26.28
CA GLU A 677 2.87 -14.27 27.13
C GLU A 677 2.79 -14.70 28.59
N THR A 678 1.77 -15.50 28.91
CA THR A 678 1.58 -15.98 30.28
C THR A 678 2.49 -17.16 30.60
N LYS A 679 3.24 -17.61 29.60
CA LYS A 679 4.15 -18.74 29.73
C LYS A 679 3.44 -20.01 30.21
N SER A 680 2.20 -20.18 29.76
CA SER A 680 1.39 -21.33 30.17
C SER A 680 1.32 -22.37 29.05
N PRO A 681 1.56 -23.64 29.41
CA PRO A 681 1.55 -24.76 28.45
C PRO A 681 0.14 -25.23 28.11
N GLY A 682 -0.06 -25.62 26.86
CA GLY A 682 -1.34 -26.17 26.43
C GLY A 682 -2.31 -25.18 25.84
N VAL A 683 -2.05 -23.90 26.05
CA VAL A 683 -2.96 -22.86 25.56
C VAL A 683 -2.33 -22.01 24.45
N MET A 684 -3.16 -21.53 23.54
CA MET A 684 -2.70 -20.71 22.43
C MET A 684 -3.56 -19.47 22.23
N ASP A 685 -2.91 -18.32 22.09
CA ASP A 685 -3.62 -17.08 21.77
C ASP A 685 -3.68 -16.90 20.25
N ASN A 686 -4.89 -16.97 19.71
CA ASN A 686 -5.10 -16.90 18.25
C ASN A 686 -4.49 -15.68 17.56
N PRO A 687 -4.68 -14.46 18.11
CA PRO A 687 -4.06 -13.33 17.39
C PRO A 687 -2.54 -13.33 17.47
N LEU A 688 -1.98 -13.91 18.52
CA LEU A 688 -0.53 -13.95 18.69
C LEU A 688 0.11 -14.94 17.72
N VAL A 689 -0.45 -16.15 17.65
CA VAL A 689 0.07 -17.18 16.76
C VAL A 689 -0.09 -16.78 15.30
N MET A 690 -1.22 -16.15 14.97
CA MET A 690 -1.48 -15.69 13.61
C MET A 690 -0.49 -14.62 13.18
N HIS A 691 -0.02 -13.83 14.14
CA HIS A 691 0.98 -12.80 13.85
C HIS A 691 2.27 -13.45 13.36
N GLN A 692 2.70 -14.49 14.05
CA GLN A 692 3.93 -15.20 13.71
C GLN A 692 3.80 -15.93 12.38
N LEU A 693 2.65 -16.58 12.17
CA LEU A 693 2.40 -17.34 10.95
C LEU A 693 2.44 -16.44 9.71
N ARG A 694 2.03 -15.18 9.88
CA ARG A 694 2.08 -14.21 8.79
C ARG A 694 3.48 -13.64 8.63
N CYS A 695 4.24 -13.64 9.72
CA CYS A 695 5.60 -13.10 9.71
C CYS A 695 6.58 -14.05 9.06
N ASN A 696 6.63 -15.30 9.55
CA ASN A 696 7.51 -16.30 8.95
C ASN A 696 6.94 -16.80 7.63
N GLY A 697 7.70 -17.63 6.94
CA GLY A 697 7.32 -18.07 5.60
C GLY A 697 6.24 -19.14 5.55
N VAL A 698 5.66 -19.48 6.69
CA VAL A 698 4.65 -20.52 6.77
C VAL A 698 3.46 -20.24 5.85
N LEU A 699 2.80 -19.10 6.07
CA LEU A 699 1.68 -18.70 5.23
C LEU A 699 2.17 -18.16 3.89
N GLU A 700 3.42 -17.69 3.86
CA GLU A 700 4.03 -17.21 2.63
C GLU A 700 4.32 -18.37 1.69
N GLY A 701 4.81 -19.47 2.25
CA GLY A 701 5.10 -20.66 1.47
C GLY A 701 3.84 -21.31 0.92
N ILE A 702 2.73 -21.11 1.62
CA ILE A 702 1.45 -21.66 1.19
C ILE A 702 0.88 -20.88 0.02
N ARG A 703 0.95 -19.56 0.09
CA ARG A 703 0.35 -18.71 -0.94
C ARG A 703 1.13 -18.76 -2.25
N ILE A 704 2.43 -19.02 -2.18
CA ILE A 704 3.25 -19.08 -3.39
C ILE A 704 3.09 -20.42 -4.09
N CYS A 705 2.67 -21.43 -3.34
CA CYS A 705 2.40 -22.75 -3.92
C CYS A 705 0.99 -22.80 -4.47
N ARG A 706 0.15 -21.88 -4.00
CA ARG A 706 -1.23 -21.79 -4.47
C ARG A 706 -1.28 -21.26 -5.90
N LYS A 707 -0.25 -20.51 -6.28
CA LYS A 707 -0.15 -19.95 -7.63
C LYS A 707 -0.23 -21.03 -8.70
N GLY A 708 0.33 -22.20 -8.40
CA GLY A 708 0.27 -23.33 -9.30
C GLY A 708 -0.88 -24.25 -8.95
N PHE A 709 -0.56 -25.54 -8.76
CA PHE A 709 -1.57 -26.52 -8.38
C PHE A 709 -1.19 -27.18 -7.05
N PRO A 710 -1.73 -26.65 -5.94
CA PRO A 710 -1.41 -27.12 -4.59
C PRO A 710 -1.94 -28.52 -4.29
N ASN A 711 -3.23 -28.74 -4.46
CA ASN A 711 -3.86 -30.02 -4.14
C ASN A 711 -3.50 -31.11 -5.14
N ARG A 712 -2.88 -32.18 -4.65
CA ARG A 712 -2.44 -33.28 -5.51
C ARG A 712 -2.93 -34.63 -4.96
N ILE A 713 -3.73 -35.31 -5.76
CA ILE A 713 -4.33 -36.59 -5.33
C ILE A 713 -3.97 -37.72 -6.28
N LEU A 714 -3.66 -38.88 -5.71
CA LEU A 714 -3.37 -40.08 -6.49
C LEU A 714 -4.61 -40.54 -7.25
N TYR A 715 -4.40 -41.20 -8.38
CA TYR A 715 -5.50 -41.68 -9.22
C TYR A 715 -6.38 -42.68 -8.48
N GLY A 716 -5.75 -43.58 -7.73
CA GLY A 716 -6.48 -44.60 -6.99
C GLY A 716 -7.35 -44.01 -5.90
N ASP A 717 -6.78 -43.08 -5.14
CA ASP A 717 -7.51 -42.44 -4.04
C ASP A 717 -8.60 -41.50 -4.57
N PHE A 718 -8.40 -41.00 -5.79
CA PHE A 718 -9.37 -40.11 -6.40
C PHE A 718 -10.62 -40.87 -6.83
N ARG A 719 -10.43 -42.08 -7.33
CA ARG A 719 -11.54 -42.93 -7.76
C ARG A 719 -12.41 -43.33 -6.58
N GLN A 720 -11.77 -43.82 -5.53
CA GLN A 720 -12.46 -44.29 -4.34
C GLN A 720 -13.28 -43.18 -3.66
N ARG A 721 -12.77 -41.95 -3.73
CA ARG A 721 -13.39 -40.83 -3.03
C ARG A 721 -14.48 -40.16 -3.85
N TYR A 722 -14.23 -39.93 -5.12
CA TYR A 722 -15.16 -39.15 -5.95
C TYR A 722 -15.77 -39.95 -7.09
N ARG A 723 -16.13 -41.20 -6.83
CA ARG A 723 -16.85 -42.01 -7.82
C ARG A 723 -18.35 -41.75 -7.73
N ILE A 724 -18.83 -41.60 -6.51
CA ILE A 724 -20.26 -41.42 -6.24
C ILE A 724 -20.83 -40.16 -6.89
N LEU A 725 -19.94 -39.26 -7.31
CA LEU A 725 -20.36 -38.03 -7.98
C LEU A 725 -20.95 -38.34 -9.35
N ASN A 726 -20.32 -39.29 -10.05
CA ASN A 726 -20.81 -39.76 -11.34
C ASN A 726 -20.20 -41.10 -11.70
N PRO A 727 -20.98 -42.19 -11.58
CA PRO A 727 -20.51 -43.54 -11.86
C PRO A 727 -20.20 -43.78 -13.34
N ALA A 728 -19.25 -43.02 -13.88
CA ALA A 728 -18.82 -43.18 -15.26
C ALA A 728 -17.49 -43.93 -15.31
N ALA A 729 -16.94 -44.23 -14.14
CA ALA A 729 -15.69 -44.95 -14.04
C ALA A 729 -15.92 -46.44 -14.29
N ILE A 730 -17.15 -46.89 -14.06
CA ILE A 730 -17.62 -48.28 -14.24
C ILE A 730 -16.83 -49.31 -13.41
N PRO A 731 -17.50 -50.41 -13.03
CA PRO A 731 -16.82 -51.49 -12.30
C PRO A 731 -15.93 -52.34 -13.22
N ILE A 736 -11.47 -49.77 -17.71
CA ILE A 736 -11.40 -49.98 -16.27
C ILE A 736 -10.04 -49.55 -15.74
N ASP A 737 -9.51 -48.46 -16.30
CA ASP A 737 -8.20 -47.94 -15.89
C ASP A 737 -8.34 -46.67 -15.07
N SER A 738 -7.50 -46.53 -14.06
CA SER A 738 -7.52 -45.37 -13.18
C SER A 738 -7.11 -44.09 -13.92
N ARG A 739 -6.13 -44.24 -14.81
CA ARG A 739 -5.62 -43.12 -15.59
C ARG A 739 -6.66 -42.62 -16.60
N LYS A 740 -7.30 -43.58 -17.26
CA LYS A 740 -8.30 -43.25 -18.28
C LYS A 740 -9.64 -42.92 -17.65
N GLY A 741 -9.88 -43.46 -16.46
CA GLY A 741 -11.14 -43.27 -15.76
C GLY A 741 -11.25 -41.90 -15.09
N ALA A 742 -10.12 -41.41 -14.58
CA ALA A 742 -10.10 -40.10 -13.95
C ALA A 742 -10.37 -38.99 -14.96
N GLU A 743 -9.95 -39.21 -16.20
CA GLU A 743 -10.19 -38.25 -17.26
C GLU A 743 -11.68 -38.15 -17.59
N LYS A 744 -12.33 -39.30 -17.75
CA LYS A 744 -13.72 -39.36 -18.16
C LYS A 744 -14.65 -38.93 -17.03
N LEU A 745 -14.21 -39.13 -15.79
CA LEU A 745 -15.01 -38.74 -14.63
C LEU A 745 -15.06 -37.22 -14.52
N LEU A 746 -13.93 -36.57 -14.76
CA LEU A 746 -13.86 -35.11 -14.66
C LEU A 746 -14.41 -34.42 -15.90
N SER A 747 -14.18 -35.02 -17.07
CA SER A 747 -14.62 -34.42 -18.33
C SER A 747 -16.14 -34.40 -18.45
N SER A 748 -16.80 -35.36 -17.81
CA SER A 748 -18.25 -35.47 -17.88
C SER A 748 -18.94 -34.44 -16.98
N LEU A 749 -18.27 -34.06 -15.90
CA LEU A 749 -18.84 -33.12 -14.94
C LEU A 749 -18.88 -31.70 -15.47
N ASP A 750 -19.90 -30.95 -15.05
CA ASP A 750 -20.00 -29.54 -15.38
C ASP A 750 -18.93 -28.78 -14.61
N ILE A 751 -17.71 -28.74 -15.15
CA ILE A 751 -16.56 -28.25 -14.41
C ILE A 751 -15.56 -27.52 -15.32
N ASP A 752 -14.75 -26.64 -14.73
CA ASP A 752 -13.67 -25.99 -15.44
C ASP A 752 -12.55 -26.99 -15.71
N HIS A 753 -12.28 -27.25 -16.98
CA HIS A 753 -11.29 -28.26 -17.35
C HIS A 753 -9.89 -27.68 -17.43
N ASN A 754 -9.73 -26.45 -16.96
CA ASN A 754 -8.43 -25.79 -16.97
C ASN A 754 -7.87 -25.62 -15.56
N GLN A 755 -8.61 -26.12 -14.57
CA GLN A 755 -8.18 -26.04 -13.18
C GLN A 755 -7.56 -27.34 -12.69
N TYR A 756 -7.32 -28.26 -13.62
CA TYR A 756 -6.63 -29.50 -13.29
C TYR A 756 -5.75 -30.00 -14.44
N LYS A 757 -4.63 -30.61 -14.08
CA LYS A 757 -3.72 -31.18 -15.06
C LYS A 757 -3.42 -32.63 -14.72
N PHE A 758 -3.36 -33.48 -15.74
CA PHE A 758 -3.12 -34.91 -15.51
C PHE A 758 -1.63 -35.24 -15.54
N GLY A 759 -1.21 -36.08 -14.59
CA GLY A 759 0.18 -36.49 -14.51
C GLY A 759 0.29 -37.99 -14.27
N HIS A 760 1.51 -38.43 -13.93
CA HIS A 760 1.75 -39.84 -13.68
C HIS A 760 2.69 -40.04 -12.49
N THR A 761 2.17 -40.61 -11.41
CA THR A 761 0.77 -41.02 -11.35
C THR A 761 0.03 -40.23 -10.29
N LYS A 762 -0.45 -39.04 -10.67
CA LYS A 762 -1.13 -38.14 -9.74
C LYS A 762 -1.96 -37.11 -10.49
N VAL A 763 -3.01 -36.60 -9.85
CA VAL A 763 -3.86 -35.58 -10.45
C VAL A 763 -3.73 -34.25 -9.72
N PHE A 764 -3.29 -33.22 -10.44
CA PHE A 764 -3.09 -31.90 -9.85
C PHE A 764 -4.36 -31.07 -9.90
N PHE A 765 -4.73 -30.49 -8.76
CA PHE A 765 -5.93 -29.67 -8.67
C PHE A 765 -5.61 -28.23 -8.33
N LYS A 766 -6.56 -27.34 -8.59
CA LYS A 766 -6.41 -25.93 -8.22
C LYS A 766 -6.77 -25.77 -6.74
N ALA A 767 -6.61 -24.56 -6.22
CA ALA A 767 -6.87 -24.29 -4.81
C ALA A 767 -8.34 -24.49 -4.46
N GLY A 768 -9.20 -23.68 -5.06
CA GLY A 768 -10.63 -23.72 -4.75
C GLY A 768 -11.41 -24.73 -5.56
N LEU A 769 -10.70 -25.61 -6.27
CA LEU A 769 -11.35 -26.64 -7.08
C LEU A 769 -11.74 -27.85 -6.23
N LEU A 770 -10.80 -28.33 -5.42
CA LEU A 770 -11.04 -29.50 -4.58
C LEU A 770 -12.07 -29.20 -3.50
N GLY A 771 -12.19 -27.92 -3.14
CA GLY A 771 -13.19 -27.50 -2.18
C GLY A 771 -14.58 -27.57 -2.77
N LEU A 772 -14.66 -27.51 -4.09
CA LEU A 772 -15.92 -27.61 -4.81
C LEU A 772 -16.34 -29.07 -4.97
N LEU A 773 -15.36 -29.94 -5.18
CA LEU A 773 -15.61 -31.37 -5.34
C LEU A 773 -16.21 -31.97 -4.08
N GLU A 774 -15.65 -31.60 -2.93
CA GLU A 774 -16.16 -32.07 -1.64
C GLU A 774 -17.53 -31.48 -1.36
N GLU A 775 -17.76 -30.27 -1.87
CA GLU A 775 -19.05 -29.59 -1.70
C GLU A 775 -20.14 -30.32 -2.47
N MET A 776 -19.80 -30.80 -3.66
CA MET A 776 -20.75 -31.54 -4.49
C MET A 776 -20.94 -32.96 -3.97
N ARG A 777 -19.88 -33.50 -3.37
CA ARG A 777 -19.92 -34.86 -2.85
C ARG A 777 -20.86 -34.99 -1.66
N ASP A 778 -20.75 -34.05 -0.73
CA ASP A 778 -21.60 -34.05 0.47
C ASP A 778 -23.04 -33.74 0.10
N GLU A 779 -23.22 -32.92 -0.94
CA GLU A 779 -24.55 -32.57 -1.42
C GLU A 779 -25.19 -33.78 -2.09
N ARG A 780 -24.36 -34.63 -2.67
CA ARG A 780 -24.83 -35.86 -3.33
C ARG A 780 -25.21 -36.90 -2.29
N LEU A 781 -24.45 -36.96 -1.21
CA LEU A 781 -24.72 -37.91 -0.13
C LEU A 781 -26.02 -37.57 0.60
N SER A 782 -26.28 -36.27 0.73
CA SER A 782 -27.51 -35.81 1.36
C SER A 782 -28.73 -36.22 0.53
N ARG A 783 -28.58 -36.21 -0.78
CA ARG A 783 -29.65 -36.63 -1.68
C ARG A 783 -29.90 -38.13 -1.58
N ILE A 784 -28.83 -38.89 -1.37
CA ILE A 784 -28.93 -40.35 -1.26
C ILE A 784 -29.61 -40.78 0.03
N ILE A 785 -29.12 -40.29 1.16
CA ILE A 785 -29.60 -40.71 2.47
C ILE A 785 -31.09 -40.36 2.69
N THR A 786 -31.55 -39.28 2.05
CA THR A 786 -32.93 -38.86 2.23
C THR A 786 -33.88 -39.70 1.37
N ARG A 787 -33.35 -40.27 0.29
CA ARG A 787 -34.17 -41.10 -0.59
C ARG A 787 -34.24 -42.52 -0.06
N THR A 788 -33.13 -43.01 0.48
CA THR A 788 -33.11 -44.34 1.10
C THR A 788 -34.00 -44.37 2.33
N GLN A 789 -34.15 -43.21 2.97
CA GLN A 789 -35.00 -43.09 4.14
C GLN A 789 -36.47 -43.13 3.73
N ALA A 790 -36.77 -42.50 2.59
CA ALA A 790 -38.14 -42.46 2.08
C ALA A 790 -38.56 -43.81 1.51
N ALA A 791 -37.61 -44.50 0.88
CA ALA A 791 -37.88 -45.82 0.32
C ALA A 791 -38.09 -46.85 1.42
N GLU A 792 -37.38 -46.66 2.54
CA GLU A 792 -37.49 -47.55 3.68
C GLU A 792 -38.82 -47.34 4.40
N GLU A 793 -39.36 -46.14 4.29
CA GLU A 793 -40.64 -45.80 4.93
C GLU A 793 -41.79 -46.64 4.38
N LEU A 794 -41.78 -46.87 3.08
CA LEU A 794 -42.84 -47.62 2.42
C LEU A 794 -42.82 -49.10 2.81
N PHE A 795 -41.63 -49.60 3.12
CA PHE A 795 -41.47 -51.00 3.50
C PHE A 795 -40.93 -51.14 4.93
N THR A 796 -41.49 -50.35 5.83
CA THR A 796 -41.04 -50.34 7.22
C THR A 796 -41.63 -51.50 8.02
N GLY A 797 -42.68 -52.10 7.48
CA GLY A 797 -43.34 -53.21 8.15
C GLY A 797 -43.97 -54.20 7.19
N VAL A 798 -44.99 -54.91 7.66
CA VAL A 798 -45.67 -55.91 6.86
C VAL A 798 -46.62 -55.26 5.86
N VAL A 799 -46.42 -55.58 4.58
CA VAL A 799 -47.25 -55.02 3.51
C VAL A 799 -47.94 -56.11 2.70
N PRO A 800 -49.26 -56.04 2.58
CA PRO A 800 -50.06 -57.01 1.82
C PRO A 800 -49.70 -57.01 0.33
N ILE A 801 -49.79 -58.18 -0.31
CA ILE A 801 -49.42 -58.31 -1.71
C ILE A 801 -50.54 -58.95 -2.54
N LEU A 802 -50.82 -58.36 -3.69
CA LEU A 802 -51.79 -58.93 -4.63
C LEU A 802 -51.13 -59.19 -5.99
N VAL A 803 -51.20 -60.43 -6.44
CA VAL A 803 -50.60 -60.82 -7.72
C VAL A 803 -51.65 -61.35 -8.69
N GLU A 804 -51.72 -60.75 -9.88
CA GLU A 804 -52.65 -61.17 -10.90
C GLU A 804 -51.93 -61.51 -12.20
N LEU A 805 -52.15 -62.71 -12.71
CA LEU A 805 -51.44 -63.17 -13.91
C LEU A 805 -52.41 -63.67 -14.98
N ASP A 806 -52.20 -63.20 -16.21
CA ASP A 806 -52.94 -63.69 -17.37
C ASP A 806 -51.96 -64.29 -18.38
N GLY A 807 -51.85 -65.61 -18.37
CA GLY A 807 -50.88 -66.30 -19.21
C GLY A 807 -51.47 -66.96 -20.44
N ASP A 808 -50.60 -67.28 -21.39
CA ASP A 808 -51.00 -67.92 -22.64
C ASP A 808 -49.81 -68.65 -23.26
N VAL A 809 -49.65 -69.92 -22.92
CA VAL A 809 -48.53 -70.71 -23.43
C VAL A 809 -49.00 -71.76 -24.45
N ASN A 810 -48.42 -71.71 -25.64
CA ASN A 810 -48.74 -72.64 -26.72
C ASN A 810 -50.24 -72.65 -27.04
N GLY A 811 -50.87 -71.48 -26.94
CA GLY A 811 -52.29 -71.35 -27.23
C GLY A 811 -53.18 -71.61 -26.04
N HIS A 812 -52.64 -72.29 -25.02
CA HIS A 812 -53.40 -72.61 -23.83
C HIS A 812 -53.63 -71.38 -22.96
N LYS A 813 -54.90 -71.00 -22.79
CA LYS A 813 -55.25 -69.84 -21.98
C LYS A 813 -55.44 -70.22 -20.51
N PHE A 814 -55.01 -69.34 -19.62
CA PHE A 814 -55.18 -69.55 -18.19
C PHE A 814 -55.02 -68.25 -17.40
N SER A 815 -55.57 -68.22 -16.19
CA SER A 815 -55.49 -67.04 -15.33
C SER A 815 -55.18 -67.44 -13.90
N VAL A 816 -54.20 -66.77 -13.29
CA VAL A 816 -53.81 -67.07 -11.93
C VAL A 816 -53.92 -65.85 -11.03
N SER A 817 -54.59 -66.00 -9.89
CA SER A 817 -54.74 -64.91 -8.94
C SER A 817 -54.06 -65.26 -7.62
N GLY A 818 -53.16 -64.39 -7.18
CA GLY A 818 -52.42 -64.62 -5.94
C GLY A 818 -52.62 -63.53 -4.92
N GLU A 819 -52.36 -63.86 -3.65
CA GLU A 819 -52.50 -62.90 -2.56
C GLU A 819 -51.58 -63.26 -1.40
N GLY A 820 -51.48 -62.38 -0.42
CA GLY A 820 -50.66 -62.62 0.75
C GLY A 820 -49.98 -61.37 1.27
N GLU A 821 -48.87 -61.55 1.98
CA GLU A 821 -48.14 -60.43 2.57
C GLU A 821 -46.64 -60.60 2.41
N GLY A 822 -45.88 -59.61 2.87
CA GLY A 822 -44.44 -59.64 2.79
C GLY A 822 -43.78 -58.65 3.73
N ASP A 823 -42.63 -59.02 4.26
CA ASP A 823 -41.89 -58.16 5.19
C ASP A 823 -40.46 -57.93 4.69
N ALA A 824 -40.12 -56.66 4.50
CA ALA A 824 -38.82 -56.31 3.91
C ALA A 824 -37.68 -56.36 4.92
N THR A 825 -37.96 -55.94 6.15
CA THR A 825 -36.94 -55.91 7.20
C THR A 825 -36.46 -57.30 7.57
N TYR A 826 -37.33 -58.29 7.41
CA TYR A 826 -36.98 -59.68 7.69
C TYR A 826 -36.62 -60.43 6.41
N GLY A 827 -37.09 -59.90 5.29
CA GLY A 827 -36.85 -60.53 3.99
C GLY A 827 -37.79 -61.71 3.78
N LYS A 828 -38.86 -61.76 4.56
CA LYS A 828 -39.82 -62.86 4.48
C LYS A 828 -40.92 -62.56 3.48
N LEU A 829 -41.35 -63.59 2.76
CA LEU A 829 -42.41 -63.44 1.77
C LEU A 829 -43.36 -64.64 1.82
N THR A 830 -44.64 -64.36 2.02
CA THR A 830 -45.65 -65.42 2.11
C THR A 830 -46.84 -65.15 1.20
N LEU A 831 -47.02 -66.02 0.21
CA LEU A 831 -48.11 -65.86 -0.75
C LEU A 831 -48.85 -67.18 -1.00
N LYS A 832 -50.04 -67.07 -1.59
CA LYS A 832 -50.82 -68.24 -1.98
C LYS A 832 -51.47 -68.02 -3.35
N PHE A 833 -50.94 -68.68 -4.37
CA PHE A 833 -51.44 -68.51 -5.73
C PHE A 833 -52.53 -69.53 -6.05
N ILE A 834 -53.62 -69.06 -6.66
CA ILE A 834 -54.73 -69.93 -7.03
C ILE A 834 -55.18 -69.69 -8.46
N CYS A 835 -55.16 -70.74 -9.28
CA CYS A 835 -55.62 -70.64 -10.66
C CYS A 835 -57.15 -70.57 -10.71
N THR A 836 -57.66 -69.56 -11.38
CA THR A 836 -59.10 -69.31 -11.41
C THR A 836 -59.79 -70.02 -12.57
N THR A 837 -59.01 -70.54 -13.52
CA THR A 837 -59.56 -71.21 -14.68
C THR A 837 -59.52 -72.73 -14.55
N GLY A 838 -59.03 -73.21 -13.41
CA GLY A 838 -58.96 -74.63 -13.15
C GLY A 838 -57.54 -75.17 -13.02
N LYS A 839 -57.27 -76.26 -13.73
CA LYS A 839 -55.94 -76.87 -13.72
C LYS A 839 -54.94 -76.03 -14.50
N LEU A 840 -53.77 -75.81 -13.92
CA LEU A 840 -52.72 -75.03 -14.56
C LEU A 840 -52.02 -75.84 -15.65
N PRO A 841 -52.03 -75.32 -16.89
CA PRO A 841 -51.41 -75.98 -18.04
C PRO A 841 -49.92 -76.25 -17.87
N VAL A 842 -49.25 -75.39 -17.11
CA VAL A 842 -47.81 -75.50 -16.89
C VAL A 842 -47.50 -75.83 -15.43
N PRO A 843 -46.35 -76.47 -15.18
CA PRO A 843 -45.93 -76.75 -13.80
C PRO A 843 -45.71 -75.47 -13.00
N TRP A 844 -46.18 -75.47 -11.75
CA TRP A 844 -46.07 -74.30 -10.87
C TRP A 844 -44.65 -73.78 -10.62
N PRO A 845 -43.65 -74.67 -10.42
CA PRO A 845 -42.31 -74.12 -10.15
C PRO A 845 -41.69 -73.30 -11.29
N THR A 846 -42.33 -73.29 -12.46
CA THR A 846 -41.81 -72.52 -13.58
C THR A 846 -42.33 -71.09 -13.58
N LEU A 847 -43.27 -70.80 -12.68
CA LEU A 847 -43.86 -69.47 -12.59
C LEU A 847 -43.41 -68.73 -11.35
N VAL A 848 -42.56 -69.37 -10.54
CA VAL A 848 -42.06 -68.76 -9.31
C VAL A 848 -41.28 -67.49 -9.61
N THR A 849 -40.48 -67.53 -10.67
CA THR A 849 -39.67 -66.39 -11.07
C THR A 849 -40.54 -65.20 -11.49
N THR A 850 -41.63 -65.48 -12.18
CA THR A 850 -42.50 -64.43 -12.70
C THR A 850 -43.60 -64.05 -11.71
N PHE A 851 -43.64 -64.73 -10.58
CA PHE A 851 -44.62 -64.42 -9.54
C PHE A 851 -44.09 -63.39 -8.55
N VAL A 853 -41.44 -59.83 -6.95
CA VAL A 853 -41.49 -58.63 -6.12
C VAL A 853 -40.23 -58.50 -5.27
N GLN A 854 -39.12 -58.16 -5.91
CA GLN A 854 -37.83 -58.05 -5.23
C GLN A 854 -37.75 -56.79 -4.36
N CYS A 855 -38.86 -56.07 -4.24
CA CYS A 855 -38.91 -54.88 -3.41
C CYS A 855 -39.09 -55.24 -1.94
N PHE A 856 -39.36 -56.52 -1.69
CA PHE A 856 -39.50 -57.01 -0.32
C PHE A 856 -38.22 -57.71 0.13
N SER A 857 -37.16 -57.59 -0.67
CA SER A 857 -35.87 -58.17 -0.35
C SER A 857 -35.23 -57.43 0.83
N ARG A 858 -34.48 -58.18 1.64
CA ARG A 858 -33.78 -57.56 2.76
C ARG A 858 -32.43 -57.00 2.34
N TYR A 859 -32.30 -55.68 2.41
CA TYR A 859 -31.03 -55.01 2.17
C TYR A 859 -30.39 -54.59 3.48
N PRO A 860 -29.13 -54.97 3.69
CA PRO A 860 -28.39 -54.56 4.89
C PRO A 860 -28.20 -53.05 4.93
N ASP A 861 -27.90 -52.51 6.11
CA ASP A 861 -27.81 -51.06 6.30
C ASP A 861 -26.68 -50.43 5.48
N HIS A 862 -25.68 -51.22 5.13
CA HIS A 862 -24.56 -50.71 4.35
C HIS A 862 -24.81 -50.84 2.85
N MET A 863 -25.87 -51.56 2.49
CA MET A 863 -26.26 -51.71 1.10
C MET A 863 -27.63 -51.09 0.84
N LYS A 864 -28.13 -50.34 1.82
CA LYS A 864 -29.46 -49.78 1.74
C LYS A 864 -29.56 -48.68 0.68
N ARG A 865 -28.40 -48.20 0.22
CA ARG A 865 -28.36 -47.21 -0.85
C ARG A 865 -28.32 -47.90 -2.22
N HIS A 866 -28.33 -49.22 -2.20
CA HIS A 866 -28.31 -50.01 -3.43
C HIS A 866 -29.65 -50.72 -3.65
N ASP A 867 -30.70 -50.16 -3.06
CA ASP A 867 -32.04 -50.73 -3.19
C ASP A 867 -32.84 -50.00 -4.26
N PHE A 868 -32.71 -50.46 -5.50
CA PHE A 868 -33.40 -49.85 -6.63
C PHE A 868 -34.91 -50.05 -6.56
N PHE A 869 -35.32 -51.22 -6.11
CA PHE A 869 -36.73 -51.60 -6.11
C PHE A 869 -37.58 -50.71 -5.19
N LYS A 870 -37.12 -50.51 -3.97
CA LYS A 870 -37.84 -49.69 -3.01
C LYS A 870 -37.81 -48.21 -3.40
N SER A 871 -36.78 -47.82 -4.17
CA SER A 871 -36.64 -46.45 -4.61
C SER A 871 -37.66 -46.10 -5.69
N ALA A 872 -38.09 -47.10 -6.44
CA ALA A 872 -39.06 -46.90 -7.52
C ALA A 872 -40.45 -46.65 -6.98
N MET A 873 -40.77 -47.26 -5.85
CA MET A 873 -42.07 -47.10 -5.21
C MET A 873 -42.20 -45.68 -4.65
N PRO A 874 -43.45 -45.17 -4.52
CA PRO A 874 -44.73 -45.80 -4.85
C PRO A 874 -45.05 -45.76 -6.34
N GLU A 875 -44.22 -45.09 -7.13
CA GLU A 875 -44.43 -45.00 -8.57
C GLU A 875 -44.40 -46.38 -9.23
N GLY A 876 -43.59 -47.28 -8.67
CA GLY A 876 -43.49 -48.63 -9.18
C GLY A 876 -42.49 -48.78 -10.30
N TYR A 877 -42.26 -50.01 -10.74
CA TYR A 877 -41.33 -50.29 -11.82
C TYR A 877 -41.85 -51.38 -12.74
N VAL A 878 -41.59 -51.23 -14.04
CA VAL A 878 -42.00 -52.22 -15.03
C VAL A 878 -40.95 -53.33 -15.15
N GLN A 879 -41.37 -54.56 -14.90
CA GLN A 879 -40.46 -55.70 -14.96
C GLN A 879 -40.69 -56.53 -16.22
N GLU A 880 -39.62 -56.72 -17.00
CA GLU A 880 -39.71 -57.49 -18.23
C GLU A 880 -38.72 -58.64 -18.24
N ARG A 881 -39.21 -59.85 -18.53
CA ARG A 881 -38.35 -61.03 -18.57
C ARG A 881 -38.48 -61.79 -19.89
N THR A 882 -37.54 -62.70 -20.12
CA THR A 882 -37.57 -63.58 -21.28
C THR A 882 -36.90 -64.91 -20.93
N ILE A 883 -37.71 -65.87 -20.49
CA ILE A 883 -37.20 -67.15 -20.00
C ILE A 883 -36.94 -68.14 -21.13
N PHE A 884 -35.74 -68.72 -21.14
CA PHE A 884 -35.36 -69.69 -22.15
C PHE A 884 -35.20 -71.09 -21.56
N PHE A 885 -36.02 -72.02 -22.03
CA PHE A 885 -35.93 -73.41 -21.58
C PHE A 885 -35.19 -74.26 -22.60
N ASN A 886 -34.23 -75.04 -22.13
CA ASN A 886 -33.44 -75.90 -23.01
C ASN A 886 -34.29 -77.00 -23.63
N ASP A 887 -34.15 -77.16 -24.95
CA ASP A 887 -34.89 -78.16 -25.71
C ASP A 887 -36.40 -77.97 -25.58
N ASP A 888 -36.83 -76.73 -25.35
CA ASP A 888 -38.25 -76.42 -25.22
C ASP A 888 -38.54 -74.99 -25.68
N GLY A 889 -39.72 -74.49 -25.33
CA GLY A 889 -40.15 -73.16 -25.74
C GLY A 889 -39.60 -72.05 -24.88
N ASN A 890 -40.33 -70.94 -24.83
CA ASN A 890 -39.89 -69.77 -24.09
C ASN A 890 -41.05 -69.00 -23.45
N TYR A 891 -40.73 -68.10 -22.53
CA TYR A 891 -41.73 -67.27 -21.88
C TYR A 891 -41.50 -65.79 -22.16
N LYS A 892 -42.59 -65.03 -22.24
CA LYS A 892 -42.53 -63.59 -22.41
C LYS A 892 -43.24 -62.90 -21.25
N THR A 893 -42.51 -62.12 -20.47
CA THR A 893 -43.05 -61.54 -19.25
C THR A 893 -42.99 -60.02 -19.22
N ARG A 894 -44.11 -59.40 -18.89
CA ARG A 894 -44.17 -57.95 -18.66
C ARG A 894 -45.06 -57.65 -17.46
N ALA A 895 -44.44 -57.22 -16.36
CA ALA A 895 -45.17 -56.99 -15.13
C ALA A 895 -45.03 -55.56 -14.62
N GLU A 896 -46.13 -54.99 -14.16
CA GLU A 896 -46.13 -53.67 -13.54
C GLU A 896 -46.31 -53.78 -12.03
N VAL A 897 -45.19 -53.70 -11.30
CA VAL A 897 -45.22 -53.79 -9.86
C VAL A 897 -45.30 -52.40 -9.23
N LYS A 898 -46.49 -52.03 -8.78
CA LYS A 898 -46.71 -50.70 -8.21
C LYS A 898 -47.61 -50.74 -6.98
N PHE A 899 -47.62 -49.65 -6.22
CA PHE A 899 -48.48 -49.53 -5.05
C PHE A 899 -49.87 -49.02 -5.44
N GLU A 900 -50.90 -49.79 -5.08
CA GLU A 900 -52.28 -49.37 -5.30
C GLU A 900 -53.02 -49.28 -3.97
N GLY A 901 -52.80 -48.18 -3.26
CA GLY A 901 -53.44 -47.98 -1.96
C GLY A 901 -52.53 -48.42 -0.82
N ASP A 902 -52.99 -49.40 -0.06
CA ASP A 902 -52.22 -49.91 1.07
C ASP A 902 -51.46 -51.18 0.69
N THR A 903 -51.99 -51.89 -0.30
CA THR A 903 -51.40 -53.15 -0.73
C THR A 903 -50.51 -52.96 -1.95
N LEU A 904 -49.47 -53.79 -2.06
CA LEU A 904 -48.59 -53.76 -3.22
C LEU A 904 -49.10 -54.74 -4.27
N VAL A 905 -49.31 -54.24 -5.49
CA VAL A 905 -49.95 -55.03 -6.54
C VAL A 905 -48.96 -55.42 -7.65
N ASN A 906 -48.97 -56.70 -8.01
CA ASN A 906 -48.15 -57.20 -9.11
C ASN A 906 -49.02 -57.75 -10.24
N ARG A 907 -49.24 -56.92 -11.26
CA ARG A 907 -50.04 -57.33 -12.41
C ARG A 907 -49.13 -57.71 -13.58
N ILE A 908 -49.22 -58.96 -14.01
CA ILE A 908 -48.30 -59.50 -15.00
C ILE A 908 -49.01 -60.21 -16.16
N GLU A 909 -48.59 -59.91 -17.38
CA GLU A 909 -49.06 -60.63 -18.56
C GLU A 909 -47.98 -61.59 -19.05
N LEU A 910 -48.35 -62.85 -19.26
CA LEU A 910 -47.41 -63.88 -19.67
C LEU A 910 -47.82 -64.47 -21.02
N LYS A 911 -46.84 -64.73 -21.88
CA LYS A 911 -47.10 -65.31 -23.18
C LYS A 911 -46.03 -66.32 -23.57
N GLY A 912 -46.41 -67.60 -23.60
CA GLY A 912 -45.50 -68.66 -23.97
C GLY A 912 -45.72 -69.13 -25.40
N ILE A 913 -44.63 -69.39 -26.11
CA ILE A 913 -44.71 -69.84 -27.50
C ILE A 913 -43.99 -71.18 -27.67
N ASP A 914 -44.36 -71.90 -28.72
CA ASP A 914 -43.75 -73.19 -29.07
C ASP A 914 -43.99 -74.26 -28.01
N PHE A 915 -42.91 -74.67 -27.35
CA PHE A 915 -42.94 -75.78 -26.38
C PHE A 915 -43.44 -77.08 -27.02
N LYS A 916 -43.64 -78.10 -26.17
CA LYS A 916 -44.15 -79.39 -26.62
C LYS A 916 -45.12 -79.97 -25.60
N GLU A 917 -46.09 -80.74 -26.07
CA GLU A 917 -47.08 -81.36 -25.20
C GLU A 917 -46.52 -82.60 -24.51
N ASP A 918 -45.37 -83.08 -24.99
CA ASP A 918 -44.75 -84.27 -24.43
C ASP A 918 -43.42 -83.95 -23.75
N GLY A 919 -43.10 -82.66 -23.66
CA GLY A 919 -41.87 -82.23 -23.02
C GLY A 919 -42.01 -82.08 -21.52
N ASN A 920 -40.99 -81.51 -20.89
CA ASN A 920 -41.00 -81.29 -19.45
C ASN A 920 -42.07 -80.27 -19.06
N ILE A 921 -42.11 -79.17 -19.79
CA ILE A 921 -43.16 -78.16 -19.62
C ILE A 921 -44.36 -78.60 -20.46
N LEU A 922 -45.57 -78.35 -19.96
CA LEU A 922 -46.82 -78.80 -20.59
C LEU A 922 -46.87 -80.33 -20.63
N GLY A 923 -46.13 -80.95 -19.71
CA GLY A 923 -46.11 -82.40 -19.59
C GLY A 923 -46.04 -82.80 -18.13
N HIS A 924 -45.73 -81.81 -17.29
CA HIS A 924 -45.67 -81.99 -15.84
C HIS A 924 -44.72 -83.10 -15.42
N LYS A 925 -43.48 -83.02 -15.90
CA LYS A 925 -42.44 -83.97 -15.53
C LYS A 925 -41.61 -83.43 -14.37
N LEU A 926 -41.65 -82.12 -14.19
CA LEU A 926 -40.88 -81.45 -13.14
C LEU A 926 -41.45 -81.72 -11.76
N GLU A 927 -40.58 -81.68 -10.76
CA GLU A 927 -40.98 -81.91 -9.37
C GLU A 927 -41.69 -80.68 -8.78
N TYR A 928 -41.86 -80.69 -7.47
CA TYR A 928 -42.52 -79.58 -6.79
C TYR A 928 -41.56 -78.87 -5.84
N ASN A 929 -40.59 -78.18 -6.42
CA ASN A 929 -39.61 -77.42 -5.65
C ASN A 929 -38.95 -76.35 -6.52
N TYR A 930 -38.08 -75.55 -5.93
CA TYR A 930 -37.42 -74.48 -6.67
C TYR A 930 -35.99 -74.24 -6.19
N ASN A 931 -35.61 -74.92 -5.11
CA ASN A 931 -34.26 -74.83 -4.54
C ASN A 931 -33.85 -73.39 -4.22
N SER A 932 -32.61 -73.05 -4.56
CA SER A 932 -32.07 -71.73 -4.28
C SER A 932 -30.95 -71.38 -5.25
N HIS A 933 -31.01 -70.16 -5.80
CA HIS A 933 -29.98 -69.68 -6.72
C HIS A 933 -29.93 -68.15 -6.72
N ASN A 934 -28.72 -67.61 -6.66
CA ASN A 934 -28.53 -66.17 -6.56
C ASN A 934 -28.81 -65.44 -7.87
N VAL A 935 -29.31 -64.22 -7.76
CA VAL A 935 -29.60 -63.39 -8.93
C VAL A 935 -28.71 -62.16 -8.96
N TYR A 936 -27.79 -62.14 -9.92
CA TYR A 936 -26.85 -61.02 -10.06
C TYR A 936 -27.50 -59.82 -10.74
N ILE A 937 -27.54 -58.70 -10.02
CA ILE A 937 -28.19 -57.49 -10.53
C ILE A 937 -27.19 -56.47 -11.07
N MET A 938 -27.42 -56.05 -12.32
CA MET A 938 -26.60 -55.02 -12.94
C MET A 938 -27.46 -53.85 -13.39
N ALA A 939 -27.04 -52.64 -13.04
CA ALA A 939 -27.76 -51.43 -13.43
C ALA A 939 -26.95 -50.66 -14.47
N ASP A 940 -27.63 -50.19 -15.52
CA ASP A 940 -26.95 -49.48 -16.59
C ASP A 940 -27.89 -48.58 -17.40
N LYS A 941 -27.33 -47.54 -17.99
CA LYS A 941 -28.06 -46.62 -18.85
C LYS A 941 -28.54 -47.33 -20.12
N GLN A 942 -29.68 -46.89 -20.68
CA GLN A 942 -30.44 -45.75 -20.17
C GLN A 942 -31.77 -46.17 -19.57
N LYS A 943 -32.69 -45.22 -19.47
CA LYS A 943 -34.00 -45.42 -18.86
C LYS A 943 -33.89 -45.95 -17.43
N ASN A 944 -32.78 -45.60 -16.76
CA ASN A 944 -32.50 -46.07 -15.41
C ASN A 944 -32.62 -47.58 -15.31
N GLY A 945 -33.25 -48.05 -14.24
CA GLY A 945 -33.53 -49.46 -14.06
C GLY A 945 -32.31 -50.35 -13.98
N ILE A 946 -32.54 -51.66 -13.99
CA ILE A 946 -31.46 -52.64 -13.88
C ILE A 946 -31.59 -53.73 -14.94
N LYS A 947 -30.66 -54.67 -14.91
CA LYS A 947 -30.72 -55.85 -15.78
C LYS A 947 -30.16 -57.06 -15.03
N ALA A 948 -30.71 -58.23 -15.28
CA ALA A 948 -30.30 -59.43 -14.57
C ALA A 948 -30.24 -60.65 -15.48
N ASN A 949 -29.29 -61.54 -15.19
CA ASN A 949 -29.14 -62.79 -15.93
C ASN A 949 -28.75 -63.93 -15.00
N PHE A 950 -29.69 -64.84 -14.76
CA PHE A 950 -29.47 -65.95 -13.84
C PHE A 950 -30.03 -67.26 -14.38
N LYS A 951 -29.40 -68.36 -14.01
CA LYS A 951 -29.83 -69.69 -14.45
C LYS A 951 -30.74 -70.34 -13.41
N THR A 952 -31.62 -71.21 -13.88
CA THR A 952 -32.53 -71.92 -13.00
C THR A 952 -32.59 -73.41 -13.36
N ARG A 953 -32.44 -74.26 -12.34
CA ARG A 953 -32.40 -75.70 -12.56
C ARG A 953 -33.59 -76.41 -11.93
N HIS A 954 -34.61 -76.70 -12.74
CA HIS A 954 -35.77 -77.44 -12.27
C HIS A 954 -35.48 -78.94 -12.30
N ASN A 955 -36.03 -79.66 -11.32
CA ASN A 955 -35.77 -81.09 -11.19
C ASN A 955 -36.89 -81.95 -11.78
N ILE A 956 -36.51 -82.94 -12.56
CA ILE A 956 -37.45 -83.92 -13.11
C ILE A 956 -37.48 -85.13 -12.17
N GLU A 957 -38.40 -86.05 -12.42
CA GLU A 957 -38.54 -87.24 -11.56
C GLU A 957 -37.28 -88.10 -11.56
N ASP A 958 -37.00 -88.74 -12.69
CA ASP A 958 -35.81 -89.56 -12.81
C ASP A 958 -34.55 -88.71 -12.87
N GLY A 959 -34.31 -88.08 -14.01
CA GLY A 959 -33.19 -87.18 -14.18
C GLY A 959 -33.42 -85.88 -13.45
N GLY A 960 -32.40 -85.04 -13.38
CA GLY A 960 -32.51 -83.77 -12.67
C GLY A 960 -31.81 -82.63 -13.38
N VAL A 961 -31.82 -82.65 -14.71
CA VAL A 961 -31.18 -81.62 -15.49
C VAL A 961 -32.18 -80.90 -16.40
N GLN A 962 -32.54 -79.67 -16.04
CA GLN A 962 -33.41 -78.84 -16.85
C GLN A 962 -33.08 -77.37 -16.61
N LEU A 963 -32.24 -76.82 -17.48
CA LEU A 963 -31.76 -75.45 -17.33
C LEU A 963 -32.76 -74.42 -17.85
N ALA A 964 -32.94 -73.34 -17.10
CA ALA A 964 -33.80 -72.25 -17.50
C ALA A 964 -33.05 -70.93 -17.44
N ASP A 965 -32.76 -70.37 -18.62
CA ASP A 965 -32.00 -69.13 -18.69
C ASP A 965 -32.92 -67.91 -18.62
N HIS A 966 -32.73 -67.09 -17.58
CA HIS A 966 -33.57 -65.92 -17.37
C HIS A 966 -32.85 -64.63 -17.69
N TYR A 967 -33.49 -63.79 -18.51
CA TYR A 967 -32.99 -62.45 -18.81
C TYR A 967 -34.01 -61.41 -18.38
N GLN A 968 -33.65 -60.59 -17.40
CA GLN A 968 -34.60 -59.66 -16.80
C GLN A 968 -34.21 -58.19 -17.03
N GLN A 969 -35.21 -57.36 -17.28
CA GLN A 969 -35.01 -55.92 -17.38
C GLN A 969 -36.06 -55.17 -16.57
N ASN A 970 -35.63 -54.13 -15.86
CA ASN A 970 -36.54 -53.33 -15.05
C ASN A 970 -36.48 -51.85 -15.41
N THR A 971 -37.58 -51.14 -15.20
CA THR A 971 -37.67 -49.73 -15.54
C THR A 971 -38.71 -49.01 -14.69
N PRO A 972 -38.30 -47.92 -14.01
CA PRO A 972 -39.21 -47.13 -13.17
C PRO A 972 -40.33 -46.48 -13.96
N ILE A 973 -41.40 -46.08 -13.28
CA ILE A 973 -42.57 -45.50 -13.93
C ILE A 973 -42.80 -44.06 -13.46
N GLY A 974 -43.26 -43.22 -14.38
CA GLY A 974 -43.62 -41.85 -14.05
C GLY A 974 -42.44 -40.97 -13.68
N ASN A 975 -41.28 -41.26 -14.26
CA ASN A 975 -40.06 -40.50 -14.02
C ASN A 975 -39.72 -40.42 -12.53
N GLY A 976 -39.35 -39.23 -12.06
CA GLY A 976 -39.02 -39.03 -10.67
C GLY A 976 -37.62 -39.50 -10.31
N PRO A 977 -37.10 -39.03 -9.17
CA PRO A 977 -35.76 -39.41 -8.69
C PRO A 977 -35.69 -40.87 -8.23
N VAL A 978 -34.94 -41.68 -8.96
CA VAL A 978 -34.80 -43.10 -8.64
C VAL A 978 -33.33 -43.48 -8.46
N LEU A 979 -33.04 -44.22 -7.40
CA LEU A 979 -31.68 -44.66 -7.13
C LEU A 979 -31.15 -45.62 -8.20
N LEU A 980 -29.85 -45.87 -8.17
CA LEU A 980 -29.22 -46.78 -9.12
C LEU A 980 -28.04 -47.51 -8.46
N PRO A 981 -28.22 -48.80 -8.16
CA PRO A 981 -27.26 -49.60 -7.41
C PRO A 981 -26.05 -50.05 -8.23
N ASP A 982 -25.02 -50.53 -7.54
CA ASP A 982 -23.85 -51.10 -8.21
C ASP A 982 -24.07 -52.60 -8.45
N ASN A 983 -23.03 -53.28 -8.88
CA ASN A 983 -23.13 -54.71 -9.16
C ASN A 983 -23.19 -55.54 -7.89
N HIS A 984 -24.38 -56.06 -7.60
CA HIS A 984 -24.60 -56.93 -6.44
C HIS A 984 -25.56 -58.06 -6.79
N TYR A 985 -25.67 -59.05 -5.91
CA TYR A 985 -26.54 -60.19 -6.15
C TYR A 985 -27.56 -60.39 -5.03
N LEU A 986 -28.69 -61.00 -5.39
CA LEU A 986 -29.74 -61.31 -4.42
C LEU A 986 -29.74 -62.80 -4.08
N SER A 987 -29.56 -63.11 -2.80
CA SER A 987 -29.61 -64.50 -2.35
C SER A 987 -31.06 -64.93 -2.14
N THR A 988 -31.57 -65.74 -3.06
CA THR A 988 -32.97 -66.15 -3.03
C THR A 988 -33.12 -67.65 -2.76
N GLN A 989 -34.22 -68.00 -2.09
CA GLN A 989 -34.55 -69.39 -1.80
C GLN A 989 -36.05 -69.53 -1.55
N SER A 990 -36.68 -70.43 -2.31
CA SER A 990 -38.13 -70.58 -2.25
C SER A 990 -38.56 -71.94 -1.72
N ALA A 991 -39.61 -71.94 -0.88
CA ALA A 991 -40.15 -73.17 -0.32
C ALA A 991 -41.61 -73.35 -0.76
N LEU A 992 -41.85 -74.39 -1.56
CA LEU A 992 -43.18 -74.63 -2.11
C LEU A 992 -43.93 -75.69 -1.31
N SER A 993 -45.17 -75.38 -0.95
CA SER A 993 -46.00 -76.32 -0.19
C SER A 993 -47.39 -76.43 -0.79
N LYS A 994 -48.25 -77.21 -0.13
CA LYS A 994 -49.62 -77.41 -0.61
C LYS A 994 -50.63 -77.29 0.53
N ASP A 995 -51.81 -76.78 0.21
CA ASP A 995 -52.90 -76.67 1.17
C ASP A 995 -53.96 -77.74 0.87
N PRO A 996 -54.05 -78.75 1.76
CA PRO A 996 -54.95 -79.90 1.56
C PRO A 996 -56.43 -79.54 1.70
N ASN A 997 -56.72 -78.29 2.06
CA ASN A 997 -58.11 -77.85 2.22
C ASN A 997 -58.62 -77.06 1.02
N GLU A 998 -57.73 -76.82 0.05
CA GLU A 998 -58.10 -76.10 -1.16
C GLU A 998 -58.42 -77.07 -2.30
N LYS A 999 -59.61 -76.91 -2.87
CA LYS A 999 -60.09 -77.81 -3.91
C LYS A 999 -59.46 -77.48 -5.26
N ARG A 1000 -59.28 -76.18 -5.53
CA ARG A 1000 -58.72 -75.73 -6.79
C ARG A 1000 -57.21 -75.95 -6.84
N ASP A 1001 -56.67 -75.99 -8.05
CA ASP A 1001 -55.22 -76.10 -8.25
C ASP A 1001 -54.54 -74.83 -7.74
N HIS A 1002 -53.56 -75.00 -6.85
CA HIS A 1002 -52.95 -73.85 -6.20
C HIS A 1002 -51.48 -74.07 -5.86
N MET A 1003 -50.90 -73.10 -5.17
CA MET A 1003 -49.51 -73.19 -4.71
C MET A 1003 -49.25 -72.21 -3.56
N VAL A 1004 -48.74 -72.72 -2.46
CA VAL A 1004 -48.39 -71.88 -1.32
C VAL A 1004 -46.89 -71.63 -1.29
N LEU A 1005 -46.49 -70.38 -1.51
CA LEU A 1005 -45.08 -70.03 -1.61
C LEU A 1005 -44.57 -69.28 -0.38
N LEU A 1006 -43.38 -69.64 0.08
CA LEU A 1006 -42.74 -68.98 1.21
C LEU A 1006 -41.24 -68.88 0.93
N GLU A 1007 -40.78 -67.68 0.59
CA GLU A 1007 -39.38 -67.50 0.20
C GLU A 1007 -38.65 -66.45 1.05
N PHE A 1008 -37.33 -66.56 1.08
CA PHE A 1008 -36.48 -65.62 1.82
C PHE A 1008 -35.44 -65.01 0.89
N VAL A 1009 -35.39 -63.69 0.83
CA VAL A 1009 -34.43 -63.00 -0.02
C VAL A 1009 -33.58 -62.00 0.78
N THR A 1010 -32.27 -62.10 0.63
CA THR A 1010 -31.35 -61.20 1.32
C THR A 1010 -30.23 -60.76 0.38
N ALA A 1011 -29.97 -59.45 0.33
CA ALA A 1011 -28.98 -58.90 -0.57
C ALA A 1011 -27.56 -58.99 0.01
N ALA A 1012 -26.59 -59.16 -0.87
CA ALA A 1012 -25.18 -59.22 -0.47
C ALA A 1012 -24.27 -58.96 -1.67
N GLY A 1013 -22.98 -58.79 -1.42
CA GLY A 1013 -22.02 -58.61 -2.49
C GLY A 1013 -21.00 -57.52 -2.24
N ILE A 1014 -21.39 -56.50 -1.47
CA ILE A 1014 -20.50 -55.38 -1.19
C ILE A 1014 -20.53 -54.96 0.27
N THR A 1015 -19.50 -54.24 0.70
CA THR A 1015 -19.41 -53.76 2.07
C THR A 1015 -18.99 -52.30 2.11
N ASP B 3 -1.82 50.38 -9.65
CA ASP B 3 -2.91 49.45 -9.92
C ASP B 3 -3.83 49.97 -11.03
N SER B 4 -3.25 50.71 -11.96
CA SER B 4 -4.02 51.25 -13.08
C SER B 4 -4.24 50.19 -14.15
N GLU B 5 -3.55 49.07 -14.02
CA GLU B 5 -3.70 47.96 -14.95
C GLU B 5 -5.00 47.19 -14.69
N MET B 6 -5.52 47.33 -13.47
CA MET B 6 -6.75 46.67 -13.09
C MET B 6 -7.97 47.53 -13.42
N ALA B 7 -7.73 48.67 -14.06
CA ALA B 7 -8.79 49.60 -14.40
C ALA B 7 -9.53 49.17 -15.67
N VAL B 8 -8.95 48.21 -16.39
CA VAL B 8 -9.55 47.74 -17.64
C VAL B 8 -10.56 46.63 -17.38
N PHE B 9 -10.64 46.17 -16.14
CA PHE B 9 -11.56 45.10 -15.76
C PHE B 9 -12.82 45.68 -15.13
N GLY B 10 -12.73 46.93 -14.69
CA GLY B 10 -13.87 47.62 -14.10
C GLY B 10 -14.25 47.07 -12.74
N ALA B 11 -15.45 46.52 -12.64
CA ALA B 11 -15.97 46.01 -11.37
C ALA B 11 -15.44 44.63 -11.05
N ALA B 12 -14.71 44.04 -11.99
CA ALA B 12 -14.14 42.71 -11.80
C ALA B 12 -12.79 42.78 -11.10
N ALA B 13 -12.32 44.00 -10.86
CA ALA B 13 -11.01 44.22 -10.23
C ALA B 13 -10.88 43.61 -8.83
N PRO B 14 -11.86 43.84 -7.93
CA PRO B 14 -11.63 43.29 -6.58
C PRO B 14 -11.79 41.77 -6.50
N TYR B 15 -12.28 41.16 -7.57
CA TYR B 15 -12.47 39.71 -7.60
C TYR B 15 -11.38 39.01 -8.42
N LEU B 16 -10.46 39.80 -8.96
CA LEU B 16 -9.39 39.27 -9.79
C LEU B 16 -8.01 39.56 -9.20
N ARG B 17 -7.82 40.77 -8.72
CA ARG B 17 -6.54 41.15 -8.12
C ARG B 17 -6.72 42.35 -7.19
N LYS B 18 -6.29 42.20 -5.95
CA LYS B 18 -6.44 43.26 -4.95
C LYS B 18 -5.57 44.47 -5.30
N SER B 19 -6.00 45.64 -4.85
CA SER B 19 -5.29 46.89 -5.14
C SER B 19 -3.94 46.95 -4.44
N GLU B 20 -3.12 47.92 -4.82
CA GLU B 20 -1.81 48.11 -4.22
C GLU B 20 -1.93 48.43 -2.74
N LYS B 21 -3.00 49.10 -2.36
CA LYS B 21 -3.24 49.48 -0.98
C LYS B 21 -3.44 48.25 -0.08
N GLU B 22 -4.44 47.45 -0.40
CA GLU B 22 -4.80 46.29 0.41
C GLU B 22 -3.71 45.21 0.40
N ARG B 23 -2.92 45.18 -0.67
CA ARG B 23 -1.86 44.18 -0.77
C ARG B 23 -0.63 44.59 0.03
N LEU B 24 -0.19 45.85 -0.14
CA LEU B 24 1.00 46.35 0.53
C LEU B 24 0.80 46.38 2.05
N GLU B 25 -0.44 46.56 2.48
CA GLU B 25 -0.77 46.49 3.91
C GLU B 25 -0.62 45.07 4.41
N ALA B 26 -0.74 44.11 3.50
CA ALA B 26 -0.60 42.70 3.83
C ALA B 26 0.82 42.22 3.60
N GLN B 27 1.59 42.99 2.83
CA GLN B 27 3.00 42.67 2.58
C GLN B 27 3.82 42.91 3.84
N THR B 28 3.39 43.85 4.66
CA THR B 28 4.08 44.17 5.90
C THR B 28 3.16 43.98 7.10
N ARG B 29 2.91 42.73 7.45
CA ARG B 29 2.07 42.39 8.60
C ARG B 29 2.90 41.65 9.65
N PRO B 30 2.47 41.72 10.93
CA PRO B 30 3.20 41.06 12.03
C PRO B 30 3.46 39.58 11.78
N PHE B 31 4.68 39.26 11.35
CA PHE B 31 5.06 37.88 11.06
C PHE B 31 6.52 37.64 11.41
N ASP B 32 6.81 36.43 11.87
CA ASP B 32 8.19 36.02 12.17
C ASP B 32 8.36 34.53 11.89
N LEU B 33 9.39 34.19 11.12
CA LEU B 33 9.68 32.81 10.78
C LEU B 33 10.08 32.03 12.04
N LYS B 34 10.08 30.70 11.94
CA LYS B 34 10.46 29.78 13.02
C LYS B 34 9.60 29.94 14.28
N LYS B 35 8.60 30.82 14.22
CA LYS B 35 7.63 30.96 15.30
C LYS B 35 6.22 30.75 14.74
N ASP B 36 5.88 31.53 13.72
CA ASP B 36 4.62 31.34 13.01
C ASP B 36 4.74 30.20 12.01
N VAL B 37 4.22 29.03 12.38
CA VAL B 37 4.37 27.84 11.55
C VAL B 37 3.06 27.06 11.41
N PHE B 38 3.09 26.01 10.58
CA PHE B 38 1.95 25.13 10.43
C PHE B 38 2.12 23.87 11.30
N VAL B 39 1.06 23.49 11.99
CA VAL B 39 1.08 22.29 12.82
C VAL B 39 -0.08 21.36 12.44
N PRO B 40 0.14 20.04 12.56
CA PRO B 40 -0.92 19.08 12.23
C PRO B 40 -2.07 19.12 13.23
N ASP B 41 -3.28 18.81 12.76
CA ASP B 41 -4.45 18.79 13.63
C ASP B 41 -5.26 17.52 13.37
N ASP B 42 -6.08 17.14 14.35
CA ASP B 42 -6.91 15.94 14.22
C ASP B 42 -8.11 16.17 13.31
N LYS B 43 -8.61 17.40 13.31
CA LYS B 43 -9.79 17.75 12.53
C LYS B 43 -9.43 18.38 11.19
N GLN B 44 -8.88 19.59 11.23
CA GLN B 44 -8.58 20.34 10.03
C GLN B 44 -7.25 19.93 9.39
N GLU B 45 -6.61 18.92 9.97
CA GLU B 45 -5.36 18.35 9.45
C GLU B 45 -4.18 19.33 9.50
N PHE B 46 -4.44 20.61 9.23
CA PHE B 46 -3.40 21.62 9.31
C PHE B 46 -3.95 22.96 9.81
N VAL B 47 -3.31 23.53 10.82
CA VAL B 47 -3.69 24.83 11.36
C VAL B 47 -2.47 25.68 11.65
N LYS B 48 -2.62 27.00 11.59
CA LYS B 48 -1.52 27.91 11.90
C LYS B 48 -1.31 28.01 13.41
N ALA B 49 -0.08 28.29 13.82
CA ALA B 49 0.24 28.38 15.23
C ALA B 49 1.47 29.25 15.49
N LYS B 50 1.69 29.57 16.76
CA LYS B 50 2.86 30.36 17.16
C LYS B 50 3.66 29.61 18.22
N ILE B 51 4.90 29.26 17.89
CA ILE B 51 5.74 28.46 18.76
C ILE B 51 6.08 29.17 20.07
N VAL B 52 5.86 28.49 21.18
CA VAL B 52 6.16 29.04 22.51
C VAL B 52 7.53 28.57 23.00
N SER B 53 7.71 27.26 23.08
CA SER B 53 8.97 26.68 23.56
C SER B 53 9.29 25.35 22.88
N ARG B 54 10.52 25.21 22.43
CA ARG B 54 10.98 23.96 21.81
C ARG B 54 12.07 23.31 22.66
N GLU B 55 11.86 22.06 23.03
CA GLU B 55 12.80 21.35 23.89
C GLU B 55 12.67 19.83 23.77
N GLY B 56 13.81 19.16 23.71
CA GLY B 56 13.85 17.71 23.63
C GLY B 56 13.27 17.15 22.35
N GLY B 57 13.30 17.95 21.29
CA GLY B 57 12.76 17.54 20.01
C GLY B 57 11.25 17.71 19.93
N LYS B 58 10.67 18.27 20.99
CA LYS B 58 9.23 18.50 21.04
C LYS B 58 8.93 19.99 20.99
N VAL B 59 8.02 20.38 20.10
CA VAL B 59 7.69 21.79 19.89
C VAL B 59 6.31 22.12 20.45
N THR B 60 6.23 23.22 21.20
CA THR B 60 4.97 23.67 21.78
C THR B 60 4.51 24.97 21.12
N ALA B 61 3.25 25.01 20.70
CA ALA B 61 2.70 26.19 20.05
C ALA B 61 1.24 26.41 20.43
N GLU B 62 0.63 27.45 19.85
CA GLU B 62 -0.77 27.76 20.12
C GLU B 62 -1.50 28.18 18.85
N THR B 63 -2.67 27.60 18.65
CA THR B 63 -3.49 27.90 17.47
C THR B 63 -4.00 29.34 17.52
N GLU B 64 -4.35 29.89 16.36
CA GLU B 64 -4.81 31.28 16.29
C GLU B 64 -6.27 31.41 16.72
N TYR B 65 -6.96 30.29 16.81
CA TYR B 65 -8.37 30.29 17.21
C TYR B 65 -8.61 30.61 18.72
N GLY B 66 -7.94 29.93 19.66
CA GLY B 66 -6.96 28.89 19.43
C GLY B 66 -6.57 28.15 20.69
N LYS B 67 -6.16 26.89 20.54
CA LYS B 67 -5.76 26.06 21.66
C LYS B 67 -4.25 25.86 21.69
N THR B 68 -3.74 25.31 22.79
CA THR B 68 -2.31 25.07 22.92
C THR B 68 -1.99 23.58 22.87
N VAL B 69 -1.23 23.18 21.86
CA VAL B 69 -0.86 21.77 21.69
C VAL B 69 0.65 21.60 21.60
N THR B 70 1.09 20.35 21.56
CA THR B 70 2.52 20.05 21.48
C THR B 70 2.78 18.89 20.51
N VAL B 71 3.57 19.17 19.48
CA VAL B 71 3.92 18.17 18.48
C VAL B 71 5.43 18.02 18.35
N LYS B 72 5.86 17.07 17.54
CA LYS B 72 7.29 16.84 17.33
C LYS B 72 7.86 17.88 16.36
N GLU B 73 9.18 17.94 16.27
CA GLU B 73 9.85 18.93 15.43
C GLU B 73 9.94 18.46 13.98
N ASP B 74 9.25 17.36 13.67
CA ASP B 74 9.24 16.83 12.31
C ASP B 74 7.95 17.24 11.59
N GLN B 75 6.90 17.49 12.36
CA GLN B 75 5.61 17.84 11.81
C GLN B 75 5.46 19.35 11.59
N VAL B 76 6.30 20.13 12.27
CA VAL B 76 6.24 21.59 12.16
C VAL B 76 6.72 22.06 10.79
N MET B 77 5.94 22.96 10.18
CA MET B 77 6.25 23.47 8.84
C MET B 77 6.13 24.99 8.80
N GLN B 78 7.19 25.65 8.34
CA GLN B 78 7.23 27.11 8.29
C GLN B 78 6.18 27.67 7.34
N GLN B 79 5.63 28.83 7.68
CA GLN B 79 4.66 29.49 6.83
C GLN B 79 5.34 30.27 5.71
N ASN B 80 4.58 30.61 4.68
CA ASN B 80 5.07 31.49 3.62
C ASN B 80 4.95 32.95 4.05
N PRO B 81 6.05 33.71 3.94
CA PRO B 81 6.10 35.11 4.33
C PRO B 81 5.02 35.95 3.65
N PRO B 82 4.68 37.11 4.24
CA PRO B 82 3.70 38.05 3.67
C PRO B 82 4.08 38.50 2.27
N LYS B 83 5.35 38.30 1.90
CA LYS B 83 5.82 38.54 0.54
C LYS B 83 5.04 37.69 -0.46
N PHE B 84 4.65 36.50 -0.03
CA PHE B 84 3.95 35.56 -0.88
C PHE B 84 2.46 35.46 -0.52
N ASP B 85 1.95 36.46 0.18
CA ASP B 85 0.56 36.45 0.64
C ASP B 85 -0.43 36.51 -0.52
N LYS B 86 -1.27 35.47 -0.63
CA LYS B 86 -2.27 35.35 -1.68
C LYS B 86 -1.66 35.49 -3.07
N ILE B 87 -0.56 34.78 -3.30
CA ILE B 87 0.15 34.87 -4.57
C ILE B 87 -0.69 34.28 -5.71
N GLU B 88 -0.45 34.75 -6.94
CA GLU B 88 -1.25 34.34 -8.08
C GLU B 88 -0.73 33.04 -8.70
N ASP B 89 0.58 32.87 -8.68
CA ASP B 89 1.19 31.62 -9.12
C ASP B 89 1.88 30.95 -7.93
N MET B 90 1.34 29.81 -7.51
CA MET B 90 1.87 29.11 -6.34
C MET B 90 3.20 28.42 -6.63
N ALA B 91 3.59 28.39 -7.90
CA ALA B 91 4.89 27.84 -8.28
C ALA B 91 6.00 28.79 -7.86
N MET B 92 5.65 30.05 -7.63
CA MET B 92 6.61 31.05 -7.21
C MET B 92 6.81 31.04 -5.70
N LEU B 93 6.03 30.21 -5.01
CA LEU B 93 6.19 30.03 -3.57
C LEU B 93 7.52 29.36 -3.27
N THR B 94 8.00 29.54 -2.04
CA THR B 94 9.25 28.90 -1.62
C THR B 94 8.95 27.61 -0.85
N PHE B 95 7.76 27.55 -0.26
CA PHE B 95 7.32 26.35 0.44
C PHE B 95 6.15 25.71 -0.31
N LEU B 96 6.38 24.50 -0.80
CA LEU B 96 5.38 23.82 -1.61
C LEU B 96 4.84 22.57 -0.94
N HIS B 97 4.84 22.56 0.39
CA HIS B 97 4.25 21.45 1.12
C HIS B 97 2.73 21.59 1.18
N GLU B 98 2.06 20.62 1.76
CA GLU B 98 0.61 20.54 1.73
C GLU B 98 -0.13 21.75 2.35
N PRO B 99 0.23 22.15 3.59
CA PRO B 99 -0.55 23.27 4.14
C PRO B 99 -0.23 24.62 3.49
N ALA B 100 0.90 24.71 2.79
CA ALA B 100 1.29 25.94 2.11
C ALA B 100 0.41 26.17 0.88
N VAL B 101 0.22 25.11 0.10
CA VAL B 101 -0.62 25.18 -1.09
C VAL B 101 -2.08 25.35 -0.72
N LEU B 102 -2.50 24.64 0.34
CA LEU B 102 -3.87 24.67 0.82
C LEU B 102 -4.30 26.08 1.24
N TYR B 103 -3.50 26.71 2.10
CA TYR B 103 -3.86 28.01 2.66
C TYR B 103 -3.71 29.14 1.65
N ASN B 104 -2.92 28.92 0.60
CA ASN B 104 -2.83 29.91 -0.47
C ASN B 104 -4.14 29.98 -1.23
N LEU B 105 -4.70 28.82 -1.55
CA LEU B 105 -6.01 28.74 -2.19
C LEU B 105 -7.09 29.23 -1.25
N LYS B 106 -6.89 28.98 0.04
CA LYS B 106 -7.88 29.34 1.06
C LYS B 106 -7.93 30.85 1.31
N ASP B 107 -6.76 31.48 1.34
CA ASP B 107 -6.67 32.92 1.55
C ASP B 107 -7.26 33.69 0.38
N ARG B 108 -7.01 33.22 -0.83
CA ARG B 108 -7.51 33.89 -2.03
C ARG B 108 -9.02 33.69 -2.17
N TYR B 109 -9.50 32.52 -1.78
CA TYR B 109 -10.93 32.21 -1.85
C TYR B 109 -11.71 33.04 -0.84
N GLY B 110 -11.05 33.39 0.26
CA GLY B 110 -11.67 34.22 1.27
C GLY B 110 -11.82 35.65 0.81
N SER B 111 -11.02 36.03 -0.17
CA SER B 111 -11.07 37.37 -0.75
C SER B 111 -11.85 37.35 -2.06
N TRP B 112 -12.67 36.31 -2.23
CA TRP B 112 -13.49 36.12 -3.43
C TRP B 112 -12.67 36.03 -4.70
N MET B 113 -11.41 35.61 -4.57
CA MET B 113 -10.54 35.41 -5.72
C MET B 113 -10.48 33.93 -6.06
N ILE B 114 -11.24 33.53 -7.08
CA ILE B 114 -11.42 32.13 -7.43
C ILE B 114 -10.18 31.48 -8.03
N TYR B 115 -9.70 32.04 -9.14
CA TYR B 115 -8.66 31.40 -9.93
C TYR B 115 -7.26 31.59 -9.35
N THR B 116 -6.49 30.52 -9.34
CA THR B 116 -5.11 30.55 -8.85
C THR B 116 -4.23 29.64 -9.70
N TYR B 117 -3.08 30.15 -10.12
CA TYR B 117 -2.16 29.38 -10.95
C TYR B 117 -1.23 28.51 -10.11
N SER B 118 -0.99 27.30 -10.59
CA SER B 118 -0.07 26.38 -9.95
C SER B 118 0.77 25.68 -11.01
N GLY B 119 1.81 26.36 -11.46
CA GLY B 119 2.60 25.87 -12.59
C GLY B 119 1.80 26.02 -13.87
N LEU B 120 1.37 24.90 -14.43
CA LEU B 120 0.53 24.92 -15.63
C LEU B 120 -0.93 24.74 -15.24
N PHE B 121 -1.17 24.53 -13.96
CA PHE B 121 -2.52 24.28 -13.46
C PHE B 121 -3.30 25.58 -13.24
N CYS B 122 -4.57 25.56 -13.63
CA CYS B 122 -5.48 26.66 -13.35
C CYS B 122 -6.50 26.22 -12.31
N VAL B 123 -6.17 26.41 -11.04
CA VAL B 123 -7.03 25.96 -9.96
C VAL B 123 -8.29 26.81 -9.84
N THR B 124 -9.44 26.21 -10.16
CA THR B 124 -10.72 26.88 -10.07
C THR B 124 -11.52 26.36 -8.88
N VAL B 125 -12.01 27.27 -8.04
CA VAL B 125 -12.81 26.89 -6.89
C VAL B 125 -14.27 27.30 -7.08
N ASN B 126 -15.18 26.45 -6.66
CA ASN B 126 -16.61 26.73 -6.79
C ASN B 126 -17.00 27.97 -5.99
N PRO B 127 -17.42 29.04 -6.69
CA PRO B 127 -17.73 30.33 -6.06
C PRO B 127 -19.02 30.31 -5.25
N TYR B 128 -20.02 29.56 -5.71
CA TYR B 128 -21.33 29.48 -5.06
C TYR B 128 -21.97 30.85 -4.91
N LYS B 129 -21.66 31.75 -5.84
CA LYS B 129 -22.24 33.08 -5.88
C LYS B 129 -21.94 33.72 -7.23
N TRP B 130 -22.69 34.77 -7.58
CA TRP B 130 -22.47 35.44 -8.85
C TRP B 130 -21.30 36.41 -8.77
N LEU B 131 -20.42 36.35 -9.75
CA LEU B 131 -19.26 37.24 -9.81
C LEU B 131 -19.25 38.03 -11.13
N PRO B 132 -18.98 39.34 -11.03
CA PRO B 132 -18.96 40.23 -12.20
C PRO B 132 -17.66 40.15 -12.98
N VAL B 133 -17.14 38.94 -13.18
CA VAL B 133 -15.85 38.75 -13.83
C VAL B 133 -15.98 38.03 -15.17
N TYR B 134 -17.22 37.89 -15.64
CA TYR B 134 -17.46 37.22 -16.92
C TYR B 134 -18.16 38.15 -17.90
N THR B 135 -18.10 39.45 -17.61
CA THR B 135 -18.68 40.46 -18.48
C THR B 135 -17.84 40.64 -19.74
N PRO B 136 -18.46 41.14 -20.82
CA PRO B 136 -17.72 41.44 -22.05
C PRO B 136 -16.57 42.41 -21.84
N GLU B 137 -16.65 43.21 -20.78
CA GLU B 137 -15.57 44.11 -20.41
C GLU B 137 -14.32 43.32 -20.05
N VAL B 138 -14.52 42.20 -19.37
CA VAL B 138 -13.43 41.33 -18.96
C VAL B 138 -12.83 40.57 -20.15
N VAL B 139 -13.71 40.13 -21.05
CA VAL B 139 -13.29 39.38 -22.23
C VAL B 139 -12.34 40.20 -23.09
N ALA B 140 -12.66 41.49 -23.27
CA ALA B 140 -11.85 42.38 -24.09
C ALA B 140 -10.49 42.64 -23.45
N ALA B 141 -10.39 42.35 -22.15
CA ALA B 141 -9.16 42.58 -21.41
C ALA B 141 -8.20 41.39 -21.54
N TYR B 142 -8.76 40.19 -21.59
CA TYR B 142 -7.94 38.97 -21.64
C TYR B 142 -7.61 38.52 -23.06
N ARG B 143 -7.77 39.42 -24.02
CA ARG B 143 -7.53 39.08 -25.41
C ARG B 143 -6.04 38.84 -25.69
N GLY B 144 -5.32 39.90 -26.04
CA GLY B 144 -3.93 39.79 -26.43
C GLY B 144 -2.98 39.40 -25.31
N LYS B 145 -3.45 39.49 -24.07
CA LYS B 145 -2.60 39.26 -22.91
C LYS B 145 -2.11 37.81 -22.85
N LYS B 146 -0.86 37.65 -22.43
CA LYS B 146 -0.19 36.36 -22.44
C LYS B 146 -0.17 35.71 -21.06
N ARG B 147 -1.35 35.56 -20.46
CA ARG B 147 -1.50 34.94 -19.14
C ARG B 147 -0.70 35.65 -18.05
N SER B 148 0.61 35.74 -18.22
CA SER B 148 1.47 36.44 -17.27
C SER B 148 1.16 37.92 -17.19
N GLU B 149 0.48 38.44 -18.22
CA GLU B 149 0.15 39.85 -18.31
C GLU B 149 -1.22 40.15 -17.72
N ALA B 150 -1.76 39.22 -16.96
CA ALA B 150 -3.11 39.35 -16.42
C ALA B 150 -3.32 38.46 -15.20
N PRO B 151 -4.30 38.81 -14.34
CA PRO B 151 -4.65 37.96 -13.20
C PRO B 151 -5.11 36.57 -13.63
N PRO B 152 -5.04 35.58 -12.73
CA PRO B 152 -5.53 34.22 -13.03
C PRO B 152 -7.02 34.22 -13.38
N HIS B 153 -7.37 33.56 -14.48
CA HIS B 153 -8.74 33.53 -14.94
C HIS B 153 -8.96 32.38 -15.92
N ILE B 154 -10.19 31.89 -16.00
CA ILE B 154 -10.52 30.80 -16.92
C ILE B 154 -10.44 31.29 -18.37
N PHE B 155 -10.62 32.59 -18.56
CA PHE B 155 -10.52 33.20 -19.89
C PHE B 155 -9.09 33.10 -20.41
N SER B 156 -8.12 33.24 -19.50
CA SER B 156 -6.71 33.22 -19.87
C SER B 156 -6.29 31.87 -20.44
N ILE B 157 -6.83 30.80 -19.86
CA ILE B 157 -6.54 29.45 -20.34
C ILE B 157 -7.09 29.24 -21.75
N SER B 158 -8.35 29.60 -21.94
CA SER B 158 -9.02 29.42 -23.22
C SER B 158 -8.45 30.34 -24.29
N ASP B 159 -8.05 31.55 -23.91
CA ASP B 159 -7.53 32.50 -24.88
C ASP B 159 -6.14 32.11 -25.37
N ASN B 160 -5.25 31.80 -24.43
CA ASN B 160 -3.90 31.37 -24.76
C ASN B 160 -3.92 30.09 -25.60
N ALA B 161 -4.90 29.24 -25.36
CA ALA B 161 -5.08 28.03 -26.15
C ALA B 161 -5.48 28.37 -27.58
N TYR B 162 -6.19 29.48 -27.74
CA TYR B 162 -6.63 29.91 -29.07
C TYR B 162 -5.51 30.62 -29.82
N GLN B 163 -4.69 31.38 -29.08
CA GLN B 163 -3.60 32.12 -29.69
C GLN B 163 -2.43 31.22 -30.06
N TYR B 164 -2.21 30.17 -29.27
CA TYR B 164 -1.18 29.19 -29.57
C TYR B 164 -1.50 28.45 -30.86
N MET B 165 -2.79 28.23 -31.09
CA MET B 165 -3.25 27.53 -32.29
C MET B 165 -2.94 28.33 -33.55
N LEU B 166 -2.96 29.65 -33.44
CA LEU B 166 -2.70 30.53 -34.57
C LEU B 166 -1.20 30.80 -34.71
N THR B 167 -0.53 30.95 -33.58
CA THR B 167 0.90 31.25 -33.57
C THR B 167 1.74 30.03 -33.93
N ASP B 168 1.55 28.94 -33.19
CA ASP B 168 2.36 27.75 -33.38
C ASP B 168 1.78 26.80 -34.43
N ARG B 169 0.57 27.10 -34.88
CA ARG B 169 -0.11 26.30 -35.91
C ARG B 169 -0.21 24.83 -35.56
N GLU B 170 -0.56 24.54 -34.31
CA GLU B 170 -0.72 23.16 -33.86
C GLU B 170 -2.01 22.97 -33.06
N ASN B 171 -2.43 21.72 -32.92
CA ASN B 171 -3.66 21.41 -32.20
C ASN B 171 -3.53 21.70 -30.70
N GLN B 172 -4.67 21.94 -30.05
CA GLN B 172 -4.69 22.28 -28.63
C GLN B 172 -5.67 21.38 -27.88
N SER B 173 -5.55 21.36 -26.56
CA SER B 173 -6.46 20.56 -25.73
C SER B 173 -6.53 21.09 -24.30
N ILE B 174 -7.74 21.26 -23.79
CA ILE B 174 -7.94 21.70 -22.42
C ILE B 174 -8.56 20.58 -21.58
N LEU B 175 -7.86 20.19 -20.52
CA LEU B 175 -8.32 19.12 -19.66
C LEU B 175 -8.85 19.67 -18.34
N ILE B 176 -10.15 19.44 -18.11
CA ILE B 176 -10.80 19.91 -16.89
C ILE B 176 -11.30 18.75 -16.03
N THR B 177 -10.77 18.63 -14.83
CA THR B 177 -11.17 17.55 -13.93
C THR B 177 -11.72 18.08 -12.62
N GLY B 178 -11.92 17.18 -11.65
CA GLY B 178 -12.48 17.53 -10.36
C GLY B 178 -13.53 16.54 -9.92
N GLU B 179 -13.86 16.55 -8.63
CA GLU B 179 -14.87 15.64 -8.10
C GLU B 179 -16.26 16.07 -8.53
N SER B 180 -17.26 15.28 -8.12
CA SER B 180 -18.65 15.59 -8.46
C SER B 180 -19.11 16.86 -7.76
N GLY B 181 -19.46 17.87 -8.55
CA GLY B 181 -19.92 19.14 -8.03
C GLY B 181 -18.78 20.11 -7.76
N ALA B 182 -17.67 19.92 -8.48
CA ALA B 182 -16.52 20.81 -8.33
C ALA B 182 -16.64 22.02 -9.24
N GLY B 183 -17.38 21.86 -10.32
CA GLY B 183 -17.58 22.94 -11.28
C GLY B 183 -16.94 22.65 -12.62
N LYS B 184 -16.84 21.37 -12.96
CA LYS B 184 -16.28 20.97 -14.25
C LYS B 184 -17.16 21.44 -15.40
N THR B 185 -18.45 21.12 -15.31
CA THR B 185 -19.42 21.45 -16.35
C THR B 185 -19.56 22.95 -16.54
N VAL B 186 -19.46 23.71 -15.46
CA VAL B 186 -19.52 25.16 -15.53
C VAL B 186 -18.33 25.72 -16.30
N ASN B 187 -17.13 25.32 -15.89
CA ASN B 187 -15.90 25.74 -16.55
C ASN B 187 -15.80 25.21 -17.97
N THR B 188 -16.37 24.04 -18.22
CA THR B 188 -16.37 23.46 -19.56
C THR B 188 -17.16 24.33 -20.53
N LYS B 189 -18.32 24.81 -20.08
CA LYS B 189 -19.17 25.65 -20.91
C LYS B 189 -18.57 27.02 -21.13
N ARG B 190 -17.92 27.57 -20.10
CA ARG B 190 -17.30 28.90 -20.19
C ARG B 190 -16.21 28.92 -21.26
N VAL B 191 -15.45 27.85 -21.34
CA VAL B 191 -14.38 27.75 -22.32
C VAL B 191 -14.93 27.63 -23.73
N ILE B 192 -15.91 26.76 -23.91
CA ILE B 192 -16.52 26.56 -25.22
C ILE B 192 -17.27 27.82 -25.67
N GLN B 193 -17.91 28.49 -24.72
CA GLN B 193 -18.63 29.74 -25.01
C GLN B 193 -17.66 30.82 -25.48
N TYR B 194 -16.49 30.85 -24.85
CA TYR B 194 -15.43 31.81 -25.16
C TYR B 194 -15.04 31.76 -26.63
N PHE B 195 -14.73 30.56 -27.10
CA PHE B 195 -14.31 30.33 -28.48
C PHE B 195 -15.35 30.83 -29.47
N ALA B 196 -16.63 30.63 -29.14
CA ALA B 196 -17.73 31.06 -29.98
C ALA B 196 -17.74 32.57 -30.15
N VAL B 197 -17.35 33.28 -29.10
CA VAL B 197 -17.30 34.75 -29.12
C VAL B 197 -16.04 35.25 -29.81
N ILE B 198 -14.97 34.49 -29.61
CA ILE B 198 -13.61 34.89 -30.01
C ILE B 198 -13.43 35.02 -31.53
N ALA B 199 -14.31 34.39 -32.31
CA ALA B 199 -14.30 34.43 -33.79
C ALA B 199 -13.20 33.47 -34.32
N ALA B 200 -13.05 33.24 -35.63
CA ALA B 200 -13.73 33.90 -36.77
C ALA B 200 -14.90 33.11 -37.34
N ILE B 201 -15.39 33.58 -38.48
CA ILE B 201 -16.53 32.97 -39.17
C ILE B 201 -16.15 32.63 -40.61
N GLY B 202 -16.44 31.39 -41.00
CA GLY B 202 -16.12 30.91 -42.32
C GLY B 202 -17.27 31.03 -43.29
N ASP B 203 -17.20 30.24 -44.35
CA ASP B 203 -18.20 30.24 -45.41
C ASP B 203 -18.38 31.65 -45.99
N PRO B 211 -27.89 20.44 -41.93
CA PRO B 211 -29.13 20.93 -41.34
C PRO B 211 -28.89 21.73 -40.05
N GLY B 212 -29.97 22.00 -39.32
CA GLY B 212 -29.87 22.74 -38.08
C GLY B 212 -30.17 24.23 -38.25
N LYS B 213 -30.93 24.79 -37.33
CA LYS B 213 -31.28 26.21 -37.38
C LYS B 213 -30.21 27.07 -36.73
N GLY B 214 -29.98 28.26 -37.29
CA GLY B 214 -29.02 29.19 -36.74
C GLY B 214 -27.61 28.97 -37.24
N THR B 215 -26.65 29.63 -36.60
CA THR B 215 -25.25 29.53 -37.00
C THR B 215 -24.55 28.40 -36.24
N LEU B 216 -23.30 28.13 -36.62
CA LEU B 216 -22.52 27.06 -35.98
C LEU B 216 -22.19 27.39 -34.54
N GLU B 217 -22.02 28.68 -34.25
CA GLU B 217 -21.76 29.13 -32.88
C GLU B 217 -22.90 28.75 -31.95
N ASP B 218 -24.13 28.81 -32.46
CA ASP B 218 -25.30 28.45 -31.68
C ASP B 218 -25.38 26.95 -31.44
N GLN B 219 -25.19 26.17 -32.51
CA GLN B 219 -25.36 24.72 -32.46
C GLN B 219 -24.40 24.04 -31.50
N ILE B 220 -23.17 24.53 -31.43
CA ILE B 220 -22.18 23.98 -30.51
C ILE B 220 -22.60 24.21 -29.06
N ILE B 221 -23.08 25.41 -28.78
CA ILE B 221 -23.54 25.76 -27.43
C ILE B 221 -24.87 25.09 -27.12
N GLN B 222 -25.73 24.98 -28.12
CA GLN B 222 -27.06 24.41 -27.94
C GLN B 222 -27.01 22.89 -27.85
N ALA B 223 -25.81 22.32 -27.94
CA ALA B 223 -25.63 20.89 -27.78
C ALA B 223 -25.56 20.52 -26.31
N ASN B 224 -25.40 21.53 -25.45
CA ASN B 224 -25.37 21.31 -24.01
C ASN B 224 -26.74 21.06 -23.38
N PRO B 225 -27.75 21.91 -23.67
CA PRO B 225 -29.04 21.61 -23.05
C PRO B 225 -29.68 20.33 -23.57
N ALA B 226 -29.21 19.85 -24.73
CA ALA B 226 -29.74 18.62 -25.32
C ALA B 226 -29.16 17.40 -24.63
N LEU B 227 -27.89 17.48 -24.25
CA LEU B 227 -27.20 16.35 -23.63
C LEU B 227 -27.40 16.33 -22.11
N GLU B 228 -27.50 17.51 -21.52
CA GLU B 228 -27.68 17.62 -20.07
C GLU B 228 -29.07 17.12 -19.66
N ALA B 229 -29.97 17.02 -20.64
CA ALA B 229 -31.31 16.50 -20.38
C ALA B 229 -31.26 15.00 -20.15
N PHE B 230 -30.40 14.31 -20.91
CA PHE B 230 -30.29 12.86 -20.82
C PHE B 230 -29.03 12.41 -20.09
N GLY B 231 -28.16 13.37 -19.77
CA GLY B 231 -26.89 13.04 -19.17
C GLY B 231 -26.67 13.57 -17.76
N ASN B 232 -27.46 14.57 -17.37
CA ASN B 232 -27.32 15.15 -16.04
C ASN B 232 -28.47 14.78 -15.11
N ALA B 233 -28.18 14.78 -13.81
CA ALA B 233 -29.18 14.46 -12.81
C ALA B 233 -28.88 15.20 -11.51
N LYS B 234 -29.79 15.11 -10.55
CA LYS B 234 -29.60 15.79 -9.26
C LYS B 234 -28.77 14.92 -8.31
N THR B 235 -27.52 15.31 -8.12
CA THR B 235 -26.65 14.65 -7.15
C THR B 235 -26.72 15.41 -5.83
N VAL B 236 -26.34 14.74 -4.74
CA VAL B 236 -26.31 15.38 -3.43
C VAL B 236 -25.34 16.55 -3.43
N ARG B 237 -24.25 16.41 -4.19
CA ARG B 237 -23.25 17.46 -4.33
C ARG B 237 -23.73 18.59 -5.23
N ASN B 238 -24.33 18.23 -6.36
CA ASN B 238 -24.73 19.22 -7.36
C ASN B 238 -26.10 18.92 -7.96
N ASP B 239 -26.91 19.97 -8.09
CA ASP B 239 -28.26 19.84 -8.64
C ASP B 239 -28.23 19.49 -10.12
N ASN B 240 -27.22 19.99 -10.83
CA ASN B 240 -27.07 19.73 -12.25
C ASN B 240 -25.70 19.11 -12.55
N SER B 241 -25.54 17.83 -12.21
CA SER B 241 -24.27 17.15 -12.37
C SER B 241 -24.29 16.16 -13.54
N SER B 242 -23.35 16.33 -14.46
CA SER B 242 -23.22 15.42 -15.60
C SER B 242 -22.68 14.07 -15.14
N ARG B 243 -23.35 13.00 -15.53
CA ARG B 243 -22.94 11.66 -15.14
C ARG B 243 -22.21 10.95 -16.28
N PHE B 244 -21.50 11.73 -17.09
CA PHE B 244 -20.77 11.19 -18.22
C PHE B 244 -19.59 12.09 -18.60
N GLY B 245 -18.49 11.48 -19.01
CA GLY B 245 -17.33 12.23 -19.48
C GLY B 245 -17.58 12.77 -20.88
N LYS B 246 -16.98 13.90 -21.19
CA LYS B 246 -17.16 14.51 -22.50
C LYS B 246 -15.85 15.04 -23.07
N PHE B 247 -15.63 14.78 -24.35
CA PHE B 247 -14.46 15.30 -25.06
C PHE B 247 -14.88 15.87 -26.41
N ILE B 248 -15.05 17.18 -26.47
CA ILE B 248 -15.51 17.85 -27.69
C ILE B 248 -14.37 18.56 -28.41
N ARG B 249 -14.20 18.25 -29.70
CA ARG B 249 -13.14 18.86 -30.50
C ARG B 249 -13.72 19.94 -31.40
N ILE B 250 -13.29 21.18 -31.19
CA ILE B 250 -13.74 22.29 -32.02
C ILE B 250 -12.72 22.58 -33.10
N HIS B 251 -13.11 22.36 -34.36
CA HIS B 251 -12.19 22.50 -35.48
C HIS B 251 -12.20 23.92 -36.05
N PHE B 252 -11.01 24.40 -36.41
CA PHE B 252 -10.86 25.75 -36.94
C PHE B 252 -10.18 25.75 -38.30
N GLY B 253 -10.18 26.91 -38.95
CA GLY B 253 -9.51 27.07 -40.23
C GLY B 253 -8.08 27.53 -40.05
N ALA B 254 -7.51 28.11 -41.10
CA ALA B 254 -6.13 28.59 -41.04
C ALA B 254 -6.03 29.95 -40.36
N THR B 255 -7.10 30.72 -40.46
CA THR B 255 -7.14 32.07 -39.87
C THR B 255 -7.01 32.14 -38.34
N GLY B 256 -7.77 31.35 -37.55
CA GLY B 256 -8.69 30.32 -38.00
C GLY B 256 -10.13 30.63 -37.65
N LYS B 257 -11.03 30.22 -38.53
CA LYS B 257 -12.46 30.45 -38.34
C LYS B 257 -13.18 29.17 -37.95
N LEU B 258 -14.33 29.31 -37.29
CA LEU B 258 -15.09 28.16 -36.82
C LEU B 258 -15.53 27.28 -37.98
N ALA B 259 -15.06 26.03 -37.98
CA ALA B 259 -15.31 25.13 -39.11
C ALA B 259 -16.29 24.01 -38.74
N SER B 260 -15.92 23.21 -37.76
CA SER B 260 -16.75 22.07 -37.38
C SER B 260 -16.54 21.67 -35.92
N ALA B 261 -17.26 20.64 -35.48
CA ALA B 261 -17.14 20.14 -34.11
C ALA B 261 -17.62 18.70 -34.01
N ASP B 262 -17.03 17.94 -33.08
CA ASP B 262 -17.44 16.57 -32.84
C ASP B 262 -17.36 16.24 -31.35
N ILE B 263 -18.35 15.50 -30.85
CA ILE B 263 -18.43 15.20 -29.43
C ILE B 263 -18.39 13.69 -29.18
N GLU B 264 -17.59 13.28 -28.20
CA GLU B 264 -17.54 11.88 -27.80
C GLU B 264 -17.71 11.77 -26.28
N THR B 265 -18.59 10.86 -25.86
CA THR B 265 -18.90 10.70 -24.45
C THR B 265 -18.17 9.51 -23.83
N TYR B 266 -18.04 9.53 -22.51
CA TYR B 266 -17.33 8.47 -21.80
C TYR B 266 -18.00 8.13 -20.47
N LEU B 267 -18.09 6.83 -20.19
CA LEU B 267 -18.51 6.32 -18.88
C LEU B 267 -19.82 6.90 -18.37
N LEU B 268 -20.90 6.70 -19.14
CA LEU B 268 -22.22 7.10 -18.69
C LEU B 268 -22.80 6.04 -17.77
N GLU B 269 -23.04 6.40 -16.51
CA GLU B 269 -23.55 5.44 -15.55
C GLU B 269 -24.98 5.04 -15.88
N LYS B 270 -25.18 3.76 -16.19
CA LYS B 270 -26.50 3.23 -16.50
C LYS B 270 -27.25 2.90 -15.21
N SER B 271 -26.59 3.10 -14.08
CA SER B 271 -27.19 2.82 -12.79
C SER B 271 -28.34 3.78 -12.52
N ARG B 272 -28.22 5.00 -13.06
CA ARG B 272 -29.15 6.09 -12.79
C ARG B 272 -30.56 5.85 -13.35
N VAL B 273 -30.64 5.25 -14.53
CA VAL B 273 -31.90 5.15 -15.25
C VAL B 273 -32.91 4.24 -14.54
N ILE B 274 -32.42 3.24 -13.82
CA ILE B 274 -33.33 2.30 -13.14
C ILE B 274 -33.14 2.33 -11.63
N PHE B 275 -32.18 3.11 -11.14
CA PHE B 275 -31.89 3.16 -9.72
C PHE B 275 -31.30 4.51 -9.30
N GLN B 276 -31.70 4.98 -8.12
CA GLN B 276 -31.12 6.19 -7.55
C GLN B 276 -31.20 6.15 -6.03
N LEU B 277 -30.31 6.90 -5.37
CA LEU B 277 -30.24 6.90 -3.92
C LEU B 277 -31.36 7.73 -3.30
N LYS B 278 -31.21 8.00 -2.01
CA LYS B 278 -32.25 8.69 -1.24
C LYS B 278 -32.34 10.19 -1.57
N ALA B 279 -31.19 10.86 -1.60
CA ALA B 279 -31.17 12.30 -1.83
C ALA B 279 -30.97 12.65 -3.30
N GLU B 280 -30.83 11.61 -4.13
CA GLU B 280 -30.64 11.81 -5.56
C GLU B 280 -31.92 11.49 -6.34
N ARG B 281 -31.87 11.71 -7.65
CA ARG B 281 -32.99 11.37 -8.52
C ARG B 281 -32.48 10.95 -9.90
N ASP B 282 -33.38 10.50 -10.75
CA ASP B 282 -33.02 10.06 -12.09
C ASP B 282 -32.67 11.27 -12.98
N TYR B 283 -32.32 11.00 -14.22
CA TYR B 283 -31.93 12.04 -15.17
C TYR B 283 -33.05 13.05 -15.38
N HIS B 284 -32.66 14.25 -15.81
CA HIS B 284 -33.59 15.37 -15.94
C HIS B 284 -34.75 15.10 -16.91
N ILE B 285 -34.45 14.39 -17.99
CA ILE B 285 -35.42 14.17 -19.07
C ILE B 285 -36.74 13.57 -18.57
N PHE B 286 -36.66 12.64 -17.62
CA PHE B 286 -37.84 11.99 -17.07
C PHE B 286 -38.77 13.00 -16.40
N TYR B 287 -38.19 13.82 -15.52
CA TYR B 287 -38.96 14.79 -14.77
C TYR B 287 -39.36 15.98 -15.64
N GLN B 288 -38.70 16.11 -16.78
CA GLN B 288 -39.03 17.18 -17.73
C GLN B 288 -40.26 16.82 -18.54
N ILE B 289 -40.31 15.57 -19.03
CA ILE B 289 -41.47 15.07 -19.77
C ILE B 289 -42.72 15.17 -18.91
N LEU B 290 -42.56 14.91 -17.62
CA LEU B 290 -43.66 15.05 -16.66
C LEU B 290 -43.97 16.53 -16.41
N SER B 291 -44.75 16.79 -15.36
CA SER B 291 -45.17 18.15 -15.00
C SER B 291 -45.86 18.87 -16.17
N ASN B 292 -46.53 18.08 -17.01
CA ASN B 292 -47.27 18.58 -18.17
C ASN B 292 -46.42 19.44 -19.10
N LYS B 293 -46.63 20.76 -19.05
CA LYS B 293 -45.94 21.73 -19.92
C LYS B 293 -46.16 21.44 -21.40
N LYS B 294 -45.75 20.26 -21.84
CA LYS B 294 -46.04 19.79 -23.20
C LYS B 294 -47.02 18.62 -23.13
N PRO B 295 -48.33 18.92 -23.09
CA PRO B 295 -49.40 17.95 -22.86
C PRO B 295 -49.48 16.86 -23.94
N GLU B 296 -49.07 17.18 -25.15
CA GLU B 296 -49.18 16.25 -26.27
C GLU B 296 -48.25 15.04 -26.09
N LEU B 297 -47.28 15.17 -25.19
CA LEU B 297 -46.35 14.08 -24.92
C LEU B 297 -46.97 13.01 -24.03
N LEU B 298 -47.78 13.45 -23.06
CA LEU B 298 -48.41 12.53 -22.13
C LEU B 298 -49.47 11.66 -22.80
N ASP B 299 -50.16 12.22 -23.78
CA ASP B 299 -51.17 11.48 -24.53
C ASP B 299 -50.51 10.60 -25.60
N MET B 300 -49.23 10.86 -25.86
CA MET B 300 -48.48 10.08 -26.84
C MET B 300 -47.68 8.99 -26.17
N LEU B 301 -47.27 9.23 -24.93
CA LEU B 301 -46.43 8.30 -24.19
C LEU B 301 -47.24 7.45 -23.21
N LEU B 302 -48.53 7.74 -23.12
CA LEU B 302 -49.44 7.04 -22.21
C LEU B 302 -48.94 7.13 -20.77
N ILE B 303 -48.57 8.34 -20.35
CA ILE B 303 -47.98 8.56 -19.04
C ILE B 303 -48.89 9.40 -18.15
N THR B 304 -48.99 9.02 -16.88
CA THR B 304 -49.78 9.76 -15.91
C THR B 304 -49.13 11.11 -15.56
N ASN B 305 -49.62 11.72 -14.48
CA ASN B 305 -49.12 13.02 -14.05
C ASN B 305 -48.11 12.88 -12.91
N ASN B 306 -48.31 11.85 -12.08
CA ASN B 306 -47.50 11.64 -10.90
C ASN B 306 -46.23 10.83 -11.20
N PRO B 307 -45.06 11.40 -10.89
CA PRO B 307 -43.76 10.74 -11.07
C PRO B 307 -43.62 9.47 -10.24
N TYR B 308 -44.35 9.39 -9.14
CA TYR B 308 -44.23 8.25 -8.22
C TYR B 308 -45.00 7.02 -8.72
N ASP B 309 -45.51 7.08 -9.94
CA ASP B 309 -46.23 5.95 -10.51
C ASP B 309 -45.32 5.09 -11.38
N TYR B 310 -44.01 5.32 -11.27
CA TYR B 310 -43.04 4.59 -12.06
C TYR B 310 -41.80 4.25 -11.23
N ALA B 311 -41.68 2.96 -10.89
CA ALA B 311 -40.68 2.49 -9.93
C ALA B 311 -39.24 2.80 -10.32
N PHE B 312 -38.98 2.93 -11.62
CA PHE B 312 -37.62 3.20 -12.09
C PHE B 312 -37.16 4.61 -11.73
N ILE B 313 -38.10 5.54 -11.64
CA ILE B 313 -37.76 6.94 -11.36
C ILE B 313 -38.37 7.43 -10.04
N SER B 314 -39.24 6.62 -9.45
CA SER B 314 -39.95 7.01 -8.23
C SER B 314 -39.03 7.00 -7.01
N GLN B 315 -37.94 6.25 -7.09
CA GLN B 315 -37.00 6.13 -5.98
C GLN B 315 -36.37 7.47 -5.64
N GLY B 316 -36.11 7.68 -4.35
CA GLY B 316 -35.46 8.90 -3.89
C GLY B 316 -36.30 10.15 -4.08
N GLU B 317 -35.64 11.27 -4.35
CA GLU B 317 -36.32 12.55 -4.53
C GLU B 317 -36.89 12.65 -5.95
N THR B 318 -37.76 13.64 -6.15
CA THR B 318 -38.40 13.83 -7.47
C THR B 318 -38.43 15.29 -7.89
N THR B 319 -38.15 16.19 -6.94
CA THR B 319 -38.19 17.62 -7.22
C THR B 319 -36.92 18.33 -6.77
N VAL B 320 -36.52 19.34 -7.54
CA VAL B 320 -35.36 20.14 -7.20
C VAL B 320 -35.76 21.62 -7.06
N ALA B 321 -35.29 22.25 -6.00
CA ALA B 321 -35.64 23.64 -5.72
C ALA B 321 -35.10 24.60 -6.76
N SER B 322 -33.89 24.34 -7.24
CA SER B 322 -33.22 25.23 -8.19
C SER B 322 -33.59 24.91 -9.64
N ILE B 323 -34.15 23.74 -9.86
CA ILE B 323 -34.47 23.30 -11.23
C ILE B 323 -35.96 23.40 -11.54
N ASP B 324 -36.29 24.16 -12.58
CA ASP B 324 -37.65 24.26 -13.06
C ASP B 324 -37.85 23.32 -14.24
N ASP B 325 -38.48 22.17 -13.99
CA ASP B 325 -38.64 21.13 -14.99
C ASP B 325 -39.48 21.58 -16.19
N ALA B 326 -40.37 22.55 -15.96
CA ALA B 326 -41.22 23.07 -17.03
C ALA B 326 -40.42 23.93 -18.00
N GLU B 327 -39.55 24.77 -17.46
CA GLU B 327 -38.72 25.64 -18.28
C GLU B 327 -37.63 24.86 -19.00
N GLU B 328 -37.03 23.90 -18.29
CA GLU B 328 -35.96 23.09 -18.84
C GLU B 328 -36.46 22.12 -19.90
N LEU B 329 -37.76 21.81 -19.85
CA LEU B 329 -38.36 20.96 -20.86
C LEU B 329 -38.41 21.66 -22.21
N MET B 330 -38.85 22.90 -22.21
CA MET B 330 -38.88 23.71 -23.42
C MET B 330 -37.47 23.94 -23.95
N ALA B 331 -36.53 24.18 -23.04
CA ALA B 331 -35.14 24.38 -23.40
C ALA B 331 -34.56 23.11 -24.03
N THR B 332 -34.95 21.96 -23.50
CA THR B 332 -34.53 20.67 -24.04
C THR B 332 -35.07 20.48 -25.45
N ASP B 333 -36.36 20.74 -25.62
CA ASP B 333 -37.00 20.56 -26.92
C ASP B 333 -36.45 21.55 -27.95
N ASN B 334 -36.21 22.79 -27.53
CA ASN B 334 -35.66 23.81 -28.42
C ASN B 334 -34.25 23.44 -28.89
N ALA B 335 -33.51 22.75 -28.03
CA ALA B 335 -32.14 22.36 -28.34
C ALA B 335 -32.09 21.42 -29.54
N PHE B 336 -32.99 20.46 -29.58
CA PHE B 336 -33.02 19.48 -30.67
C PHE B 336 -33.46 20.11 -31.99
N ASP B 337 -34.37 21.07 -31.92
CA ASP B 337 -34.81 21.78 -33.12
C ASP B 337 -33.68 22.59 -33.74
N VAL B 338 -32.88 23.22 -32.89
CA VAL B 338 -31.72 23.97 -33.34
C VAL B 338 -30.66 23.01 -33.89
N LEU B 339 -30.58 21.83 -33.29
CA LEU B 339 -29.62 20.81 -33.72
C LEU B 339 -30.14 19.98 -34.88
N GLY B 340 -31.20 20.46 -35.53
CA GLY B 340 -31.71 19.85 -36.75
C GLY B 340 -32.39 18.51 -36.57
N PHE B 341 -32.97 18.26 -35.41
CA PHE B 341 -33.70 17.02 -35.17
C PHE B 341 -35.09 17.09 -35.78
N THR B 342 -35.43 16.09 -36.58
CA THR B 342 -36.74 16.02 -37.23
C THR B 342 -37.82 15.71 -36.21
N SER B 343 -39.08 15.98 -36.57
CA SER B 343 -40.20 15.72 -35.70
C SER B 343 -40.35 14.22 -35.40
N GLU B 344 -39.85 13.40 -36.32
CA GLU B 344 -39.89 11.95 -36.15
C GLU B 344 -38.85 11.50 -35.12
N GLU B 345 -37.65 12.06 -35.22
CA GLU B 345 -36.56 11.70 -34.32
C GLU B 345 -36.80 12.22 -32.90
N LYS B 346 -37.43 13.38 -32.79
CA LYS B 346 -37.65 14.02 -31.51
C LYS B 346 -38.55 13.19 -30.58
N ASN B 347 -39.81 13.02 -30.99
CA ASN B 347 -40.78 12.32 -30.15
C ASN B 347 -40.50 10.83 -30.02
N SER B 348 -39.67 10.29 -30.91
CA SER B 348 -39.26 8.90 -30.81
C SER B 348 -38.36 8.70 -29.59
N MET B 349 -37.56 9.71 -29.28
CA MET B 349 -36.72 9.69 -28.08
C MET B 349 -37.58 9.82 -26.83
N TYR B 350 -38.66 10.58 -26.95
CA TYR B 350 -39.61 10.73 -25.85
C TYR B 350 -40.32 9.40 -25.57
N LYS B 351 -40.78 8.76 -26.63
CA LYS B 351 -41.50 7.49 -26.52
C LYS B 351 -40.64 6.40 -25.89
N LEU B 352 -39.38 6.32 -26.30
CA LEU B 352 -38.46 5.34 -25.74
C LEU B 352 -38.17 5.67 -24.28
N THR B 353 -38.19 6.95 -23.94
CA THR B 353 -37.97 7.39 -22.56
C THR B 353 -39.14 6.96 -21.68
N GLY B 354 -40.36 7.11 -22.21
CA GLY B 354 -41.55 6.71 -21.49
C GLY B 354 -41.72 5.21 -21.47
N ALA B 355 -41.15 4.54 -22.47
CA ALA B 355 -41.22 3.09 -22.56
C ALA B 355 -40.41 2.42 -21.45
N ILE B 356 -39.32 3.08 -21.05
CA ILE B 356 -38.50 2.59 -19.96
C ILE B 356 -39.25 2.75 -18.63
N MET B 357 -40.03 3.82 -18.55
CA MET B 357 -40.84 4.09 -17.36
C MET B 357 -41.88 3.00 -17.14
N HIS B 358 -42.38 2.43 -18.24
CA HIS B 358 -43.35 1.33 -18.16
C HIS B 358 -42.64 0.01 -17.94
N PHE B 359 -41.39 -0.08 -18.39
CA PHE B 359 -40.61 -1.30 -18.28
C PHE B 359 -40.32 -1.66 -16.83
N GLY B 360 -40.30 -0.64 -15.97
CA GLY B 360 -40.02 -0.85 -14.56
C GLY B 360 -41.26 -1.14 -13.75
N ASN B 361 -42.43 -0.90 -14.35
CA ASN B 361 -43.70 -1.15 -13.67
C ASN B 361 -44.24 -2.54 -13.99
N MET B 362 -43.52 -3.29 -14.81
CA MET B 362 -43.89 -4.66 -15.12
C MET B 362 -43.75 -5.54 -13.88
N LYS B 363 -44.84 -6.15 -13.47
CA LYS B 363 -44.83 -7.06 -12.32
C LYS B 363 -44.84 -8.51 -12.77
N PHE B 364 -44.21 -9.37 -11.98
CA PHE B 364 -44.15 -10.80 -12.30
C PHE B 364 -44.30 -11.64 -11.03
N LYS B 365 -44.89 -12.81 -11.17
CA LYS B 365 -45.09 -13.71 -10.04
C LYS B 365 -44.80 -15.15 -10.43
N LEU B 366 -44.67 -16.02 -9.43
CA LEU B 366 -44.38 -17.43 -9.67
C LEU B 366 -45.67 -18.26 -9.69
N LYS B 367 -45.66 -19.34 -10.45
CA LYS B 367 -46.82 -20.22 -10.55
C LYS B 367 -46.69 -21.40 -9.61
N GLN B 368 -47.82 -22.03 -9.28
CA GLN B 368 -47.85 -23.15 -8.37
C GLN B 368 -47.16 -24.38 -8.96
N GLU B 371 -39.21 -22.39 -10.78
CA GLU B 371 -40.41 -21.75 -11.29
C GLU B 371 -40.15 -21.11 -12.65
N GLN B 372 -41.20 -21.01 -13.47
CA GLN B 372 -41.06 -20.43 -14.80
C GLN B 372 -41.40 -18.94 -14.80
N ALA B 373 -42.07 -18.50 -13.74
CA ALA B 373 -42.43 -17.10 -13.53
C ALA B 373 -43.26 -16.52 -14.67
N GLU B 374 -44.58 -16.57 -14.51
CA GLU B 374 -45.49 -15.98 -15.48
C GLU B 374 -45.80 -14.54 -15.13
N PRO B 375 -46.14 -13.72 -16.15
CA PRO B 375 -46.49 -12.31 -15.95
C PRO B 375 -47.60 -12.09 -14.93
N ASP B 376 -47.51 -11.00 -14.17
CA ASP B 376 -48.53 -10.65 -13.18
C ASP B 376 -49.54 -9.69 -13.78
N GLY B 377 -50.05 -10.05 -14.97
CA GLY B 377 -51.00 -9.21 -15.67
C GLY B 377 -50.35 -8.44 -16.80
N THR B 378 -51.13 -8.13 -17.83
CA THR B 378 -50.62 -7.39 -18.97
C THR B 378 -50.32 -5.94 -18.60
N GLU B 379 -51.18 -5.37 -17.75
CA GLU B 379 -51.07 -3.99 -17.23
C GLU B 379 -50.31 -3.00 -18.11
N GLU B 380 -49.32 -2.32 -17.53
CA GLU B 380 -48.57 -1.29 -18.23
C GLU B 380 -47.53 -1.84 -19.19
N ALA B 381 -47.39 -3.17 -19.23
CA ALA B 381 -46.46 -3.80 -20.14
C ALA B 381 -46.95 -3.67 -21.59
N ASP B 382 -48.25 -3.46 -21.74
CA ASP B 382 -48.83 -3.22 -23.06
C ASP B 382 -48.43 -1.85 -23.60
N LYS B 383 -48.42 -0.86 -22.72
CA LYS B 383 -48.01 0.50 -23.08
C LYS B 383 -46.56 0.51 -23.53
N SER B 384 -45.73 -0.26 -22.84
CA SER B 384 -44.30 -0.33 -23.15
C SER B 384 -44.07 -0.91 -24.54
N ALA B 385 -44.83 -1.94 -24.89
CA ALA B 385 -44.70 -2.58 -26.18
C ALA B 385 -45.18 -1.68 -27.30
N TYR B 386 -46.16 -0.83 -27.00
CA TYR B 386 -46.69 0.11 -27.98
C TYR B 386 -45.69 1.22 -28.30
N LEU B 387 -45.05 1.75 -27.27
CA LEU B 387 -44.07 2.82 -27.44
C LEU B 387 -42.81 2.32 -28.13
N MET B 388 -42.44 1.07 -27.85
CA MET B 388 -41.26 0.47 -28.46
C MET B 388 -41.59 -0.14 -29.81
N GLY B 389 -42.87 -0.44 -30.04
CA GLY B 389 -43.30 -1.02 -31.29
C GLY B 389 -42.99 -2.50 -31.37
N LEU B 390 -43.57 -3.27 -30.44
CA LEU B 390 -43.35 -4.71 -30.41
C LEU B 390 -44.67 -5.46 -30.50
N ASN B 391 -44.63 -6.77 -30.25
CA ASN B 391 -45.82 -7.61 -30.35
C ASN B 391 -46.51 -7.80 -29.01
N SER B 392 -45.92 -7.24 -27.96
CA SER B 392 -46.44 -7.36 -26.59
C SER B 392 -46.49 -8.81 -26.11
N ALA B 393 -47.22 -9.64 -26.83
CA ALA B 393 -47.28 -11.07 -26.53
C ALA B 393 -45.89 -11.70 -26.66
N ASP B 394 -45.19 -11.37 -27.74
CA ASP B 394 -43.83 -11.86 -27.96
C ASP B 394 -42.87 -11.31 -26.91
N LEU B 395 -43.17 -10.10 -26.43
CA LEU B 395 -42.32 -9.44 -25.45
C LEU B 395 -42.27 -10.19 -24.13
N LEU B 396 -43.44 -10.38 -23.50
CA LEU B 396 -43.50 -10.99 -22.18
C LEU B 396 -43.16 -12.47 -22.20
N LYS B 397 -43.40 -13.13 -23.33
CA LYS B 397 -43.06 -14.55 -23.46
C LYS B 397 -41.56 -14.75 -23.55
N GLY B 398 -40.91 -13.98 -24.42
CA GLY B 398 -39.47 -14.07 -24.58
C GLY B 398 -38.72 -13.54 -23.38
N LEU B 399 -39.36 -12.65 -22.64
CA LEU B 399 -38.75 -12.06 -21.44
C LEU B 399 -38.73 -13.07 -20.31
N CYS B 400 -39.78 -13.87 -20.19
CA CYS B 400 -39.88 -14.87 -19.14
C CYS B 400 -39.24 -16.19 -19.57
N HIS B 401 -39.16 -16.41 -20.88
CA HIS B 401 -38.55 -17.62 -21.42
C HIS B 401 -37.67 -17.31 -22.62
N PRO B 402 -36.41 -16.95 -22.38
CA PRO B 402 -35.45 -16.62 -23.44
C PRO B 402 -34.98 -17.86 -24.20
N ARG B 403 -34.15 -17.66 -25.22
CA ARG B 403 -33.63 -18.76 -26.02
C ARG B 403 -32.13 -18.66 -26.19
N VAL B 411 -34.09 -25.24 -27.03
CA VAL B 411 -33.02 -24.33 -26.63
C VAL B 411 -33.57 -23.17 -25.78
N THR B 412 -34.79 -23.35 -25.27
CA THR B 412 -35.42 -22.34 -24.44
C THR B 412 -35.11 -22.54 -22.96
N LYS B 413 -34.46 -21.54 -22.36
CA LYS B 413 -34.14 -21.59 -20.94
C LYS B 413 -35.29 -21.05 -20.10
N GLY B 414 -35.10 -21.06 -18.78
CA GLY B 414 -36.13 -20.61 -17.87
C GLY B 414 -35.61 -19.62 -16.83
N GLN B 415 -36.50 -18.72 -16.40
CA GLN B 415 -36.13 -17.70 -15.42
C GLN B 415 -37.22 -17.55 -14.37
N ASN B 416 -36.83 -17.19 -13.15
CA ASN B 416 -37.81 -16.94 -12.09
C ASN B 416 -38.09 -15.46 -11.95
N VAL B 417 -38.76 -15.08 -10.86
CA VAL B 417 -39.19 -13.71 -10.64
C VAL B 417 -38.00 -12.77 -10.47
N GLN B 418 -36.89 -13.29 -9.97
CA GLN B 418 -35.70 -12.49 -9.72
C GLN B 418 -34.92 -12.22 -11.01
N GLN B 419 -34.85 -13.23 -11.87
CA GLN B 419 -34.08 -13.13 -13.10
C GLN B 419 -34.74 -12.20 -14.12
N VAL B 420 -36.06 -12.24 -14.19
CA VAL B 420 -36.79 -11.39 -15.13
C VAL B 420 -36.80 -9.93 -14.67
N ILE B 421 -36.68 -9.73 -13.35
CA ILE B 421 -36.59 -8.38 -12.80
C ILE B 421 -35.26 -7.75 -13.21
N TYR B 422 -34.19 -8.54 -13.16
CA TYR B 422 -32.88 -8.09 -13.59
C TYR B 422 -32.85 -7.93 -15.10
N ALA B 423 -33.59 -8.78 -15.80
CA ALA B 423 -33.65 -8.75 -17.26
C ALA B 423 -34.25 -7.45 -17.76
N THR B 424 -35.39 -7.06 -17.19
CA THR B 424 -36.05 -5.81 -17.57
C THR B 424 -35.16 -4.61 -17.28
N GLY B 425 -34.52 -4.62 -16.12
CA GLY B 425 -33.62 -3.54 -15.73
C GLY B 425 -32.42 -3.44 -16.64
N ALA B 426 -31.87 -4.60 -17.04
CA ALA B 426 -30.72 -4.63 -17.92
C ALA B 426 -31.08 -4.11 -19.31
N LEU B 427 -32.24 -4.53 -19.81
CA LEU B 427 -32.71 -4.08 -21.12
C LEU B 427 -33.09 -2.61 -21.09
N ALA B 428 -33.50 -2.12 -19.92
CA ALA B 428 -33.85 -0.71 -19.77
C ALA B 428 -32.61 0.16 -19.89
N LYS B 429 -31.54 -0.24 -19.23
CA LYS B 429 -30.27 0.47 -19.28
C LYS B 429 -29.70 0.45 -20.70
N ALA B 430 -29.85 -0.69 -21.36
CA ALA B 430 -29.33 -0.87 -22.72
C ALA B 430 -29.99 0.10 -23.70
N VAL B 431 -31.32 0.19 -23.64
CA VAL B 431 -32.07 1.09 -24.50
C VAL B 431 -31.64 2.54 -24.29
N TYR B 432 -31.55 2.95 -23.03
CA TYR B 432 -31.23 4.33 -22.69
C TYR B 432 -29.80 4.70 -23.10
N GLU B 433 -28.86 3.80 -22.86
CA GLU B 433 -27.46 4.05 -23.16
C GLU B 433 -27.21 4.18 -24.66
N ARG B 434 -27.68 3.20 -25.42
CA ARG B 434 -27.46 3.17 -26.87
C ARG B 434 -28.20 4.32 -27.55
N MET B 435 -29.28 4.79 -26.93
CA MET B 435 -29.99 5.95 -27.42
C MET B 435 -29.16 7.20 -27.19
N PHE B 436 -28.53 7.27 -26.03
CA PHE B 436 -27.67 8.40 -25.68
C PHE B 436 -26.49 8.50 -26.64
N ASN B 437 -25.96 7.35 -27.04
CA ASN B 437 -24.87 7.31 -28.00
C ASN B 437 -25.36 7.68 -29.40
N TRP B 438 -26.55 7.22 -29.75
CA TRP B 438 -27.18 7.58 -31.02
C TRP B 438 -27.46 9.08 -31.05
N MET B 439 -27.84 9.62 -29.91
CA MET B 439 -28.16 11.03 -29.78
C MET B 439 -26.95 11.89 -30.07
N VAL B 440 -25.81 11.53 -29.47
CA VAL B 440 -24.57 12.28 -29.64
C VAL B 440 -24.09 12.22 -31.10
N THR B 441 -24.11 11.03 -31.68
CA THR B 441 -23.70 10.84 -33.06
C THR B 441 -24.59 11.62 -34.02
N ARG B 442 -25.87 11.74 -33.67
CA ARG B 442 -26.81 12.49 -34.48
C ARG B 442 -26.54 13.99 -34.37
N ILE B 443 -26.21 14.43 -33.15
CA ILE B 443 -25.85 15.83 -32.91
C ILE B 443 -24.56 16.15 -33.66
N ASN B 444 -23.60 15.23 -33.62
CA ASN B 444 -22.35 15.39 -34.35
C ASN B 444 -22.56 15.54 -35.85
N ALA B 445 -23.55 14.80 -36.38
CA ALA B 445 -23.81 14.78 -37.81
C ALA B 445 -24.19 16.14 -38.36
N THR B 446 -24.80 16.98 -37.54
CA THR B 446 -25.21 18.31 -37.95
C THR B 446 -24.08 19.32 -37.76
N LEU B 447 -23.14 18.99 -36.90
CA LEU B 447 -22.00 19.85 -36.64
C LEU B 447 -20.92 19.68 -37.70
N GLU B 448 -20.98 18.56 -38.43
CA GLU B 448 -20.01 18.29 -39.48
C GLU B 448 -20.33 19.11 -40.73
N THR B 449 -19.46 20.07 -41.04
CA THR B 449 -19.64 20.91 -42.22
C THR B 449 -18.50 20.68 -43.20
N LYS B 450 -18.76 20.96 -44.48
CA LYS B 450 -17.76 20.75 -45.53
C LYS B 450 -16.77 21.91 -45.58
N GLN B 451 -16.91 22.85 -44.65
CA GLN B 451 -16.01 23.98 -44.53
C GLN B 451 -14.59 23.50 -44.20
N PRO B 452 -13.59 24.07 -44.90
CA PRO B 452 -12.17 23.74 -44.73
C PRO B 452 -11.71 23.70 -43.27
N ARG B 453 -11.02 22.63 -42.89
CA ARG B 453 -10.53 22.46 -41.54
C ARG B 453 -9.01 22.45 -41.50
N GLN B 454 -8.44 22.90 -40.39
CA GLN B 454 -6.98 22.99 -40.25
C GLN B 454 -6.52 22.41 -38.92
N TYR B 455 -6.78 23.14 -37.83
CA TYR B 455 -6.44 22.66 -36.50
C TYR B 455 -7.71 22.39 -35.69
N PHE B 456 -7.54 21.99 -34.44
CA PHE B 456 -8.67 21.81 -33.53
C PHE B 456 -8.27 22.02 -32.08
N ILE B 457 -9.28 22.31 -31.24
CA ILE B 457 -9.07 22.43 -29.81
C ILE B 457 -10.03 21.51 -29.07
N GLY B 458 -9.49 20.54 -28.36
CA GLY B 458 -10.29 19.57 -27.63
C GLY B 458 -10.54 19.95 -26.19
N VAL B 459 -11.81 20.03 -25.80
CA VAL B 459 -12.16 20.33 -24.42
C VAL B 459 -12.65 19.06 -23.72
N LEU B 460 -11.90 18.64 -22.71
CA LEU B 460 -12.18 17.38 -22.02
C LEU B 460 -12.62 17.62 -20.57
N ASP B 461 -13.69 16.94 -20.16
CA ASP B 461 -14.14 16.98 -18.78
C ASP B 461 -14.59 15.60 -18.31
N ILE B 462 -13.81 15.00 -17.43
CA ILE B 462 -14.14 13.72 -16.83
C ILE B 462 -13.96 13.82 -15.32
N ALA B 463 -14.83 13.16 -14.57
CA ALA B 463 -14.73 13.13 -13.11
C ALA B 463 -13.34 12.69 -12.69
N GLY B 464 -12.64 13.56 -11.97
CA GLY B 464 -11.27 13.30 -11.58
C GLY B 464 -11.11 12.12 -10.63
N PHE B 465 -9.87 11.83 -10.26
CA PHE B 465 -9.58 10.74 -9.34
C PHE B 465 -10.25 11.00 -7.99
N GLU B 466 -10.95 10.00 -7.48
CA GLU B 466 -11.66 10.13 -6.21
C GLU B 466 -11.72 8.78 -5.48
N ILE B 467 -11.41 8.81 -4.20
CA ILE B 467 -11.42 7.59 -3.39
C ILE B 467 -12.62 7.55 -2.46
N PHE B 468 -13.53 6.61 -2.71
CA PHE B 468 -14.70 6.43 -1.86
C PHE B 468 -14.45 5.33 -0.85
N ASP B 469 -15.41 5.11 0.04
CA ASP B 469 -15.35 4.01 0.99
C ASP B 469 -15.62 2.69 0.26
N PHE B 470 -16.52 2.76 -0.72
CA PHE B 470 -16.84 1.59 -1.54
C PHE B 470 -16.46 1.83 -2.99
N ASN B 471 -15.33 1.26 -3.41
CA ASN B 471 -14.87 1.39 -4.79
C ASN B 471 -15.12 0.12 -5.59
N SER B 472 -15.83 0.25 -6.69
CA SER B 472 -16.20 -0.91 -7.51
C SER B 472 -15.59 -0.85 -8.90
N PHE B 473 -16.23 -1.52 -9.85
CA PHE B 473 -15.73 -1.60 -11.22
C PHE B 473 -15.78 -0.26 -11.93
N GLU B 474 -16.86 0.49 -11.69
CA GLU B 474 -17.02 1.80 -12.29
C GLU B 474 -15.90 2.75 -11.84
N GLN B 475 -15.59 2.72 -10.55
CA GLN B 475 -14.55 3.56 -9.99
C GLN B 475 -13.18 3.21 -10.55
N LEU B 476 -13.00 1.94 -10.91
CA LEU B 476 -11.73 1.49 -11.46
C LEU B 476 -11.46 2.10 -12.83
N CYS B 477 -12.49 2.12 -13.67
CA CYS B 477 -12.36 2.67 -15.02
C CYS B 477 -12.15 4.19 -14.99
N ILE B 478 -12.67 4.83 -13.96
CA ILE B 478 -12.48 6.26 -13.78
C ILE B 478 -11.06 6.54 -13.28
N ASN B 479 -10.63 5.75 -12.30
CA ASN B 479 -9.29 5.89 -11.74
C ASN B 479 -8.20 5.42 -12.69
N PHE B 480 -8.59 4.61 -13.67
CA PHE B 480 -7.65 4.16 -14.69
C PHE B 480 -7.46 5.23 -15.76
N THR B 481 -8.55 5.92 -16.08
CA THR B 481 -8.51 7.01 -17.05
C THR B 481 -7.65 8.16 -16.51
N ASN B 482 -7.93 8.56 -15.29
CA ASN B 482 -7.16 9.62 -14.63
C ASN B 482 -5.70 9.23 -14.42
N GLU B 483 -5.46 7.93 -14.33
CA GLU B 483 -4.10 7.42 -14.21
C GLU B 483 -3.34 7.67 -15.51
N LYS B 484 -4.02 7.48 -16.63
CA LYS B 484 -3.45 7.71 -17.95
C LYS B 484 -3.30 9.20 -18.23
N LEU B 485 -4.26 9.98 -17.75
CA LEU B 485 -4.27 11.43 -17.98
C LEU B 485 -3.27 12.16 -17.11
N GLN B 486 -2.87 11.54 -16.00
CA GLN B 486 -1.88 12.14 -15.11
C GLN B 486 -0.47 11.90 -15.63
N GLN B 487 -0.25 10.71 -16.19
CA GLN B 487 1.02 10.40 -16.84
C GLN B 487 1.22 11.32 -18.04
N PHE B 488 0.12 11.58 -18.75
CA PHE B 488 0.12 12.51 -19.87
C PHE B 488 0.59 13.90 -19.42
N PHE B 489 0.24 14.27 -18.20
CA PHE B 489 0.67 15.54 -17.62
C PHE B 489 2.13 15.48 -17.19
N ASN B 490 2.50 14.41 -16.50
CA ASN B 490 3.86 14.24 -16.01
C ASN B 490 4.87 14.18 -17.14
N HIS B 491 4.52 13.49 -18.22
CA HIS B 491 5.40 13.40 -19.38
C HIS B 491 5.54 14.75 -20.06
N HIS B 492 4.43 15.49 -20.12
CA HIS B 492 4.44 16.83 -20.72
C HIS B 492 5.34 17.76 -19.92
N MET B 493 5.26 17.67 -18.59
CA MET B 493 6.11 18.46 -17.72
C MET B 493 7.57 18.09 -17.91
N PHE B 494 7.82 16.79 -18.11
CA PHE B 494 9.16 16.26 -18.32
C PHE B 494 9.80 16.85 -19.57
N VAL B 495 9.02 16.96 -20.64
CA VAL B 495 9.49 17.53 -21.89
C VAL B 495 9.86 19.00 -21.72
N LEU B 496 9.01 19.73 -21.00
CA LEU B 496 9.24 21.15 -20.76
C LEU B 496 10.51 21.40 -19.96
N GLU B 497 10.82 20.50 -19.04
CA GLU B 497 12.03 20.62 -18.23
C GLU B 497 13.28 20.38 -19.08
N GLN B 498 13.26 19.30 -19.85
CA GLN B 498 14.38 18.96 -20.73
C GLN B 498 14.74 20.11 -21.66
N GLU B 499 13.72 20.84 -22.12
CA GLU B 499 13.95 22.01 -22.95
C GLU B 499 14.56 23.13 -22.12
N GLU B 500 14.13 23.23 -20.88
CA GLU B 500 14.62 24.27 -19.98
C GLU B 500 16.00 23.94 -19.44
N TYR B 501 16.26 22.64 -19.23
CA TYR B 501 17.56 22.21 -18.72
C TYR B 501 18.60 22.08 -19.84
N LYS B 502 18.25 22.57 -21.02
CA LYS B 502 19.20 22.65 -22.14
C LYS B 502 19.30 24.09 -22.64
N LYS B 503 18.19 24.81 -22.58
CA LYS B 503 18.17 26.21 -22.98
C LYS B 503 19.02 27.04 -22.02
N GLU B 504 19.02 26.63 -20.75
CA GLU B 504 19.82 27.32 -19.73
C GLU B 504 21.14 26.60 -19.51
N GLY B 505 21.21 25.36 -19.99
CA GLY B 505 22.45 24.60 -19.94
C GLY B 505 22.81 24.07 -18.57
N ILE B 506 21.79 23.63 -17.83
CA ILE B 506 22.01 23.03 -16.51
C ILE B 506 22.50 21.59 -16.66
N GLU B 507 22.01 20.93 -17.70
CA GLU B 507 22.37 19.54 -18.00
C GLU B 507 21.95 18.62 -16.85
N TRP B 508 20.68 18.25 -16.85
CA TRP B 508 20.09 17.44 -15.80
C TRP B 508 19.59 16.10 -16.34
N THR B 509 20.00 15.01 -15.72
CA THR B 509 19.60 13.68 -16.16
C THR B 509 18.79 12.95 -15.10
N PHE B 510 17.55 12.60 -15.47
CA PHE B 510 16.66 11.87 -14.58
C PHE B 510 15.61 11.15 -15.42
N ILE B 511 14.97 10.14 -14.84
CA ILE B 511 13.98 9.34 -15.56
C ILE B 511 12.75 10.15 -15.94
N ASP B 512 12.00 9.66 -16.91
CA ASP B 512 10.75 10.30 -17.33
C ASP B 512 9.72 10.26 -16.20
N PHE B 513 9.07 11.39 -15.97
CA PHE B 513 8.13 11.51 -14.86
C PHE B 513 6.91 10.62 -15.04
N GLY B 514 6.54 10.36 -16.29
CA GLY B 514 5.40 9.52 -16.60
C GLY B 514 5.67 8.05 -16.38
N MET B 515 6.94 7.71 -16.11
CA MET B 515 7.31 6.32 -15.87
C MET B 515 7.07 5.94 -14.41
N ASP B 516 6.84 6.93 -13.56
CA ASP B 516 6.52 6.68 -12.16
C ASP B 516 5.07 6.23 -12.02
N LEU B 517 4.31 6.33 -13.10
CA LEU B 517 2.92 5.93 -13.11
C LEU B 517 2.68 4.78 -14.08
N GLN B 518 3.72 4.42 -14.83
CA GLN B 518 3.64 3.32 -15.79
C GLN B 518 3.43 1.98 -15.10
N ALA B 519 3.95 1.87 -13.88
CA ALA B 519 3.84 0.63 -13.12
C ALA B 519 2.39 0.26 -12.84
N CYS B 520 1.60 1.25 -12.44
CA CYS B 520 0.20 1.03 -12.11
C CYS B 520 -0.64 0.76 -13.34
N ILE B 521 -0.32 1.44 -14.44
CA ILE B 521 -1.05 1.26 -15.69
C ILE B 521 -0.80 -0.12 -16.28
N ASP B 522 0.43 -0.60 -16.16
CA ASP B 522 0.80 -1.94 -16.63
C ASP B 522 0.01 -3.02 -15.91
N LEU B 523 -0.32 -2.76 -14.64
CA LEU B 523 -1.10 -3.69 -13.85
C LEU B 523 -2.52 -3.82 -14.39
N ILE B 524 -2.99 -2.76 -15.05
CA ILE B 524 -4.37 -2.70 -15.51
C ILE B 524 -4.55 -3.20 -16.95
N GLU B 525 -3.98 -2.47 -17.91
CA GLU B 525 -4.28 -2.70 -19.32
C GLU B 525 -3.45 -3.80 -19.99
N LYS B 526 -2.23 -4.02 -19.51
CA LYS B 526 -1.34 -5.02 -20.11
C LYS B 526 -1.93 -6.42 -20.04
N PRO B 527 -1.52 -7.31 -20.97
CA PRO B 527 -1.95 -8.71 -21.00
C PRO B 527 -1.80 -9.40 -19.64
N MET B 528 -2.74 -10.28 -19.33
CA MET B 528 -2.80 -10.95 -18.02
C MET B 528 -2.89 -9.94 -16.89
N GLY B 529 -3.44 -8.77 -17.17
CA GLY B 529 -3.62 -7.73 -16.17
C GLY B 529 -5.01 -7.80 -15.56
N ILE B 530 -5.34 -6.83 -14.72
CA ILE B 530 -6.62 -6.81 -14.03
C ILE B 530 -7.79 -6.76 -15.01
N MET B 531 -7.64 -6.00 -16.09
CA MET B 531 -8.67 -5.94 -17.12
C MET B 531 -8.64 -7.17 -18.01
N SER B 532 -7.43 -7.62 -18.34
CA SER B 532 -7.26 -8.78 -19.21
C SER B 532 -7.86 -10.04 -18.59
N ILE B 533 -7.62 -10.24 -17.30
CA ILE B 533 -8.16 -11.37 -16.57
C ILE B 533 -9.69 -11.26 -16.50
N LEU B 534 -10.18 -10.03 -16.37
CA LEU B 534 -11.62 -9.79 -16.31
C LEU B 534 -12.30 -10.16 -17.62
N GLU B 535 -11.68 -9.77 -18.74
CA GLU B 535 -12.22 -10.08 -20.06
C GLU B 535 -12.20 -11.58 -20.30
N GLU B 536 -11.15 -12.24 -19.83
CA GLU B 536 -11.01 -13.69 -19.96
C GLU B 536 -12.05 -14.43 -19.11
N GLU B 537 -12.22 -13.97 -17.88
CA GLU B 537 -13.11 -14.65 -16.94
C GLU B 537 -14.57 -14.49 -17.31
N CYS B 538 -14.88 -13.46 -18.11
CA CYS B 538 -16.26 -13.21 -18.54
C CYS B 538 -16.71 -14.23 -19.58
N MET B 539 -15.76 -14.83 -20.30
CA MET B 539 -16.07 -15.79 -21.33
C MET B 539 -16.39 -17.16 -20.75
N PHE B 540 -15.76 -17.49 -19.62
CA PHE B 540 -16.00 -18.75 -18.95
C PHE B 540 -17.38 -18.76 -18.28
N PRO B 541 -18.26 -19.67 -18.73
CA PRO B 541 -19.63 -19.79 -18.20
C PRO B 541 -19.65 -20.09 -16.71
N LYS B 542 -18.82 -21.04 -16.28
CA LYS B 542 -18.76 -21.42 -14.88
C LYS B 542 -17.63 -20.69 -14.17
N ALA B 543 -17.88 -19.43 -13.83
CA ALA B 543 -16.89 -18.61 -13.12
C ALA B 543 -17.59 -17.69 -12.13
N THR B 544 -16.96 -17.49 -10.97
CA THR B 544 -17.52 -16.64 -9.93
C THR B 544 -16.57 -15.52 -9.55
N ASP B 545 -16.98 -14.69 -8.59
CA ASP B 545 -16.15 -13.60 -8.11
C ASP B 545 -14.92 -14.12 -7.37
N MET B 546 -15.04 -15.33 -6.82
CA MET B 546 -13.95 -15.93 -6.06
C MET B 546 -12.87 -16.51 -6.97
N THR B 547 -13.30 -17.06 -8.11
CA THR B 547 -12.34 -17.58 -9.08
C THR B 547 -11.56 -16.43 -9.72
N PHE B 548 -12.26 -15.33 -9.99
CA PHE B 548 -11.63 -14.14 -10.54
C PHE B 548 -10.69 -13.50 -9.53
N LYS B 549 -11.12 -13.48 -8.27
CA LYS B 549 -10.28 -12.97 -7.19
C LYS B 549 -9.03 -13.82 -7.02
N ALA B 550 -9.20 -15.14 -7.08
CA ALA B 550 -8.10 -16.08 -6.95
C ALA B 550 -7.09 -15.92 -8.08
N LYS B 551 -7.61 -15.69 -9.29
CA LYS B 551 -6.74 -15.53 -10.46
C LYS B 551 -6.00 -14.21 -10.42
N LEU B 552 -6.56 -13.23 -9.71
CA LEU B 552 -5.90 -11.94 -9.54
C LEU B 552 -4.73 -12.03 -8.56
N PHE B 553 -4.95 -12.71 -7.44
CA PHE B 553 -3.93 -12.85 -6.42
C PHE B 553 -2.80 -13.78 -6.85
N ASP B 554 -3.16 -14.86 -7.54
CA ASP B 554 -2.18 -15.86 -7.96
C ASP B 554 -1.27 -15.34 -9.07
N ASN B 555 -1.71 -14.29 -9.75
CA ASN B 555 -0.95 -13.73 -10.85
C ASN B 555 -0.17 -12.47 -10.49
N HIS B 556 -0.83 -11.55 -9.78
CA HIS B 556 -0.26 -10.22 -9.57
C HIS B 556 0.32 -10.00 -8.17
N LEU B 557 -0.33 -10.54 -7.14
CA LEU B 557 0.15 -10.36 -5.78
C LEU B 557 1.53 -10.99 -5.61
N GLY B 558 2.53 -10.13 -5.42
CA GLY B 558 3.91 -10.57 -5.36
C GLY B 558 4.67 -10.18 -6.60
N LYS B 559 4.15 -10.59 -7.76
CA LYS B 559 4.77 -10.24 -9.03
C LYS B 559 4.61 -8.75 -9.33
N SER B 560 3.39 -8.26 -9.17
CA SER B 560 3.10 -6.84 -9.35
C SER B 560 3.18 -6.10 -8.01
N ALA B 561 3.99 -5.05 -7.98
CA ALA B 561 4.23 -4.32 -6.74
C ALA B 561 3.04 -3.43 -6.36
N ASN B 562 2.29 -3.00 -7.36
CA ASN B 562 1.16 -2.08 -7.13
C ASN B 562 -0.13 -2.83 -6.77
N PHE B 563 -0.06 -4.15 -6.74
CA PHE B 563 -1.19 -4.97 -6.30
C PHE B 563 -0.93 -5.45 -4.88
N GLN B 564 -1.83 -5.10 -3.96
CA GLN B 564 -1.60 -5.39 -2.54
C GLN B 564 -2.83 -5.95 -1.83
N LYS B 565 -2.60 -6.43 -0.62
CA LYS B 565 -3.67 -6.97 0.23
C LYS B 565 -4.63 -5.85 0.64
N PRO B 566 -5.94 -6.12 0.58
CA PRO B 566 -6.95 -5.11 0.95
C PRO B 566 -6.86 -4.67 2.40
N ARG B 567 -6.64 -3.39 2.63
CA ARG B 567 -6.61 -2.84 3.98
C ARG B 567 -8.02 -2.56 4.48
N ASN B 568 -8.47 -3.37 5.42
CA ASN B 568 -9.81 -3.22 5.99
C ASN B 568 -9.93 -1.94 6.80
N ILE B 569 -10.91 -1.12 6.44
CA ILE B 569 -11.11 0.19 7.06
C ILE B 569 -11.89 0.07 8.38
N LYS B 570 -12.05 -1.16 8.85
CA LYS B 570 -12.82 -1.46 10.06
C LYS B 570 -14.30 -1.10 9.93
N GLY B 571 -14.58 0.12 9.47
CA GLY B 571 -15.94 0.52 9.16
C GLY B 571 -16.43 -0.17 7.90
N LYS B 572 -17.65 0.17 7.49
CA LYS B 572 -18.24 -0.45 6.30
C LYS B 572 -17.86 0.32 5.04
N PRO B 573 -17.62 -0.40 3.93
CA PRO B 573 -17.60 -1.87 3.89
C PRO B 573 -16.18 -2.42 3.88
N GLU B 574 -16.01 -3.58 3.24
CA GLU B 574 -14.69 -4.18 3.06
C GLU B 574 -14.47 -4.57 1.61
N ALA B 575 -13.22 -4.47 1.15
CA ALA B 575 -12.89 -4.74 -0.23
C ALA B 575 -12.17 -6.07 -0.39
N HIS B 576 -11.64 -6.31 -1.60
CA HIS B 576 -10.98 -7.59 -1.90
C HIS B 576 -9.51 -7.41 -2.24
N PHE B 577 -9.12 -6.22 -2.67
CA PHE B 577 -7.72 -5.92 -2.97
C PHE B 577 -7.46 -4.42 -3.01
N SER B 578 -6.25 -4.02 -2.63
CA SER B 578 -5.85 -2.62 -2.66
C SER B 578 -4.99 -2.33 -3.89
N LEU B 579 -5.19 -1.16 -4.47
CA LEU B 579 -4.40 -0.75 -5.63
C LEU B 579 -3.68 0.56 -5.35
N ILE B 580 -2.38 0.60 -5.64
CA ILE B 580 -1.57 1.78 -5.39
C ILE B 580 -1.51 2.69 -6.60
N HIS B 581 -2.35 3.73 -6.60
CA HIS B 581 -2.34 4.71 -7.68
C HIS B 581 -1.40 5.87 -7.33
N TYR B 582 -1.39 6.89 -8.18
CA TYR B 582 -0.57 8.07 -7.93
C TYR B 582 -1.18 8.93 -6.84
N ALA B 583 -2.50 8.85 -6.71
CA ALA B 583 -3.22 9.66 -5.74
C ALA B 583 -3.32 8.98 -4.38
N GLY B 584 -2.86 7.74 -4.31
CA GLY B 584 -2.88 6.99 -3.07
C GLY B 584 -3.29 5.54 -3.26
N ILE B 585 -3.76 4.93 -2.17
CA ILE B 585 -4.17 3.53 -2.20
C ILE B 585 -5.69 3.40 -2.18
N VAL B 586 -6.23 2.61 -3.11
CA VAL B 586 -7.67 2.44 -3.23
C VAL B 586 -8.09 0.99 -3.03
N ASP B 587 -9.09 0.78 -2.17
CA ASP B 587 -9.61 -0.56 -1.92
C ASP B 587 -10.79 -0.86 -2.84
N TYR B 588 -10.59 -1.81 -3.75
CA TYR B 588 -11.62 -2.13 -4.74
C TYR B 588 -12.43 -3.38 -4.37
N ASN B 589 -13.74 -3.28 -4.55
CA ASN B 589 -14.64 -4.40 -4.30
C ASN B 589 -14.92 -5.17 -5.59
N ILE B 590 -14.70 -6.48 -5.57
CA ILE B 590 -14.79 -7.30 -6.77
C ILE B 590 -16.22 -7.80 -7.03
N ILE B 591 -16.99 -7.99 -5.97
CA ILE B 591 -18.33 -8.55 -6.04
C ILE B 591 -19.21 -7.91 -7.12
N GLY B 592 -19.40 -8.64 -8.22
CA GLY B 592 -20.29 -8.21 -9.28
C GLY B 592 -19.62 -7.77 -10.57
N TRP B 593 -18.29 -7.80 -10.60
CA TRP B 593 -17.53 -7.32 -11.76
C TRP B 593 -17.74 -8.20 -12.99
N LEU B 594 -17.94 -9.49 -12.78
CA LEU B 594 -18.13 -10.43 -13.89
C LEU B 594 -19.40 -10.13 -14.66
N GLN B 595 -20.42 -9.63 -13.95
CA GLN B 595 -21.70 -9.32 -14.57
C GLN B 595 -21.75 -7.87 -15.05
N LYS B 596 -21.09 -6.97 -14.34
CA LYS B 596 -21.01 -5.57 -14.73
C LYS B 596 -20.28 -5.44 -16.06
N ASN B 597 -19.11 -6.09 -16.15
CA ASN B 597 -18.42 -6.22 -17.42
C ASN B 597 -19.21 -7.17 -18.31
N LYS B 598 -18.88 -7.22 -19.60
CA LYS B 598 -19.57 -8.07 -20.57
C LYS B 598 -21.03 -7.66 -20.78
N ASP B 599 -21.76 -7.47 -19.68
CA ASP B 599 -23.13 -6.98 -19.69
C ASP B 599 -24.07 -7.89 -20.49
N PRO B 600 -24.60 -8.93 -19.83
CA PRO B 600 -25.52 -9.88 -20.47
C PRO B 600 -26.91 -9.28 -20.69
N LEU B 601 -27.54 -9.65 -21.81
CA LEU B 601 -28.88 -9.16 -22.13
C LEU B 601 -29.77 -10.27 -22.67
N ASN B 602 -31.07 -10.16 -22.40
CA ASN B 602 -32.05 -11.09 -22.94
C ASN B 602 -32.15 -10.93 -24.46
N GLU B 603 -31.44 -11.78 -25.19
CA GLU B 603 -31.32 -11.65 -26.64
C GLU B 603 -32.64 -11.83 -27.38
N THR B 604 -33.60 -12.49 -26.74
CA THR B 604 -34.93 -12.63 -27.35
C THR B 604 -35.63 -11.28 -27.41
N VAL B 605 -35.51 -10.51 -26.32
CA VAL B 605 -36.05 -9.17 -26.29
C VAL B 605 -35.23 -8.27 -27.21
N VAL B 606 -33.92 -8.50 -27.26
CA VAL B 606 -33.03 -7.77 -28.15
C VAL B 606 -33.38 -8.08 -29.60
N GLY B 607 -33.68 -9.35 -29.88
CA GLY B 607 -34.09 -9.76 -31.22
C GLY B 607 -35.38 -9.09 -31.65
N LEU B 608 -36.27 -8.88 -30.69
CA LEU B 608 -37.54 -8.20 -30.96
C LEU B 608 -37.29 -6.71 -31.22
N TYR B 609 -36.30 -6.15 -30.53
CA TYR B 609 -35.95 -4.75 -30.69
C TYR B 609 -35.47 -4.47 -32.11
N GLN B 610 -34.71 -5.40 -32.68
CA GLN B 610 -34.16 -5.26 -34.02
C GLN B 610 -35.26 -5.17 -35.07
N LYS B 611 -36.39 -5.82 -34.80
CA LYS B 611 -37.52 -5.80 -35.72
C LYS B 611 -38.70 -5.06 -35.10
N SER B 612 -38.59 -3.74 -35.02
CA SER B 612 -39.62 -2.91 -34.42
C SER B 612 -40.22 -1.94 -35.42
N SER B 613 -41.48 -1.58 -35.20
CA SER B 613 -42.16 -0.61 -36.05
C SER B 613 -41.49 0.76 -35.93
N LEU B 614 -41.04 1.07 -34.71
CA LEU B 614 -40.28 2.29 -34.46
C LEU B 614 -38.86 2.11 -34.98
N LYS B 615 -38.48 2.91 -35.98
CA LYS B 615 -37.20 2.77 -36.64
C LYS B 615 -36.03 3.08 -35.72
N LEU B 616 -36.28 3.93 -34.73
CA LEU B 616 -35.24 4.32 -33.77
C LEU B 616 -34.74 3.14 -32.96
N LEU B 617 -35.67 2.36 -32.41
CA LEU B 617 -35.33 1.21 -31.59
C LEU B 617 -34.63 0.13 -32.41
N SER B 618 -35.06 -0.04 -33.66
CA SER B 618 -34.47 -1.04 -34.54
C SER B 618 -33.08 -0.62 -35.00
N THR B 619 -32.80 0.67 -34.93
CA THR B 619 -31.52 1.21 -35.37
C THR B 619 -30.45 1.05 -34.29
N LEU B 620 -30.75 1.51 -33.08
CA LEU B 620 -29.77 1.52 -32.01
C LEU B 620 -29.60 0.14 -31.35
N PHE B 621 -30.15 -0.89 -31.98
CA PHE B 621 -29.95 -2.26 -31.53
C PHE B 621 -29.49 -3.15 -32.68
N ALA B 622 -29.04 -2.53 -33.77
CA ALA B 622 -28.48 -3.27 -34.89
C ALA B 622 -27.14 -3.87 -34.50
N ASN B 623 -26.65 -4.79 -35.32
CA ASN B 623 -25.38 -5.49 -35.07
C ASN B 623 -25.39 -6.19 -33.71
N TYR B 624 -24.87 -5.50 -32.69
CA TYR B 624 -24.82 -6.02 -31.33
C TYR B 624 -24.07 -7.35 -31.23
N GLN B 645 -16.72 -6.86 -27.39
CA GLN B 645 -18.10 -6.46 -27.12
C GLN B 645 -18.32 -6.25 -25.62
N THR B 646 -17.28 -6.44 -24.83
CA THR B 646 -17.36 -6.28 -23.39
C THR B 646 -17.15 -4.82 -22.99
N VAL B 647 -17.41 -4.51 -21.73
CA VAL B 647 -17.33 -3.15 -21.24
C VAL B 647 -15.89 -2.63 -21.15
N SER B 648 -15.03 -3.39 -20.47
CA SER B 648 -13.65 -2.98 -20.26
C SER B 648 -12.87 -2.90 -21.57
N ALA B 649 -13.20 -3.76 -22.52
CA ALA B 649 -12.56 -3.75 -23.82
C ALA B 649 -13.00 -2.54 -24.63
N LEU B 650 -14.25 -2.12 -24.42
CA LEU B 650 -14.79 -0.96 -25.10
C LEU B 650 -14.20 0.33 -24.53
N HIS B 651 -14.05 0.36 -23.20
CA HIS B 651 -13.48 1.51 -22.52
C HIS B 651 -12.03 1.73 -22.92
N ARG B 652 -11.34 0.63 -23.22
CA ARG B 652 -9.94 0.69 -23.65
C ARG B 652 -9.84 1.31 -25.04
N GLU B 653 -10.74 0.90 -25.93
CA GLU B 653 -10.75 1.42 -27.30
C GLU B 653 -11.07 2.91 -27.33
N ASN B 654 -11.97 3.33 -26.46
CA ASN B 654 -12.36 4.74 -26.37
C ASN B 654 -11.23 5.59 -25.80
N LEU B 655 -10.56 5.06 -24.78
CA LEU B 655 -9.49 5.79 -24.12
C LEU B 655 -8.25 5.92 -25.02
N ASN B 656 -7.96 4.88 -25.78
CA ASN B 656 -6.78 4.85 -26.63
C ASN B 656 -6.81 5.93 -27.71
N LYS B 657 -7.97 6.13 -28.34
CA LYS B 657 -8.10 7.16 -29.36
C LYS B 657 -8.18 8.53 -28.70
N LEU B 658 -8.64 8.57 -27.46
CA LEU B 658 -8.68 9.81 -26.69
C LEU B 658 -7.27 10.26 -26.36
N MET B 659 -6.43 9.31 -25.97
CA MET B 659 -5.04 9.61 -25.67
C MET B 659 -4.28 9.99 -26.93
N THR B 660 -4.60 9.33 -28.04
CA THR B 660 -3.95 9.58 -29.31
C THR B 660 -4.20 11.02 -29.78
N ASN B 661 -5.42 11.50 -29.56
CA ASN B 661 -5.76 12.88 -29.87
C ASN B 661 -5.01 13.86 -28.98
N LEU B 662 -4.94 13.56 -27.69
CA LEU B 662 -4.30 14.44 -26.71
C LEU B 662 -2.79 14.55 -26.92
N ARG B 663 -2.18 13.50 -27.46
CA ARG B 663 -0.74 13.51 -27.69
C ARG B 663 -0.39 14.32 -28.94
N SER B 664 -1.39 14.64 -29.74
CA SER B 664 -1.18 15.44 -30.95
C SER B 664 -1.52 16.91 -30.70
N THR B 665 -1.70 17.26 -29.44
CA THR B 665 -2.13 18.60 -29.06
C THR B 665 -1.20 19.27 -28.06
N HIS B 666 -1.35 20.58 -27.93
CA HIS B 666 -0.68 21.33 -26.87
C HIS B 666 -1.63 21.44 -25.68
N PRO B 667 -1.39 20.63 -24.64
CA PRO B 667 -2.33 20.48 -23.52
C PRO B 667 -2.36 21.67 -22.56
N HIS B 668 -3.56 21.97 -22.07
CA HIS B 668 -3.75 23.00 -21.05
C HIS B 668 -4.58 22.41 -19.92
N PHE B 669 -4.09 22.55 -18.69
CA PHE B 669 -4.66 21.81 -17.58
C PHE B 669 -5.43 22.69 -16.59
N VAL B 670 -6.73 22.41 -16.46
CA VAL B 670 -7.59 23.13 -15.53
C VAL B 670 -8.06 22.19 -14.42
N ARG B 671 -7.93 22.63 -13.17
CA ARG B 671 -8.29 21.80 -12.02
C ARG B 671 -9.37 22.46 -11.16
N CYS B 672 -10.52 21.81 -11.07
CA CYS B 672 -11.65 22.34 -10.30
C CYS B 672 -11.66 21.79 -8.87
N ILE B 673 -11.99 22.67 -7.93
CA ILE B 673 -12.02 22.32 -6.50
C ILE B 673 -13.35 22.70 -5.87
N ILE B 674 -13.93 21.80 -5.10
CA ILE B 674 -15.16 22.08 -4.38
C ILE B 674 -14.88 22.29 -2.89
N PRO B 675 -15.25 23.47 -2.36
CA PRO B 675 -14.98 23.87 -0.97
C PRO B 675 -15.68 23.01 0.07
N ASN B 676 -17.00 22.86 -0.05
CA ASN B 676 -17.78 22.15 0.96
C ASN B 676 -19.06 21.53 0.40
N GLU B 677 -19.74 20.75 1.23
CA GLU B 677 -20.98 20.10 0.84
C GLU B 677 -22.20 20.95 1.17
N THR B 678 -21.98 22.01 1.96
CA THR B 678 -23.08 22.88 2.36
C THR B 678 -23.36 23.96 1.32
N LYS B 679 -22.61 23.92 0.22
CA LYS B 679 -22.75 24.87 -0.88
C LYS B 679 -22.61 26.32 -0.41
N SER B 680 -21.80 26.52 0.62
CA SER B 680 -21.60 27.85 1.19
C SER B 680 -20.39 28.54 0.57
N PRO B 681 -20.60 29.78 0.08
CA PRO B 681 -19.53 30.57 -0.53
C PRO B 681 -18.59 31.19 0.51
N GLY B 682 -17.30 31.24 0.19
CA GLY B 682 -16.32 31.87 1.06
C GLY B 682 -15.57 30.91 1.95
N VAL B 683 -16.27 29.90 2.47
CA VAL B 683 -15.68 28.97 3.41
C VAL B 683 -15.09 27.73 2.73
N MET B 684 -14.11 27.12 3.38
CA MET B 684 -13.47 25.91 2.87
C MET B 684 -13.35 24.83 3.95
N ASP B 685 -13.49 23.58 3.54
CA ASP B 685 -13.21 22.46 4.41
C ASP B 685 -11.80 21.94 4.13
N ASN B 686 -10.90 22.09 5.10
CA ASN B 686 -9.50 21.72 4.92
C ASN B 686 -9.28 20.27 4.48
N PRO B 687 -9.86 19.28 5.19
CA PRO B 687 -9.56 17.91 4.74
C PRO B 687 -10.20 17.55 3.40
N LEU B 688 -11.26 18.27 3.02
CA LEU B 688 -11.94 18.03 1.75
C LEU B 688 -11.11 18.54 0.58
N VAL B 689 -10.58 19.75 0.71
CA VAL B 689 -9.75 20.34 -0.32
C VAL B 689 -8.44 19.57 -0.45
N MET B 690 -7.90 19.13 0.68
CA MET B 690 -6.67 18.35 0.71
C MET B 690 -6.81 17.05 -0.06
N HIS B 691 -7.97 16.41 0.07
CA HIS B 691 -8.23 15.17 -0.63
C HIS B 691 -8.17 15.35 -2.14
N GLN B 692 -8.69 16.48 -2.61
CA GLN B 692 -8.71 16.77 -4.05
C GLN B 692 -7.32 17.11 -4.57
N LEU B 693 -6.57 17.89 -3.80
CA LEU B 693 -5.22 18.30 -4.19
C LEU B 693 -4.28 17.11 -4.32
N ARG B 694 -4.57 16.05 -3.58
CA ARG B 694 -3.75 14.83 -3.63
C ARG B 694 -4.21 13.92 -4.75
N CYS B 695 -5.31 14.28 -5.42
CA CYS B 695 -5.88 13.43 -6.46
C CYS B 695 -5.85 14.07 -7.83
N ASN B 696 -6.04 15.39 -7.90
CA ASN B 696 -6.09 16.09 -9.17
C ASN B 696 -4.72 16.21 -9.83
N GLY B 697 -3.66 16.09 -9.03
CA GLY B 697 -2.31 16.12 -9.55
C GLY B 697 -1.56 17.39 -9.23
N VAL B 698 -2.19 18.29 -8.48
CA VAL B 698 -1.56 19.55 -8.09
C VAL B 698 -0.31 19.30 -7.26
N LEU B 699 -0.44 18.46 -6.23
CA LEU B 699 0.69 18.11 -5.40
C LEU B 699 1.62 17.14 -6.13
N GLU B 700 1.09 16.48 -7.14
CA GLU B 700 1.87 15.56 -7.97
C GLU B 700 2.83 16.35 -8.86
N GLY B 701 2.31 17.40 -9.50
CA GLY B 701 3.11 18.25 -10.36
C GLY B 701 4.16 19.01 -9.58
N ILE B 702 3.94 19.15 -8.28
CA ILE B 702 4.88 19.83 -7.40
C ILE B 702 6.08 18.95 -7.09
N ARG B 703 5.83 17.71 -6.70
CA ARG B 703 6.89 16.81 -6.27
C ARG B 703 7.81 16.41 -7.41
N ILE B 704 7.32 16.48 -8.63
CA ILE B 704 8.12 16.11 -9.80
C ILE B 704 9.02 17.26 -10.25
N CYS B 705 8.70 18.46 -9.77
CA CYS B 705 9.52 19.63 -10.07
C CYS B 705 10.62 19.80 -9.03
N ARG B 706 10.37 19.31 -7.82
CA ARG B 706 11.34 19.39 -6.75
C ARG B 706 12.52 18.44 -7.01
N LYS B 707 12.24 17.35 -7.73
CA LYS B 707 13.28 16.38 -8.09
C LYS B 707 14.40 17.03 -8.89
N GLY B 708 14.04 17.98 -9.75
CA GLY B 708 15.02 18.72 -10.52
C GLY B 708 15.51 19.94 -9.76
N PHE B 709 15.51 21.09 -10.43
CA PHE B 709 15.92 22.33 -9.80
C PHE B 709 14.86 23.41 -10.01
N PRO B 710 13.86 23.46 -9.12
CA PRO B 710 12.77 24.44 -9.20
C PRO B 710 13.22 25.85 -8.78
N ASN B 711 12.32 26.81 -8.90
CA ASN B 711 12.61 28.20 -8.56
C ASN B 711 13.84 28.75 -9.28
N ARG B 712 13.64 29.19 -10.53
CA ARG B 712 14.73 29.71 -11.33
C ARG B 712 14.84 31.22 -11.19
N ILE B 713 16.02 31.69 -10.79
CA ILE B 713 16.26 33.10 -10.56
C ILE B 713 17.33 33.65 -11.50
N LEU B 714 17.03 34.77 -12.15
CA LEU B 714 17.97 35.43 -13.04
C LEU B 714 19.22 35.91 -12.30
N TYR B 715 20.29 36.17 -13.04
CA TYR B 715 21.52 36.69 -12.46
C TYR B 715 21.31 38.09 -11.88
N GLY B 716 20.36 38.83 -12.45
CA GLY B 716 20.05 40.15 -11.97
C GLY B 716 18.91 40.15 -10.97
N SER B 738 28.19 39.54 -14.95
CA SER B 738 27.06 39.23 -14.08
C SER B 738 26.98 37.74 -13.76
N ARG B 739 27.92 36.98 -14.32
CA ARG B 739 27.95 35.53 -14.11
C ARG B 739 28.69 35.16 -12.82
N LYS B 740 29.98 35.46 -12.77
CA LYS B 740 30.82 35.10 -11.63
C LYS B 740 30.41 35.83 -10.35
N GLY B 741 29.68 36.93 -10.50
CA GLY B 741 29.26 37.74 -9.36
C GLY B 741 28.40 36.97 -8.37
N ALA B 742 27.35 36.32 -8.88
CA ALA B 742 26.46 35.54 -8.05
C ALA B 742 27.09 34.20 -7.67
N GLU B 743 28.08 33.77 -8.45
CA GLU B 743 28.73 32.48 -8.22
C GLU B 743 29.49 32.43 -6.90
N LYS B 744 30.41 33.37 -6.71
CA LYS B 744 31.19 33.43 -5.48
C LYS B 744 30.37 34.05 -4.34
N LEU B 745 29.17 34.53 -4.69
CA LEU B 745 28.26 35.07 -3.69
C LEU B 745 27.66 33.93 -2.86
N LEU B 746 27.29 32.85 -3.55
CA LEU B 746 26.81 31.65 -2.85
C LEU B 746 27.98 30.88 -2.26
N SER B 747 29.15 31.02 -2.88
CA SER B 747 30.36 30.33 -2.41
C SER B 747 30.86 30.93 -1.11
N SER B 748 30.67 32.24 -0.94
CA SER B 748 31.08 32.93 0.27
C SER B 748 30.18 32.55 1.45
N LEU B 749 28.94 32.19 1.14
CA LEU B 749 27.99 31.77 2.16
C LEU B 749 28.11 30.28 2.43
N ASP B 750 27.95 29.88 3.69
CA ASP B 750 28.01 28.48 4.07
C ASP B 750 26.61 27.88 4.11
N ILE B 751 25.89 28.01 2.99
CA ILE B 751 24.53 27.49 2.88
C ILE B 751 24.52 26.06 2.36
N ASP B 752 25.42 25.23 2.90
CA ASP B 752 25.51 23.81 2.60
C ASP B 752 25.92 23.50 1.15
N HIS B 753 25.83 24.50 0.28
CA HIS B 753 26.14 24.34 -1.15
C HIS B 753 25.35 23.20 -1.78
N ASN B 754 25.90 22.64 -2.86
CA ASN B 754 25.28 21.49 -3.55
C ASN B 754 23.88 21.75 -4.09
N GLN B 755 23.03 22.36 -3.27
CA GLN B 755 21.62 22.59 -3.59
C GLN B 755 21.42 23.77 -4.54
N TYR B 756 22.39 24.01 -5.41
CA TYR B 756 22.27 25.03 -6.44
C TYR B 756 23.17 24.73 -7.63
N LYS B 757 22.71 25.06 -8.82
CA LYS B 757 23.50 24.86 -10.04
C LYS B 757 23.57 26.15 -10.86
N PHE B 758 24.60 26.25 -11.71
CA PHE B 758 24.75 27.43 -12.55
C PHE B 758 24.65 27.07 -14.03
N GLY B 759 23.71 27.72 -14.72
CA GLY B 759 23.53 27.53 -16.14
C GLY B 759 23.84 28.79 -16.91
N HIS B 760 22.84 29.31 -17.61
CA HIS B 760 23.02 30.53 -18.39
C HIS B 760 21.95 31.56 -18.04
N THR B 761 22.40 32.75 -17.63
CA THR B 761 21.53 33.88 -17.30
C THR B 761 20.56 33.60 -16.14
N LYS B 762 20.67 32.44 -15.53
CA LYS B 762 19.78 32.06 -14.43
C LYS B 762 20.46 31.11 -13.45
N VAL B 763 20.08 31.20 -12.18
CA VAL B 763 20.58 30.29 -11.16
C VAL B 763 19.49 29.31 -10.75
N PHE B 764 19.83 28.02 -10.77
CA PHE B 764 18.87 26.97 -10.42
C PHE B 764 19.08 26.51 -8.99
N PHE B 765 18.00 26.52 -8.20
CA PHE B 765 18.08 26.16 -6.79
C PHE B 765 17.31 24.89 -6.47
N LYS B 766 17.50 24.38 -5.27
CA LYS B 766 16.69 23.29 -4.75
C LYS B 766 15.52 23.88 -3.98
N ALA B 767 14.47 23.07 -3.76
CA ALA B 767 13.28 23.55 -3.08
C ALA B 767 13.57 23.90 -1.62
N GLY B 768 13.07 25.05 -1.18
CA GLY B 768 13.20 25.45 0.20
C GLY B 768 14.42 26.30 0.50
N LEU B 769 15.30 26.42 -0.49
CA LEU B 769 16.55 27.17 -0.32
C LEU B 769 16.33 28.67 -0.51
N LEU B 770 15.48 29.01 -1.47
CA LEU B 770 15.24 30.42 -1.80
C LEU B 770 14.58 31.17 -0.64
N GLY B 771 13.81 30.45 0.17
CA GLY B 771 13.16 31.05 1.32
C GLY B 771 14.14 31.42 2.42
N LEU B 772 15.21 30.64 2.52
CA LEU B 772 16.25 30.89 3.51
C LEU B 772 16.98 32.19 3.19
N LEU B 773 17.20 32.43 1.90
CA LEU B 773 17.88 33.65 1.46
C LEU B 773 16.99 34.87 1.66
N GLU B 774 15.72 34.74 1.29
CA GLU B 774 14.78 35.86 1.37
C GLU B 774 14.45 36.25 2.80
N GLU B 775 14.49 35.29 3.70
CA GLU B 775 14.18 35.56 5.11
C GLU B 775 15.36 36.27 5.79
N MET B 776 16.57 35.84 5.45
CA MET B 776 17.77 36.49 5.97
C MET B 776 17.95 37.86 5.32
N ARG B 777 17.42 38.01 4.11
CA ARG B 777 17.49 39.26 3.37
C ARG B 777 16.61 40.32 4.03
N ASP B 778 15.39 39.93 4.36
CA ASP B 778 14.44 40.84 5.00
C ASP B 778 14.91 41.23 6.40
N GLU B 779 15.52 40.29 7.09
CA GLU B 779 16.07 40.54 8.42
C GLU B 779 17.28 41.45 8.32
N ARG B 780 18.00 41.33 7.21
CA ARG B 780 19.17 42.18 6.95
C ARG B 780 18.73 43.60 6.65
N LEU B 781 17.69 43.74 5.83
CA LEU B 781 17.16 45.04 5.46
C LEU B 781 16.47 45.70 6.66
N SER B 782 15.89 44.88 7.53
CA SER B 782 15.25 45.38 8.74
C SER B 782 16.28 45.94 9.70
N ARG B 783 17.51 45.44 9.60
CA ARG B 783 18.61 45.90 10.42
C ARG B 783 19.19 47.21 9.88
N ILE B 784 19.14 47.36 8.57
CA ILE B 784 19.66 48.56 7.92
C ILE B 784 18.76 49.77 8.14
N ILE B 785 17.46 49.59 7.90
CA ILE B 785 16.49 50.67 7.99
C ILE B 785 16.44 51.29 9.39
N THR B 786 16.75 50.49 10.40
CA THR B 786 16.76 50.97 11.78
C THR B 786 18.03 51.74 12.08
N ARG B 787 19.12 51.39 11.41
CA ARG B 787 20.39 52.04 11.63
C ARG B 787 20.50 53.33 10.82
N THR B 788 19.85 53.37 9.67
CA THR B 788 19.82 54.56 8.84
C THR B 788 18.94 55.64 9.44
N GLN B 789 17.81 55.21 9.99
CA GLN B 789 16.87 56.14 10.62
C GLN B 789 17.44 56.73 11.90
N ALA B 790 18.16 55.92 12.65
CA ALA B 790 18.77 56.36 13.90
C ALA B 790 19.90 57.36 13.64
N ALA B 791 20.63 57.13 12.56
CA ALA B 791 21.73 58.02 12.19
C ALA B 791 21.20 59.32 11.59
N GLU B 792 20.02 59.24 10.98
CA GLU B 792 19.39 60.40 10.36
C GLU B 792 18.93 61.42 11.41
N GLU B 793 18.53 60.90 12.57
CA GLU B 793 18.00 61.73 13.64
C GLU B 793 19.02 62.75 14.16
N LEU B 794 20.27 62.33 14.26
CA LEU B 794 21.33 63.18 14.80
C LEU B 794 21.67 64.35 13.90
N PHE B 795 21.49 64.17 12.59
CA PHE B 795 21.85 65.20 11.62
C PHE B 795 20.62 65.70 10.85
N THR B 796 19.48 65.73 11.53
CA THR B 796 18.24 66.16 10.89
C THR B 796 18.19 67.68 10.72
N GLY B 797 19.02 68.38 11.47
CA GLY B 797 19.05 69.83 11.42
C GLY B 797 20.44 70.40 11.63
N VAL B 798 20.50 71.70 11.93
CA VAL B 798 21.76 72.38 12.15
C VAL B 798 22.40 71.95 13.47
N VAL B 799 23.63 71.44 13.39
CA VAL B 799 24.35 70.98 14.57
C VAL B 799 25.66 71.74 14.74
N PRO B 800 25.87 72.33 15.93
CA PRO B 800 27.10 73.07 16.25
C PRO B 800 28.35 72.21 16.16
N ILE B 801 29.43 72.77 15.63
CA ILE B 801 30.67 72.01 15.45
C ILE B 801 31.85 72.70 16.14
N LEU B 802 32.64 71.91 16.86
CA LEU B 802 33.84 72.40 17.53
C LEU B 802 35.07 71.62 17.09
N VAL B 803 35.88 72.22 16.24
CA VAL B 803 37.09 71.57 15.74
C VAL B 803 38.33 72.10 16.45
N GLU B 804 39.11 71.18 17.02
CA GLU B 804 40.34 71.56 17.72
C GLU B 804 41.53 70.79 17.16
N LEU B 805 42.59 71.52 16.82
CA LEU B 805 43.77 70.91 16.20
C LEU B 805 45.06 71.24 16.94
N ASP B 806 45.83 70.21 17.24
CA ASP B 806 47.17 70.37 17.79
C ASP B 806 48.20 69.85 16.80
N GLY B 807 48.73 70.75 15.97
CA GLY B 807 49.59 70.36 14.87
C GLY B 807 51.08 70.46 15.15
N ASP B 808 51.87 69.89 14.22
CA ASP B 808 53.31 69.91 14.32
C ASP B 808 53.90 69.64 12.94
N VAL B 809 54.87 70.45 12.52
CA VAL B 809 55.48 70.29 11.21
C VAL B 809 56.88 70.89 11.16
N ASN B 810 57.85 70.06 10.81
CA ASN B 810 59.25 70.47 10.69
C ASN B 810 59.76 71.12 11.98
N GLY B 811 59.26 70.65 13.12
CA GLY B 811 59.67 71.18 14.40
C GLY B 811 58.76 72.27 14.93
N HIS B 812 58.03 72.92 14.03
CA HIS B 812 57.13 74.01 14.42
C HIS B 812 55.97 73.50 15.25
N LYS B 813 55.71 74.17 16.37
CA LYS B 813 54.59 73.82 17.23
C LYS B 813 53.47 74.85 17.12
N PHE B 814 52.23 74.38 17.04
CA PHE B 814 51.07 75.27 16.92
C PHE B 814 49.78 74.57 17.31
N SER B 815 48.75 75.36 17.60
CA SER B 815 47.45 74.84 17.98
C SER B 815 46.33 75.68 17.37
N VAL B 816 45.44 75.03 16.63
CA VAL B 816 44.36 75.72 15.95
C VAL B 816 43.01 75.43 16.60
N SER B 817 42.19 76.47 16.76
CA SER B 817 40.87 76.32 17.35
C SER B 817 39.78 76.75 16.36
N GLY B 818 38.79 75.89 16.15
CA GLY B 818 37.72 76.19 15.23
C GLY B 818 36.34 76.13 15.86
N GLU B 819 35.37 76.80 15.22
CA GLU B 819 34.01 76.86 15.73
C GLU B 819 33.02 77.13 14.61
N GLY B 820 31.75 76.75 14.83
CA GLY B 820 30.71 76.98 13.84
C GLY B 820 29.61 75.95 13.90
N GLU B 821 28.88 75.81 12.79
CA GLU B 821 27.77 74.88 12.71
C GLU B 821 27.71 74.18 11.35
N GLY B 822 26.88 73.15 11.26
CA GLY B 822 26.74 72.39 10.02
C GLY B 822 25.35 71.81 9.83
N ASP B 823 24.89 71.79 8.59
CA ASP B 823 23.58 71.24 8.26
C ASP B 823 23.69 70.17 7.20
N ALA B 824 23.40 68.93 7.57
CA ALA B 824 23.56 67.79 6.67
C ALA B 824 22.50 67.74 5.59
N THR B 825 21.31 68.26 5.89
CA THR B 825 20.20 68.25 4.95
C THR B 825 20.50 69.11 3.72
N TYR B 826 21.16 70.23 3.94
CA TYR B 826 21.55 71.13 2.85
C TYR B 826 22.99 70.89 2.42
N GLY B 827 23.75 70.23 3.28
CA GLY B 827 25.15 69.96 3.00
C GLY B 827 26.02 71.19 3.19
N LYS B 828 25.45 72.21 3.83
CA LYS B 828 26.16 73.45 4.06
C LYS B 828 27.03 73.35 5.31
N LEU B 829 28.24 73.89 5.23
CA LEU B 829 29.20 73.81 6.33
C LEU B 829 29.90 75.14 6.56
N THR B 830 29.53 75.83 7.64
CA THR B 830 30.11 77.12 7.96
C THR B 830 30.91 77.08 9.26
N LEU B 831 32.23 77.25 9.15
CA LEU B 831 33.11 77.21 10.31
C LEU B 831 34.07 78.40 10.33
N LYS B 832 34.70 78.63 11.48
CA LYS B 832 35.70 79.68 11.62
C LYS B 832 36.87 79.19 12.47
N PHE B 833 38.02 79.01 11.84
CA PHE B 833 39.21 78.50 12.52
C PHE B 833 40.14 79.65 12.93
N ILE B 834 40.62 79.59 14.17
CA ILE B 834 41.52 80.61 14.69
C ILE B 834 42.75 80.00 15.37
N CYS B 835 43.93 80.39 14.91
CA CYS B 835 45.18 79.91 15.50
C CYS B 835 45.43 80.61 16.83
N THR B 836 45.56 79.82 17.89
CA THR B 836 45.71 80.36 19.25
C THR B 836 47.18 80.53 19.63
N THR B 837 48.08 80.01 18.81
CA THR B 837 49.51 80.12 19.08
C THR B 837 50.17 81.19 18.22
N GLY B 838 49.45 82.28 17.97
CA GLY B 838 49.95 83.38 17.18
C GLY B 838 49.74 83.18 15.69
N LYS B 839 50.76 83.46 14.90
CA LYS B 839 50.69 83.30 13.46
C LYS B 839 50.88 81.84 13.05
N LEU B 840 50.08 81.38 12.09
CA LEU B 840 50.14 80.00 11.64
C LEU B 840 51.33 79.77 10.70
N PRO B 841 52.23 78.86 11.09
CA PRO B 841 53.46 78.54 10.33
C PRO B 841 53.17 77.94 8.95
N VAL B 842 52.02 77.30 8.81
CA VAL B 842 51.67 76.63 7.55
C VAL B 842 50.51 77.32 6.85
N PRO B 843 50.46 77.23 5.52
CA PRO B 843 49.34 77.79 4.75
C PRO B 843 48.02 77.11 5.08
N TRP B 844 46.95 77.90 5.12
CA TRP B 844 45.62 77.40 5.48
C TRP B 844 45.01 76.36 4.52
N PRO B 845 45.13 76.56 3.18
CA PRO B 845 44.49 75.59 2.29
C PRO B 845 45.00 74.15 2.41
N THR B 846 46.14 73.95 3.06
CA THR B 846 46.69 72.61 3.22
C THR B 846 46.11 71.90 4.45
N LEU B 847 45.38 72.64 5.27
CA LEU B 847 44.81 72.08 6.49
C LEU B 847 43.29 71.94 6.39
N VAL B 848 42.73 72.27 5.24
CA VAL B 848 41.30 72.20 5.04
C VAL B 848 40.80 70.76 5.09
N THR B 849 41.52 69.86 4.42
CA THR B 849 41.15 68.45 4.40
C THR B 849 41.23 67.83 5.78
N THR B 850 42.14 68.33 6.61
CA THR B 850 42.33 67.81 7.95
C THR B 850 41.39 68.50 8.95
N PHE B 851 40.74 69.56 8.50
CA PHE B 851 39.78 70.27 9.34
C PHE B 851 38.39 69.64 9.25
N VAL B 853 35.04 66.78 8.81
CA VAL B 853 33.68 66.51 9.25
C VAL B 853 32.78 66.14 8.06
N GLN B 854 33.04 64.96 7.49
CA GLN B 854 32.30 64.48 6.33
C GLN B 854 30.93 63.92 6.70
N CYS B 855 30.61 63.98 7.99
CA CYS B 855 29.33 63.50 8.49
C CYS B 855 28.22 64.50 8.20
N PHE B 856 28.60 65.71 7.82
CA PHE B 856 27.64 66.75 7.48
C PHE B 856 27.46 66.84 5.97
N SER B 857 27.95 65.84 5.26
CA SER B 857 27.81 65.77 3.80
C SER B 857 26.36 65.48 3.43
N ARG B 858 25.91 66.07 2.32
CA ARG B 858 24.55 65.85 1.86
C ARG B 858 24.41 64.52 1.13
N TYR B 859 23.69 63.59 1.73
CA TYR B 859 23.40 62.31 1.11
C TYR B 859 21.95 62.27 0.62
N PRO B 860 21.76 61.98 -0.68
CA PRO B 860 20.41 61.86 -1.25
C PRO B 860 19.65 60.68 -0.67
N ASP B 861 18.33 60.65 -0.86
CA ASP B 861 17.50 59.62 -0.26
C ASP B 861 17.78 58.23 -0.82
N HIS B 862 18.26 58.17 -2.07
CA HIS B 862 18.55 56.88 -2.70
C HIS B 862 19.96 56.40 -2.35
N MET B 863 20.71 57.24 -1.64
CA MET B 863 22.05 56.88 -1.18
C MET B 863 22.16 57.13 0.33
N LYS B 864 21.03 57.23 0.99
CA LYS B 864 20.99 57.55 2.41
C LYS B 864 21.48 56.38 3.26
N ARG B 865 21.47 55.18 2.68
CA ARG B 865 21.92 53.99 3.39
C ARG B 865 23.42 53.80 3.23
N HIS B 866 24.04 54.67 2.46
CA HIS B 866 25.48 54.58 2.19
C HIS B 866 26.28 55.57 3.03
N ASP B 867 25.74 55.95 4.18
CA ASP B 867 26.39 56.92 5.05
C ASP B 867 27.07 56.24 6.23
N PHE B 868 28.37 56.01 6.10
CA PHE B 868 29.15 55.39 7.16
C PHE B 868 29.39 56.34 8.33
N PHE B 869 29.55 57.62 8.01
CA PHE B 869 29.89 58.63 9.01
C PHE B 869 28.81 58.79 10.06
N LYS B 870 27.58 59.01 9.62
CA LYS B 870 26.45 59.18 10.54
C LYS B 870 26.16 57.90 11.30
N SER B 871 26.47 56.76 10.67
CA SER B 871 26.25 55.46 11.30
C SER B 871 27.21 55.23 12.45
N ALA B 872 28.35 55.91 12.43
CA ALA B 872 29.35 55.79 13.48
C ALA B 872 28.96 56.60 14.71
N MET B 873 28.20 57.67 14.48
CA MET B 873 27.74 58.53 15.56
C MET B 873 26.66 57.81 16.38
N PRO B 874 26.51 58.18 17.66
CA PRO B 874 27.22 59.21 18.42
C PRO B 874 28.62 58.77 18.87
N GLU B 875 28.92 57.48 18.73
CA GLU B 875 30.23 56.95 19.10
C GLU B 875 31.34 57.62 18.28
N GLY B 876 31.11 57.75 16.98
CA GLY B 876 32.05 58.42 16.10
C GLY B 876 33.02 57.48 15.41
N TYR B 877 33.99 58.07 14.71
CA TYR B 877 34.97 57.29 13.97
C TYR B 877 36.35 57.93 14.03
N VAL B 878 37.39 57.10 13.96
CA VAL B 878 38.76 57.58 13.97
C VAL B 878 39.28 57.76 12.55
N GLN B 879 39.48 59.00 12.15
CA GLN B 879 39.94 59.31 10.80
C GLN B 879 41.46 59.46 10.74
N GLU B 880 42.10 58.67 9.89
CA GLU B 880 43.55 58.70 9.74
C GLU B 880 43.94 59.10 8.32
N ARG B 881 44.65 60.22 8.21
CA ARG B 881 45.11 60.70 6.91
C ARG B 881 46.63 60.76 6.81
N THR B 882 47.14 60.63 5.59
CA THR B 882 48.57 60.76 5.32
C THR B 882 48.78 61.49 4.01
N ILE B 883 49.01 62.79 4.09
CA ILE B 883 49.15 63.63 2.91
C ILE B 883 50.58 63.59 2.36
N PHE B 884 50.69 63.43 1.04
CA PHE B 884 51.99 63.39 0.38
C PHE B 884 52.16 64.52 -0.62
N PHE B 885 52.95 65.53 -0.24
CA PHE B 885 53.26 66.64 -1.12
C PHE B 885 54.43 66.28 -2.03
N ASN B 886 54.20 66.33 -3.34
CA ASN B 886 55.23 66.00 -4.31
C ASN B 886 56.40 66.98 -4.23
N ASP B 887 57.62 66.45 -4.26
CA ASP B 887 58.84 67.23 -4.15
C ASP B 887 58.87 68.06 -2.86
N ASP B 888 58.29 67.51 -1.79
CA ASP B 888 58.26 68.19 -0.50
C ASP B 888 58.04 67.21 0.63
N GLY B 889 57.49 67.69 1.75
CA GLY B 889 57.30 66.87 2.92
C GLY B 889 55.96 66.13 2.94
N ASN B 890 55.52 65.75 4.13
CA ASN B 890 54.28 65.00 4.29
C ASN B 890 53.54 65.35 5.57
N TYR B 891 52.26 64.99 5.63
CA TYR B 891 51.44 65.24 6.81
C TYR B 891 50.93 63.94 7.43
N LYS B 892 51.00 63.85 8.75
CA LYS B 892 50.46 62.71 9.48
C LYS B 892 49.25 63.15 10.30
N THR B 893 48.11 62.47 10.09
CA THR B 893 46.86 62.90 10.69
C THR B 893 46.08 61.75 11.33
N ARG B 894 45.66 61.95 12.57
CA ARG B 894 44.78 61.02 13.26
C ARG B 894 43.71 61.77 14.05
N ALA B 895 42.49 61.81 13.52
CA ALA B 895 41.42 62.58 14.15
C ALA B 895 40.31 61.68 14.70
N GLU B 896 39.74 62.09 15.82
CA GLU B 896 38.63 61.37 16.42
C GLU B 896 37.36 62.22 16.40
N VAL B 897 36.57 62.06 15.33
CA VAL B 897 35.32 62.78 15.19
C VAL B 897 34.20 62.10 15.97
N LYS B 898 33.76 62.72 17.06
CA LYS B 898 32.76 62.12 17.92
C LYS B 898 31.83 63.17 18.54
N PHE B 899 30.71 62.70 19.07
CA PHE B 899 29.74 63.58 19.71
C PHE B 899 30.06 63.80 21.19
N GLU B 900 30.56 64.98 21.52
CA GLU B 900 30.83 65.33 22.91
C GLU B 900 29.75 66.27 23.43
N GLY B 901 28.61 65.69 23.81
CA GLY B 901 27.48 66.47 24.27
C GLY B 901 26.45 66.67 23.17
N ASP B 902 26.11 67.92 22.89
CA ASP B 902 25.14 68.23 21.85
C ASP B 902 25.86 68.70 20.59
N THR B 903 27.10 69.15 20.74
CA THR B 903 27.89 69.64 19.61
C THR B 903 28.81 68.55 19.09
N LEU B 904 29.09 68.58 17.79
CA LEU B 904 29.98 67.60 17.18
C LEU B 904 31.43 68.09 17.23
N VAL B 905 32.32 67.24 17.71
CA VAL B 905 33.70 67.63 17.94
C VAL B 905 34.69 66.87 17.06
N ASN B 906 35.63 67.59 16.46
CA ASN B 906 36.67 66.99 15.63
C ASN B 906 38.05 67.25 16.20
N ARG B 907 38.46 66.41 17.15
CA ARG B 907 39.79 66.51 17.75
C ARG B 907 40.83 65.82 16.87
N ILE B 908 41.89 66.55 16.53
CA ILE B 908 42.89 66.04 15.59
C ILE B 908 44.32 66.39 16.00
N GLU B 909 45.20 65.37 15.95
CA GLU B 909 46.63 65.59 16.15
C GLU B 909 47.37 65.48 14.82
N LEU B 910 48.28 66.42 14.57
CA LEU B 910 49.02 66.44 13.31
C LEU B 910 50.53 66.45 13.56
N LYS B 911 51.25 65.73 12.71
CA LYS B 911 52.71 65.65 12.83
C LYS B 911 53.38 65.62 11.45
N GLY B 912 53.73 66.80 10.94
CA GLY B 912 54.37 66.90 9.64
C GLY B 912 55.87 66.74 9.70
N ILE B 913 56.43 66.08 8.70
CA ILE B 913 57.86 65.80 8.66
C ILE B 913 58.50 66.42 7.42
N ASP B 914 59.82 66.56 7.44
CA ASP B 914 60.60 67.09 6.32
C ASP B 914 60.25 68.53 5.97
N PHE B 915 59.78 68.74 4.74
CA PHE B 915 59.50 70.07 4.20
C PHE B 915 60.74 70.98 4.17
N LYS B 916 60.53 72.23 3.75
CA LYS B 916 61.61 73.21 3.68
C LYS B 916 61.13 74.57 4.16
N GLU B 917 62.06 75.38 4.67
CA GLU B 917 61.74 76.72 5.13
C GLU B 917 61.59 77.69 3.97
N ASP B 918 62.15 77.33 2.82
CA ASP B 918 62.07 78.17 1.64
C ASP B 918 61.19 77.55 0.56
N GLY B 919 60.56 76.43 0.89
CA GLY B 919 59.68 75.75 -0.04
C GLY B 919 58.29 76.36 -0.07
N ASN B 920 57.36 75.66 -0.72
CA ASN B 920 55.98 76.12 -0.80
C ASN B 920 55.31 76.14 0.57
N ILE B 921 55.55 75.08 1.34
CA ILE B 921 55.05 74.99 2.71
C ILE B 921 56.04 75.70 3.64
N LEU B 922 55.52 76.37 4.66
CA LEU B 922 56.30 77.16 5.62
C LEU B 922 56.93 78.39 4.96
N GLY B 923 56.54 78.65 3.72
CA GLY B 923 57.02 79.82 3.00
C GLY B 923 55.84 80.67 2.54
N HIS B 924 54.65 80.11 2.69
CA HIS B 924 53.39 80.79 2.35
C HIS B 924 53.38 81.26 0.89
N LYS B 925 53.84 80.40 -0.01
CA LYS B 925 53.85 80.70 -1.42
C LYS B 925 52.50 80.37 -2.07
N LEU B 926 51.70 79.60 -1.35
CA LEU B 926 50.40 79.17 -1.86
C LEU B 926 49.35 80.26 -1.73
N GLU B 927 48.39 80.26 -2.63
CA GLU B 927 47.31 81.25 -2.62
C GLU B 927 46.29 80.94 -1.53
N TYR B 928 45.37 81.88 -1.30
CA TYR B 928 44.33 81.69 -0.30
C TYR B 928 43.03 81.26 -0.94
N ASN B 929 42.98 80.01 -1.38
CA ASN B 929 41.80 79.45 -2.03
C ASN B 929 41.82 77.93 -2.04
N TYR B 930 40.80 77.32 -2.63
CA TYR B 930 40.73 75.87 -2.74
C TYR B 930 39.89 75.44 -3.94
N ASN B 931 40.35 74.41 -4.64
CA ASN B 931 39.65 73.90 -5.80
C ASN B 931 38.63 72.81 -5.45
N SER B 932 37.97 72.27 -6.46
CA SER B 932 36.97 71.24 -6.26
C SER B 932 37.44 69.91 -6.84
N HIS B 933 37.18 68.83 -6.11
CA HIS B 933 37.57 67.49 -6.56
C HIS B 933 36.71 66.42 -5.88
N ASN B 934 36.33 65.41 -6.66
CA ASN B 934 35.52 64.32 -6.15
C ASN B 934 36.36 63.31 -5.37
N VAL B 935 36.01 63.10 -4.11
CA VAL B 935 36.74 62.15 -3.27
C VAL B 935 36.08 60.77 -3.28
N TYR B 936 36.70 59.83 -3.98
CA TYR B 936 36.15 58.49 -4.11
C TYR B 936 36.30 57.67 -2.83
N ILE B 937 35.18 57.19 -2.31
CA ILE B 937 35.18 56.40 -1.08
C ILE B 937 34.97 54.92 -1.36
N MET B 938 35.88 54.10 -0.86
CA MET B 938 35.80 52.64 -1.03
C MET B 938 35.96 51.92 0.30
N ALA B 939 34.84 51.48 0.88
CA ALA B 939 34.86 50.80 2.16
C ALA B 939 35.30 49.34 2.02
N ASP B 940 36.11 48.87 2.96
CA ASP B 940 36.60 47.49 2.93
C ASP B 940 37.15 47.04 4.28
N LYS B 941 37.14 45.72 4.50
CA LYS B 941 37.68 45.10 5.69
C LYS B 941 39.21 45.25 5.75
N GLN B 942 39.81 45.20 6.94
CA GLN B 942 39.11 44.96 8.20
C GLN B 942 38.87 46.22 9.01
N LYS B 943 38.53 46.03 10.29
CA LYS B 943 38.19 47.11 11.20
C LYS B 943 37.06 47.99 10.66
N ASN B 944 36.22 47.40 9.81
CA ASN B 944 35.13 48.11 9.15
C ASN B 944 35.62 49.38 8.48
N GLY B 945 34.83 50.44 8.60
CA GLY B 945 35.23 51.75 8.13
C GLY B 945 35.45 51.86 6.62
N ILE B 946 35.94 53.01 6.20
CA ILE B 946 36.17 53.28 4.78
C ILE B 946 37.62 53.67 4.54
N LYS B 947 38.00 53.79 3.27
CA LYS B 947 39.31 54.30 2.90
C LYS B 947 39.23 55.02 1.56
N ALA B 948 40.04 56.06 1.40
CA ALA B 948 39.99 56.88 0.20
C ALA B 948 41.36 57.42 -0.19
N ASN B 949 41.55 57.64 -1.49
CA ASN B 949 42.78 58.21 -2.01
C ASN B 949 42.49 59.24 -3.09
N PHE B 950 42.69 60.52 -2.77
CA PHE B 950 42.40 61.59 -3.71
C PHE B 950 43.57 62.54 -3.86
N LYS B 951 43.60 63.27 -4.98
CA LYS B 951 44.69 64.18 -5.28
C LYS B 951 44.27 65.64 -5.14
N THR B 952 45.10 66.42 -4.45
CA THR B 952 44.81 67.83 -4.22
C THR B 952 45.81 68.72 -4.98
N ARG B 953 45.27 69.70 -5.71
CA ARG B 953 46.11 70.61 -6.49
C ARG B 953 46.02 72.05 -5.98
N HIS B 954 47.09 72.51 -5.35
CA HIS B 954 47.14 73.88 -4.83
C HIS B 954 47.69 74.86 -5.87
N ASN B 955 47.52 76.15 -5.60
CA ASN B 955 48.01 77.20 -6.48
C ASN B 955 49.09 78.05 -5.83
N ILE B 956 50.23 78.17 -6.48
CA ILE B 956 51.33 79.00 -5.99
C ILE B 956 51.15 80.42 -6.53
N GLU B 957 52.05 81.33 -6.16
CA GLU B 957 51.96 82.73 -6.57
C GLU B 957 52.09 82.87 -8.10
N ASP B 958 53.18 82.33 -8.64
CA ASP B 958 53.40 82.38 -10.09
C ASP B 958 52.78 81.19 -10.79
N GLY B 959 53.28 79.99 -10.48
CA GLY B 959 52.73 78.77 -11.04
C GLY B 959 51.44 78.39 -10.35
N GLY B 960 50.81 77.31 -10.82
CA GLY B 960 49.56 76.85 -10.24
C GLY B 960 49.48 75.34 -10.13
N VAL B 961 50.62 74.70 -9.94
CA VAL B 961 50.67 73.24 -9.84
C VAL B 961 51.36 72.79 -8.55
N GLN B 962 50.58 72.21 -7.64
CA GLN B 962 51.10 71.64 -6.41
C GLN B 962 50.29 70.41 -6.02
N LEU B 963 50.83 69.24 -6.27
CA LEU B 963 50.11 67.99 -6.03
C LEU B 963 50.22 67.54 -4.57
N ALA B 964 49.08 67.23 -3.97
CA ALA B 964 49.03 66.71 -2.62
C ALA B 964 48.17 65.45 -2.57
N ASP B 965 48.82 64.30 -2.46
CA ASP B 965 48.12 63.02 -2.45
C ASP B 965 47.73 62.61 -1.04
N HIS B 966 46.43 62.39 -0.84
CA HIS B 966 45.91 62.03 0.47
C HIS B 966 45.58 60.55 0.57
N TYR B 967 45.86 59.95 1.73
CA TYR B 967 45.48 58.57 2.00
C TYR B 967 44.64 58.52 3.28
N GLN B 968 43.34 58.36 3.12
CA GLN B 968 42.41 58.44 4.25
C GLN B 968 42.01 57.06 4.78
N GLN B 969 41.99 56.94 6.11
CA GLN B 969 41.57 55.70 6.77
C GLN B 969 40.60 56.01 7.90
N ASN B 970 39.44 55.34 7.88
CA ASN B 970 38.42 55.57 8.89
C ASN B 970 38.07 54.31 9.69
N THR B 971 37.89 54.48 10.98
CA THR B 971 37.55 53.37 11.87
C THR B 971 36.63 53.83 13.00
N PRO B 972 35.44 53.22 13.11
CA PRO B 972 34.45 53.57 14.13
C PRO B 972 34.95 53.27 15.54
N ILE B 973 34.42 53.99 16.53
CA ILE B 973 34.84 53.83 17.92
C ILE B 973 33.76 53.14 18.74
N GLY B 974 34.17 52.40 19.77
CA GLY B 974 33.24 51.76 20.68
C GLY B 974 32.49 50.61 20.06
N ASN B 975 33.02 50.07 18.96
CA ASN B 975 32.41 48.95 18.24
C ASN B 975 30.97 49.26 17.85
N GLY B 976 30.07 48.34 18.19
CA GLY B 976 28.65 48.52 17.90
C GLY B 976 28.30 48.33 16.44
N PRO B 977 27.00 48.41 16.12
CA PRO B 977 26.50 48.26 14.75
C PRO B 977 26.76 49.49 13.88
N VAL B 978 27.50 49.30 12.79
CA VAL B 978 27.87 50.39 11.89
C VAL B 978 27.65 49.99 10.43
N LEU B 979 27.07 50.90 9.65
CA LEU B 979 26.83 50.66 8.23
C LEU B 979 28.13 50.54 7.42
N LEU B 980 28.00 50.23 6.14
CA LEU B 980 29.15 50.12 5.25
C LEU B 980 28.70 50.23 3.79
N PRO B 981 29.04 51.35 3.13
CA PRO B 981 28.61 51.64 1.76
C PRO B 981 29.43 50.89 0.70
N ASP B 982 29.11 51.14 -0.57
CA ASP B 982 29.85 50.55 -1.68
C ASP B 982 30.80 51.57 -2.29
N ASN B 983 30.95 51.53 -3.61
CA ASN B 983 31.83 52.46 -4.30
C ASN B 983 31.12 53.74 -4.74
N HIS B 984 31.42 54.83 -4.06
CA HIS B 984 30.83 56.12 -4.39
C HIS B 984 31.81 57.25 -4.07
N TYR B 985 31.46 58.47 -4.46
CA TYR B 985 32.33 59.63 -4.24
C TYR B 985 31.55 60.82 -3.69
N LEU B 986 32.26 61.69 -2.97
CA LEU B 986 31.65 62.90 -2.43
C LEU B 986 32.11 64.12 -3.23
N SER B 987 31.15 64.86 -3.79
CA SER B 987 31.45 66.07 -4.53
C SER B 987 31.71 67.23 -3.56
N THR B 988 32.97 67.61 -3.42
CA THR B 988 33.36 68.63 -2.46
C THR B 988 33.84 69.92 -3.14
N GLN B 989 33.49 71.05 -2.55
CA GLN B 989 33.94 72.35 -3.02
C GLN B 989 33.98 73.34 -1.85
N SER B 990 35.13 73.98 -1.67
CA SER B 990 35.33 74.87 -0.53
C SER B 990 35.59 76.31 -0.94
N ALA B 991 35.18 77.25 -0.08
CA ALA B 991 35.41 78.68 -0.32
C ALA B 991 36.02 79.32 0.92
N LEU B 992 37.23 79.86 0.76
CA LEU B 992 37.95 80.46 1.88
C LEU B 992 37.76 81.98 1.91
N SER B 993 37.67 82.53 3.12
CA SER B 993 37.47 83.97 3.30
C SER B 993 38.28 84.50 4.49
N LYS B 994 38.21 85.81 4.68
CA LYS B 994 38.90 86.46 5.79
C LYS B 994 38.02 87.48 6.49
N ASP B 995 37.98 87.41 7.82
CA ASP B 995 37.23 88.37 8.63
C ASP B 995 38.13 89.55 9.00
N PRO B 996 37.82 90.74 8.46
CA PRO B 996 38.63 91.94 8.69
C PRO B 996 38.60 92.44 10.13
N ASN B 997 37.58 92.04 10.88
CA ASN B 997 37.44 92.48 12.27
C ASN B 997 38.14 91.56 13.26
N GLU B 998 38.95 90.64 12.73
CA GLU B 998 39.73 89.73 13.57
C GLU B 998 41.22 90.05 13.46
N LYS B 999 41.83 90.39 14.60
CA LYS B 999 43.23 90.79 14.62
C LYS B 999 44.16 89.58 14.49
N ARG B 1000 43.76 88.47 15.11
CA ARG B 1000 44.56 87.25 15.09
C ARG B 1000 44.46 86.53 13.75
N ASP B 1001 45.43 85.67 13.47
CA ASP B 1001 45.43 84.87 12.25
C ASP B 1001 44.28 83.87 12.30
N HIS B 1002 43.55 83.74 11.19
CA HIS B 1002 42.35 82.92 11.17
C HIS B 1002 41.96 82.47 9.77
N MET B 1003 40.81 81.82 9.67
CA MET B 1003 40.24 81.41 8.39
C MET B 1003 38.75 81.12 8.52
N VAL B 1004 37.95 81.71 7.64
CA VAL B 1004 36.52 81.44 7.60
C VAL B 1004 36.20 80.49 6.45
N LEU B 1005 35.97 79.22 6.78
CA LEU B 1005 35.73 78.20 5.76
C LEU B 1005 34.24 77.92 5.57
N LEU B 1006 33.82 77.88 4.32
CA LEU B 1006 32.44 77.55 3.97
C LEU B 1006 32.42 76.66 2.74
N GLU B 1007 32.02 75.40 2.93
CA GLU B 1007 32.07 74.43 1.84
C GLU B 1007 30.75 73.68 1.66
N PHE B 1008 30.57 73.10 0.47
CA PHE B 1008 29.37 72.34 0.14
C PHE B 1008 29.75 70.94 -0.33
N VAL B 1009 29.21 69.92 0.35
CA VAL B 1009 29.49 68.53 -0.01
C VAL B 1009 28.20 67.77 -0.30
N THR B 1010 28.16 67.10 -1.45
CA THR B 1010 27.00 66.32 -1.85
C THR B 1010 27.41 65.00 -2.50
N ALA B 1011 26.89 63.90 -1.97
CA ALA B 1011 27.20 62.57 -2.48
C ALA B 1011 26.52 62.30 -3.81
N ALA B 1012 27.20 61.54 -4.68
CA ALA B 1012 26.65 61.20 -5.98
C ALA B 1012 27.23 59.88 -6.49
#